data_1BLE
# 
_entry.id   1BLE 
# 
_audit_conform.dict_name       mmcif_pdbx.dic 
_audit_conform.dict_version    5.385 
_audit_conform.dict_location   http://mmcif.pdb.org/dictionaries/ascii/mmcif_pdbx.dic 
# 
loop_
_database_2.database_id 
_database_2.database_code 
_database_2.pdbx_database_accession 
_database_2.pdbx_DOI 
PDB   1BLE         pdb_00001ble 10.2210/pdb1ble/pdb 
WWPDB D_1000171886 ?            ?                   
# 
loop_
_pdbx_audit_revision_history.ordinal 
_pdbx_audit_revision_history.data_content_type 
_pdbx_audit_revision_history.major_revision 
_pdbx_audit_revision_history.minor_revision 
_pdbx_audit_revision_history.revision_date 
1 'Structure model' 1 0 1997-09-17 
2 'Structure model' 1 1 2008-03-24 
3 'Structure model' 1 2 2011-07-13 
4 'Structure model' 1 3 2024-02-07 
# 
_pdbx_audit_revision_details.ordinal             1 
_pdbx_audit_revision_details.revision_ordinal    1 
_pdbx_audit_revision_details.data_content_type   'Structure model' 
_pdbx_audit_revision_details.provider            repository 
_pdbx_audit_revision_details.type                'Initial release' 
_pdbx_audit_revision_details.description         ? 
_pdbx_audit_revision_details.details             ? 
# 
loop_
_pdbx_audit_revision_group.ordinal 
_pdbx_audit_revision_group.revision_ordinal 
_pdbx_audit_revision_group.data_content_type 
_pdbx_audit_revision_group.group 
1 2 'Structure model' 'Version format compliance' 
2 3 'Structure model' 'Version format compliance' 
3 4 'Structure model' 'Data collection'           
4 4 'Structure model' 'Database references'       
5 4 'Structure model' Other                       
# 
loop_
_pdbx_audit_revision_category.ordinal 
_pdbx_audit_revision_category.revision_ordinal 
_pdbx_audit_revision_category.data_content_type 
_pdbx_audit_revision_category.category 
1 4 'Structure model' chem_comp_atom       
2 4 'Structure model' chem_comp_bond       
3 4 'Structure model' database_2           
4 4 'Structure model' pdbx_database_status 
# 
loop_
_pdbx_audit_revision_item.ordinal 
_pdbx_audit_revision_item.revision_ordinal 
_pdbx_audit_revision_item.data_content_type 
_pdbx_audit_revision_item.item 
1 4 'Structure model' '_database_2.pdbx_DOI'                
2 4 'Structure model' '_database_2.pdbx_database_accession' 
3 4 'Structure model' '_pdbx_database_status.process_site'  
# 
_pdbx_database_status.status_code                     REL 
_pdbx_database_status.entry_id                        1BLE 
_pdbx_database_status.recvd_initial_deposition_date   1997-05-15 
_pdbx_database_status.deposit_site                    ? 
_pdbx_database_status.process_site                    BNL 
_pdbx_database_status.status_code_sf                  REL 
_pdbx_database_status.status_code_mr                  ? 
_pdbx_database_status.SG_entry                        ? 
_pdbx_database_status.pdb_format_compatible           Y 
_pdbx_database_status.status_code_cs                  ? 
_pdbx_database_status.status_code_nmr_data            ? 
_pdbx_database_status.methods_development_category    ? 
# 
loop_
_audit_author.name 
_audit_author.pdbx_ordinal 
'Schauder, S.' 1 
'Schirmer, T.' 2 
# 
loop_
_citation.id 
_citation.title 
_citation.journal_abbrev 
_citation.journal_volume 
_citation.page_first 
_citation.page_last 
_citation.year 
_citation.journal_id_ASTM 
_citation.country 
_citation.journal_id_ISSN 
_citation.journal_id_CSD 
_citation.book_publisher 
_citation.pdbx_database_id_PubMed 
_citation.pdbx_database_id_DOI 
primary 'Crystal structure of the IIB subunit of a fructose permease (IIBLev) from Bacillus subtilis.' J.Mol.Biol. 276 591 602 
1998 JMOBAK UK 0022-2836 0070 ? 9551099 10.1006/jmbi.1997.1544 
1       
'Levanase Operon of Bacillus Subtilis Includes a Fructose-Specific Phosphotransferase System Regulating the Expression of the Operon' 
J.Mol.Biol. 214 657 ?   1990 JMOBAK UK 0022-2836 0070 ? ?       ?                      
# 
loop_
_citation_author.citation_id 
_citation_author.name 
_citation_author.ordinal 
_citation_author.identifier_ORCID 
primary 'Schauder, S.'          1 ? 
primary 'Nunn, R.S.'            2 ? 
primary 'Lanz, R.'              3 ? 
primary 'Erni, B.'              4 ? 
primary 'Schirmer, T.'          5 ? 
1       'Martin-Verstraete, I.' 6 ? 
1       'Debarbouille, M.'      7 ? 
1       'Klier, A.'             8 ? 
1       'Rapoport, G.'          9 ? 
# 
loop_
_entity.id 
_entity.type 
_entity.src_method 
_entity.pdbx_description 
_entity.formula_weight 
_entity.pdbx_number_of_molecules 
_entity.pdbx_ec 
_entity.pdbx_mutation 
_entity.pdbx_fragment 
_entity.details 
1 polymer man 'FRUCTOSE PERMEASE' 18241.139 1 2.7.1.69 ? ? ? 
2 water   nat water               18.015    7 ?        ? ? ? 
# 
_entity_name_com.entity_id   1 
_entity_name_com.name        'FRUCTOSE TRANSPORTER, IIB SUBUNIT' 
# 
_entity_poly.entity_id                      1 
_entity_poly.type                           'polypeptide(L)' 
_entity_poly.nstd_linkage                   no 
_entity_poly.nstd_monomer                   no 
_entity_poly.pdbx_seq_one_letter_code       
;MMNIVLARIDDRFIHGQILTRWIKVHAADRIIVVSDDIAQDEMRKTLILSVAPSNVKASAVSVSKMAKAFHSPRYEGVTA
MLLFENPSDIVSLIEAGVPIKTVNVGGMRFENHRRQITKSVSVTEQDIKAFETLSDKGVKLELRQLPSDASEDFVQILRN
VTK
;
_entity_poly.pdbx_seq_one_letter_code_can   
;MMNIVLARIDDRFIHGQILTRWIKVHAADRIIVVSDDIAQDEMRKTLILSVAPSNVKASAVSVSKMAKAFHSPRYEGVTA
MLLFENPSDIVSLIEAGVPIKTVNVGGMRFENHRRQITKSVSVTEQDIKAFETLSDKGVKLELRQLPSDASEDFVQILRN
VTK
;
_entity_poly.pdbx_strand_id                 A 
_entity_poly.pdbx_target_identifier         ? 
# 
_pdbx_entity_nonpoly.entity_id   2 
_pdbx_entity_nonpoly.name        water 
_pdbx_entity_nonpoly.comp_id     HOH 
# 
loop_
_entity_poly_seq.entity_id 
_entity_poly_seq.num 
_entity_poly_seq.mon_id 
_entity_poly_seq.hetero 
1 1   MET n 
1 2   MET n 
1 3   ASN n 
1 4   ILE n 
1 5   VAL n 
1 6   LEU n 
1 7   ALA n 
1 8   ARG n 
1 9   ILE n 
1 10  ASP n 
1 11  ASP n 
1 12  ARG n 
1 13  PHE n 
1 14  ILE n 
1 15  HIS n 
1 16  GLY n 
1 17  GLN n 
1 18  ILE n 
1 19  LEU n 
1 20  THR n 
1 21  ARG n 
1 22  TRP n 
1 23  ILE n 
1 24  LYS n 
1 25  VAL n 
1 26  HIS n 
1 27  ALA n 
1 28  ALA n 
1 29  ASP n 
1 30  ARG n 
1 31  ILE n 
1 32  ILE n 
1 33  VAL n 
1 34  VAL n 
1 35  SER n 
1 36  ASP n 
1 37  ASP n 
1 38  ILE n 
1 39  ALA n 
1 40  GLN n 
1 41  ASP n 
1 42  GLU n 
1 43  MET n 
1 44  ARG n 
1 45  LYS n 
1 46  THR n 
1 47  LEU n 
1 48  ILE n 
1 49  LEU n 
1 50  SER n 
1 51  VAL n 
1 52  ALA n 
1 53  PRO n 
1 54  SER n 
1 55  ASN n 
1 56  VAL n 
1 57  LYS n 
1 58  ALA n 
1 59  SER n 
1 60  ALA n 
1 61  VAL n 
1 62  SER n 
1 63  VAL n 
1 64  SER n 
1 65  LYS n 
1 66  MET n 
1 67  ALA n 
1 68  LYS n 
1 69  ALA n 
1 70  PHE n 
1 71  HIS n 
1 72  SER n 
1 73  PRO n 
1 74  ARG n 
1 75  TYR n 
1 76  GLU n 
1 77  GLY n 
1 78  VAL n 
1 79  THR n 
1 80  ALA n 
1 81  MET n 
1 82  LEU n 
1 83  LEU n 
1 84  PHE n 
1 85  GLU n 
1 86  ASN n 
1 87  PRO n 
1 88  SER n 
1 89  ASP n 
1 90  ILE n 
1 91  VAL n 
1 92  SER n 
1 93  LEU n 
1 94  ILE n 
1 95  GLU n 
1 96  ALA n 
1 97  GLY n 
1 98  VAL n 
1 99  PRO n 
1 100 ILE n 
1 101 LYS n 
1 102 THR n 
1 103 VAL n 
1 104 ASN n 
1 105 VAL n 
1 106 GLY n 
1 107 GLY n 
1 108 MET n 
1 109 ARG n 
1 110 PHE n 
1 111 GLU n 
1 112 ASN n 
1 113 HIS n 
1 114 ARG n 
1 115 ARG n 
1 116 GLN n 
1 117 ILE n 
1 118 THR n 
1 119 LYS n 
1 120 SER n 
1 121 VAL n 
1 122 SER n 
1 123 VAL n 
1 124 THR n 
1 125 GLU n 
1 126 GLN n 
1 127 ASP n 
1 128 ILE n 
1 129 LYS n 
1 130 ALA n 
1 131 PHE n 
1 132 GLU n 
1 133 THR n 
1 134 LEU n 
1 135 SER n 
1 136 ASP n 
1 137 LYS n 
1 138 GLY n 
1 139 VAL n 
1 140 LYS n 
1 141 LEU n 
1 142 GLU n 
1 143 LEU n 
1 144 ARG n 
1 145 GLN n 
1 146 LEU n 
1 147 PRO n 
1 148 SER n 
1 149 ASP n 
1 150 ALA n 
1 151 SER n 
1 152 GLU n 
1 153 ASP n 
1 154 PHE n 
1 155 VAL n 
1 156 GLN n 
1 157 ILE n 
1 158 LEU n 
1 159 ARG n 
1 160 ASN n 
1 161 VAL n 
1 162 THR n 
1 163 LYS n 
# 
_entity_src_gen.entity_id                          1 
_entity_src_gen.pdbx_src_id                        1 
_entity_src_gen.pdbx_alt_source_flag               sample 
_entity_src_gen.pdbx_seq_type                      ? 
_entity_src_gen.pdbx_beg_seq_num                   ? 
_entity_src_gen.pdbx_end_seq_num                   ? 
_entity_src_gen.gene_src_common_name               ? 
_entity_src_gen.gene_src_genus                     Bacillus 
_entity_src_gen.pdbx_gene_src_gene                 LEVE 
_entity_src_gen.gene_src_species                   ? 
_entity_src_gen.gene_src_strain                    'WA2127 AND D41' 
_entity_src_gen.gene_src_tissue                    ? 
_entity_src_gen.gene_src_tissue_fraction           ? 
_entity_src_gen.gene_src_details                   ? 
_entity_src_gen.pdbx_gene_src_fragment             ? 
_entity_src_gen.pdbx_gene_src_scientific_name      'Bacillus subtilis' 
_entity_src_gen.pdbx_gene_src_ncbi_taxonomy_id     1423 
_entity_src_gen.pdbx_gene_src_variant              ? 
_entity_src_gen.pdbx_gene_src_cell_line            ? 
_entity_src_gen.pdbx_gene_src_atcc                 ? 
_entity_src_gen.pdbx_gene_src_organ                ? 
_entity_src_gen.pdbx_gene_src_organelle            ? 
_entity_src_gen.pdbx_gene_src_cell                 ? 
_entity_src_gen.pdbx_gene_src_cellular_location    ? 
_entity_src_gen.host_org_common_name               ? 
_entity_src_gen.pdbx_host_org_scientific_name      'Bacillus subtilis' 
_entity_src_gen.pdbx_host_org_ncbi_taxonomy_id     1423 
_entity_src_gen.host_org_genus                     Bacillus 
_entity_src_gen.pdbx_host_org_gene                 ? 
_entity_src_gen.pdbx_host_org_organ                ? 
_entity_src_gen.host_org_species                   ? 
_entity_src_gen.pdbx_host_org_tissue               ? 
_entity_src_gen.pdbx_host_org_tissue_fraction      ? 
_entity_src_gen.pdbx_host_org_strain               ? 
_entity_src_gen.pdbx_host_org_variant              ? 
_entity_src_gen.pdbx_host_org_cell_line            ? 
_entity_src_gen.pdbx_host_org_atcc                 ? 
_entity_src_gen.pdbx_host_org_culture_collection   ? 
_entity_src_gen.pdbx_host_org_cell                 ? 
_entity_src_gen.pdbx_host_org_organelle            ? 
_entity_src_gen.pdbx_host_org_cellular_location    ? 
_entity_src_gen.pdbx_host_org_vector_type          ? 
_entity_src_gen.pdbx_host_org_vector               ? 
_entity_src_gen.host_org_details                   ? 
_entity_src_gen.expression_system_id               ? 
_entity_src_gen.plasmid_name                       PRL1 
_entity_src_gen.plasmid_details                    ? 
_entity_src_gen.pdbx_description                   ? 
# 
loop_
_chem_comp.id 
_chem_comp.type 
_chem_comp.mon_nstd_flag 
_chem_comp.name 
_chem_comp.pdbx_synonyms 
_chem_comp.formula 
_chem_comp.formula_weight 
ALA 'L-peptide linking' y ALANINE         ? 'C3 H7 N O2'     89.093  
ARG 'L-peptide linking' y ARGININE        ? 'C6 H15 N4 O2 1' 175.209 
ASN 'L-peptide linking' y ASPARAGINE      ? 'C4 H8 N2 O3'    132.118 
ASP 'L-peptide linking' y 'ASPARTIC ACID' ? 'C4 H7 N O4'     133.103 
GLN 'L-peptide linking' y GLUTAMINE       ? 'C5 H10 N2 O3'   146.144 
GLU 'L-peptide linking' y 'GLUTAMIC ACID' ? 'C5 H9 N O4'     147.129 
GLY 'peptide linking'   y GLYCINE         ? 'C2 H5 N O2'     75.067  
HIS 'L-peptide linking' y HISTIDINE       ? 'C6 H10 N3 O2 1' 156.162 
HOH non-polymer         . WATER           ? 'H2 O'           18.015  
ILE 'L-peptide linking' y ISOLEUCINE      ? 'C6 H13 N O2'    131.173 
LEU 'L-peptide linking' y LEUCINE         ? 'C6 H13 N O2'    131.173 
LYS 'L-peptide linking' y LYSINE          ? 'C6 H15 N2 O2 1' 147.195 
MET 'L-peptide linking' y METHIONINE      ? 'C5 H11 N O2 S'  149.211 
PHE 'L-peptide linking' y PHENYLALANINE   ? 'C9 H11 N O2'    165.189 
PRO 'L-peptide linking' y PROLINE         ? 'C5 H9 N O2'     115.130 
SER 'L-peptide linking' y SERINE          ? 'C3 H7 N O3'     105.093 
THR 'L-peptide linking' y THREONINE       ? 'C4 H9 N O3'     119.119 
TRP 'L-peptide linking' y TRYPTOPHAN      ? 'C11 H12 N2 O2'  204.225 
TYR 'L-peptide linking' y TYROSINE        ? 'C9 H11 N O3'    181.189 
VAL 'L-peptide linking' y VALINE          ? 'C5 H11 N O2'    117.146 
# 
loop_
_pdbx_poly_seq_scheme.asym_id 
_pdbx_poly_seq_scheme.entity_id 
_pdbx_poly_seq_scheme.seq_id 
_pdbx_poly_seq_scheme.mon_id 
_pdbx_poly_seq_scheme.ndb_seq_num 
_pdbx_poly_seq_scheme.pdb_seq_num 
_pdbx_poly_seq_scheme.auth_seq_num 
_pdbx_poly_seq_scheme.pdb_mon_id 
_pdbx_poly_seq_scheme.auth_mon_id 
_pdbx_poly_seq_scheme.pdb_strand_id 
_pdbx_poly_seq_scheme.pdb_ins_code 
_pdbx_poly_seq_scheme.hetero 
A 1 1   MET 1   1   ?   ?   ?   A . n 
A 1 2   MET 2   2   2   MET MET A . n 
A 1 3   ASN 3   3   3   ASN ASN A . n 
A 1 4   ILE 4   4   4   ILE ILE A . n 
A 1 5   VAL 5   5   5   VAL VAL A . n 
A 1 6   LEU 6   6   6   LEU LEU A . n 
A 1 7   ALA 7   7   7   ALA ALA A . n 
A 1 8   ARG 8   8   8   ARG ARG A . n 
A 1 9   ILE 9   9   9   ILE ILE A . n 
A 1 10  ASP 10  10  10  ASP ASP A . n 
A 1 11  ASP 11  11  11  ASP ASP A . n 
A 1 12  ARG 12  12  12  ARG ARG A . n 
A 1 13  PHE 13  13  13  PHE PHE A . n 
A 1 14  ILE 14  14  14  ILE ILE A . n 
A 1 15  HIS 15  15  15  HIS HIS A . n 
A 1 16  GLY 16  16  16  GLY GLY A . n 
A 1 17  GLN 17  17  17  GLN GLN A . n 
A 1 18  ILE 18  18  18  ILE ILE A . n 
A 1 19  LEU 19  19  19  LEU LEU A . n 
A 1 20  THR 20  20  20  THR THR A . n 
A 1 21  ARG 21  21  21  ARG ARG A . n 
A 1 22  TRP 22  22  22  TRP TRP A . n 
A 1 23  ILE 23  23  23  ILE ILE A . n 
A 1 24  LYS 24  24  24  LYS LYS A . n 
A 1 25  VAL 25  25  25  VAL VAL A . n 
A 1 26  HIS 26  26  26  HIS HIS A . n 
A 1 27  ALA 27  27  27  ALA ALA A . n 
A 1 28  ALA 28  28  28  ALA ALA A . n 
A 1 29  ASP 29  29  29  ASP ASP A . n 
A 1 30  ARG 30  30  30  ARG ARG A . n 
A 1 31  ILE 31  31  31  ILE ILE A . n 
A 1 32  ILE 32  32  32  ILE ILE A . n 
A 1 33  VAL 33  33  33  VAL VAL A . n 
A 1 34  VAL 34  34  34  VAL VAL A . n 
A 1 35  SER 35  35  35  SER SER A . n 
A 1 36  ASP 36  36  36  ASP ASP A . n 
A 1 37  ASP 37  37  37  ASP ASP A . n 
A 1 38  ILE 38  38  38  ILE ILE A . n 
A 1 39  ALA 39  39  39  ALA ALA A . n 
A 1 40  GLN 40  40  40  GLN GLN A . n 
A 1 41  ASP 41  41  41  ASP ASP A . n 
A 1 42  GLU 42  42  42  GLU GLU A . n 
A 1 43  MET 43  43  43  MET MET A . n 
A 1 44  ARG 44  44  44  ARG ARG A . n 
A 1 45  LYS 45  45  45  LYS LYS A . n 
A 1 46  THR 46  46  46  THR THR A . n 
A 1 47  LEU 47  47  47  LEU LEU A . n 
A 1 48  ILE 48  48  48  ILE ILE A . n 
A 1 49  LEU 49  49  49  LEU LEU A . n 
A 1 50  SER 50  50  50  SER SER A . n 
A 1 51  VAL 51  51  51  VAL VAL A . n 
A 1 52  ALA 52  52  52  ALA ALA A . n 
A 1 53  PRO 53  53  53  PRO PRO A . n 
A 1 54  SER 54  54  54  SER SER A . n 
A 1 55  ASN 55  55  55  ASN ASN A . n 
A 1 56  VAL 56  56  56  VAL VAL A . n 
A 1 57  LYS 57  57  57  LYS LYS A . n 
A 1 58  ALA 58  58  58  ALA ALA A . n 
A 1 59  SER 59  59  59  SER SER A . n 
A 1 60  ALA 60  60  60  ALA ALA A . n 
A 1 61  VAL 61  61  61  VAL VAL A . n 
A 1 62  SER 62  62  62  SER SER A . n 
A 1 63  VAL 63  63  63  VAL VAL A . n 
A 1 64  SER 64  64  64  SER SER A . n 
A 1 65  LYS 65  65  65  LYS LYS A . n 
A 1 66  MET 66  66  66  MET MET A . n 
A 1 67  ALA 67  67  67  ALA ALA A . n 
A 1 68  LYS 68  68  68  LYS LYS A . n 
A 1 69  ALA 69  69  69  ALA ALA A . n 
A 1 70  PHE 70  70  70  PHE PHE A . n 
A 1 71  HIS 71  71  71  HIS HIS A . n 
A 1 72  SER 72  72  72  SER SER A . n 
A 1 73  PRO 73  73  73  PRO PRO A . n 
A 1 74  ARG 74  74  74  ARG ARG A . n 
A 1 75  TYR 75  75  75  TYR TYR A . n 
A 1 76  GLU 76  76  76  GLU GLU A . n 
A 1 77  GLY 77  77  77  GLY GLY A . n 
A 1 78  VAL 78  78  78  VAL VAL A . n 
A 1 79  THR 79  79  79  THR THR A . n 
A 1 80  ALA 80  80  80  ALA ALA A . n 
A 1 81  MET 81  81  81  MET MET A . n 
A 1 82  LEU 82  82  82  LEU LEU A . n 
A 1 83  LEU 83  83  83  LEU LEU A . n 
A 1 84  PHE 84  84  84  PHE PHE A . n 
A 1 85  GLU 85  85  85  GLU GLU A . n 
A 1 86  ASN 86  86  86  ASN ASN A . n 
A 1 87  PRO 87  87  87  PRO PRO A . n 
A 1 88  SER 88  88  88  SER SER A . n 
A 1 89  ASP 89  89  89  ASP ASP A . n 
A 1 90  ILE 90  90  90  ILE ILE A . n 
A 1 91  VAL 91  91  91  VAL VAL A . n 
A 1 92  SER 92  92  92  SER SER A . n 
A 1 93  LEU 93  93  93  LEU LEU A . n 
A 1 94  ILE 94  94  94  ILE ILE A . n 
A 1 95  GLU 95  95  95  GLU GLU A . n 
A 1 96  ALA 96  96  96  ALA ALA A . n 
A 1 97  GLY 97  97  97  GLY GLY A . n 
A 1 98  VAL 98  98  98  VAL VAL A . n 
A 1 99  PRO 99  99  99  PRO PRO A . n 
A 1 100 ILE 100 100 100 ILE ILE A . n 
A 1 101 LYS 101 101 101 LYS LYS A . n 
A 1 102 THR 102 102 102 THR THR A . n 
A 1 103 VAL 103 103 103 VAL VAL A . n 
A 1 104 ASN 104 104 104 ASN ASN A . n 
A 1 105 VAL 105 105 105 VAL VAL A . n 
A 1 106 GLY 106 106 106 GLY GLY A . n 
A 1 107 GLY 107 107 107 GLY GLY A . n 
A 1 108 MET 108 108 108 MET MET A . n 
A 1 109 ARG 109 109 109 ARG ARG A . n 
A 1 110 PHE 110 110 110 PHE PHE A . n 
A 1 111 GLU 111 111 111 GLU GLU A . n 
A 1 112 ASN 112 112 112 ASN ASN A . n 
A 1 113 HIS 113 113 113 HIS HIS A . n 
A 1 114 ARG 114 114 114 ARG ARG A . n 
A 1 115 ARG 115 115 115 ARG ARG A . n 
A 1 116 GLN 116 116 116 GLN GLN A . n 
A 1 117 ILE 117 117 117 ILE ILE A . n 
A 1 118 THR 118 118 118 THR THR A . n 
A 1 119 LYS 119 119 119 LYS LYS A . n 
A 1 120 SER 120 120 120 SER SER A . n 
A 1 121 VAL 121 121 121 VAL VAL A . n 
A 1 122 SER 122 122 122 SER SER A . n 
A 1 123 VAL 123 123 123 VAL VAL A . n 
A 1 124 THR 124 124 124 THR THR A . n 
A 1 125 GLU 125 125 125 GLU GLU A . n 
A 1 126 GLN 126 126 126 GLN GLN A . n 
A 1 127 ASP 127 127 127 ASP ASP A . n 
A 1 128 ILE 128 128 128 ILE ILE A . n 
A 1 129 LYS 129 129 129 LYS LYS A . n 
A 1 130 ALA 130 130 130 ALA ALA A . n 
A 1 131 PHE 131 131 131 PHE PHE A . n 
A 1 132 GLU 132 132 132 GLU GLU A . n 
A 1 133 THR 133 133 133 THR THR A . n 
A 1 134 LEU 134 134 134 LEU LEU A . n 
A 1 135 SER 135 135 135 SER SER A . n 
A 1 136 ASP 136 136 136 ASP ASP A . n 
A 1 137 LYS 137 137 137 LYS LYS A . n 
A 1 138 GLY 138 138 138 GLY GLY A . n 
A 1 139 VAL 139 139 139 VAL VAL A . n 
A 1 140 LYS 140 140 140 LYS LYS A . n 
A 1 141 LEU 141 141 141 LEU LEU A . n 
A 1 142 GLU 142 142 142 GLU GLU A . n 
A 1 143 LEU 143 143 143 LEU LEU A . n 
A 1 144 ARG 144 144 144 ARG ARG A . n 
A 1 145 GLN 145 145 145 GLN GLN A . n 
A 1 146 LEU 146 146 146 LEU LEU A . n 
A 1 147 PRO 147 147 147 PRO PRO A . n 
A 1 148 SER 148 148 148 SER SER A . n 
A 1 149 ASP 149 149 149 ASP ASP A . n 
A 1 150 ALA 150 150 150 ALA ALA A . n 
A 1 151 SER 151 151 151 SER SER A . n 
A 1 152 GLU 152 152 152 GLU GLU A . n 
A 1 153 ASP 153 153 153 ASP ASP A . n 
A 1 154 PHE 154 154 154 PHE PHE A . n 
A 1 155 VAL 155 155 155 VAL VAL A . n 
A 1 156 GLN 156 156 156 GLN GLN A . n 
A 1 157 ILE 157 157 157 ILE ILE A . n 
A 1 158 LEU 158 158 158 LEU LEU A . n 
A 1 159 ARG 159 159 159 ARG ARG A . n 
A 1 160 ASN 160 160 160 ASN ASN A . n 
A 1 161 VAL 161 161 161 VAL VAL A . n 
A 1 162 THR 162 162 162 THR THR A . n 
A 1 163 LYS 163 163 ?   ?   ?   A . n 
# 
loop_
_pdbx_nonpoly_scheme.asym_id 
_pdbx_nonpoly_scheme.entity_id 
_pdbx_nonpoly_scheme.mon_id 
_pdbx_nonpoly_scheme.ndb_seq_num 
_pdbx_nonpoly_scheme.pdb_seq_num 
_pdbx_nonpoly_scheme.auth_seq_num 
_pdbx_nonpoly_scheme.pdb_mon_id 
_pdbx_nonpoly_scheme.auth_mon_id 
_pdbx_nonpoly_scheme.pdb_strand_id 
_pdbx_nonpoly_scheme.pdb_ins_code 
B 2 HOH 1 164 163 HOH HOH A . 
B 2 HOH 2 165 164 HOH HOH A . 
B 2 HOH 3 166 165 HOH HOH A . 
B 2 HOH 4 167 166 HOH HOH A . 
B 2 HOH 5 168 167 HOH HOH A . 
B 2 HOH 6 169 168 HOH HOH A . 
B 2 HOH 7 170 169 HOH HOH A . 
# 
loop_
_pdbx_unobs_or_zero_occ_atoms.id 
_pdbx_unobs_or_zero_occ_atoms.PDB_model_num 
_pdbx_unobs_or_zero_occ_atoms.polymer_flag 
_pdbx_unobs_or_zero_occ_atoms.occupancy_flag 
_pdbx_unobs_or_zero_occ_atoms.auth_asym_id 
_pdbx_unobs_or_zero_occ_atoms.auth_comp_id 
_pdbx_unobs_or_zero_occ_atoms.auth_seq_id 
_pdbx_unobs_or_zero_occ_atoms.PDB_ins_code 
_pdbx_unobs_or_zero_occ_atoms.auth_atom_id 
_pdbx_unobs_or_zero_occ_atoms.label_alt_id 
_pdbx_unobs_or_zero_occ_atoms.label_asym_id 
_pdbx_unobs_or_zero_occ_atoms.label_comp_id 
_pdbx_unobs_or_zero_occ_atoms.label_seq_id 
_pdbx_unobs_or_zero_occ_atoms.label_atom_id 
1  1 Y 0 A ARG 12  ? CG  ? A ARG 12  CG  
2  1 Y 0 A ARG 12  ? CD  ? A ARG 12  CD  
3  1 Y 0 A ARG 12  ? NE  ? A ARG 12  NE  
4  1 Y 0 A ARG 12  ? CZ  ? A ARG 12  CZ  
5  1 Y 0 A ARG 12  ? NH1 ? A ARG 12  NH1 
6  1 Y 0 A ARG 12  ? NH2 ? A ARG 12  NH2 
7  1 Y 0 A GLN 17  ? CG  ? A GLN 17  CG  
8  1 Y 0 A GLN 17  ? CD  ? A GLN 17  CD  
9  1 Y 0 A GLN 17  ? OE1 ? A GLN 17  OE1 
10 1 Y 0 A GLN 17  ? NE2 ? A GLN 17  NE2 
11 1 Y 0 A LYS 24  ? CG  ? A LYS 24  CG  
12 1 Y 0 A LYS 24  ? CD  ? A LYS 24  CD  
13 1 Y 0 A LYS 24  ? CE  ? A LYS 24  CE  
14 1 Y 0 A LYS 24  ? NZ  ? A LYS 24  NZ  
15 1 Y 0 A GLN 40  ? CG  ? A GLN 40  CG  
16 1 Y 0 A GLN 40  ? CD  ? A GLN 40  CD  
17 1 Y 0 A GLN 40  ? OE1 ? A GLN 40  OE1 
18 1 Y 0 A GLN 40  ? NE2 ? A GLN 40  NE2 
19 1 Y 0 A GLU 42  ? CG  ? A GLU 42  CG  
20 1 Y 0 A GLU 42  ? CD  ? A GLU 42  CD  
21 1 Y 0 A GLU 42  ? OE1 ? A GLU 42  OE1 
22 1 Y 0 A GLU 42  ? OE2 ? A GLU 42  OE2 
23 1 Y 0 A LYS 45  ? CG  ? A LYS 45  CG  
24 1 Y 0 A LYS 45  ? CD  ? A LYS 45  CD  
25 1 Y 0 A LYS 45  ? CE  ? A LYS 45  CE  
26 1 Y 0 A LYS 45  ? NZ  ? A LYS 45  NZ  
27 1 Y 0 A LEU 47  ? CG  ? A LEU 47  CG  
28 1 Y 0 A LEU 47  ? CD1 ? A LEU 47  CD1 
29 1 Y 0 A LEU 47  ? CD2 ? A LEU 47  CD2 
30 1 Y 0 A ILE 48  ? CG1 ? A ILE 48  CG1 
31 1 Y 0 A ILE 48  ? CG2 ? A ILE 48  CG2 
32 1 Y 0 A ILE 48  ? CD1 ? A ILE 48  CD1 
33 1 Y 0 A SER 54  ? OG  ? A SER 54  OG  
34 1 Y 0 A ASN 55  ? CG  ? A ASN 55  CG  
35 1 Y 0 A ASN 55  ? OD1 ? A ASN 55  OD1 
36 1 Y 0 A ASN 55  ? ND2 ? A ASN 55  ND2 
37 1 Y 0 A LYS 68  ? CG  ? A LYS 68  CG  
38 1 Y 0 A LYS 68  ? CD  ? A LYS 68  CD  
39 1 Y 0 A LYS 68  ? CE  ? A LYS 68  CE  
40 1 Y 0 A LYS 68  ? NZ  ? A LYS 68  NZ  
41 1 Y 0 A ARG 74  ? CZ  ? A ARG 74  CZ  
42 1 Y 0 A ARG 74  ? NH1 ? A ARG 74  NH1 
43 1 Y 0 A ARG 74  ? NH2 ? A ARG 74  NH2 
44 1 Y 0 A LYS 101 ? CG  ? A LYS 101 CG  
45 1 Y 0 A LYS 101 ? CD  ? A LYS 101 CD  
46 1 Y 0 A LYS 101 ? CE  ? A LYS 101 CE  
47 1 Y 0 A LYS 101 ? NZ  ? A LYS 101 NZ  
48 1 Y 0 A ARG 109 ? NE  ? A ARG 109 NE  
49 1 Y 0 A ARG 109 ? CZ  ? A ARG 109 CZ  
50 1 Y 0 A ARG 109 ? NH1 ? A ARG 109 NH1 
51 1 Y 0 A ARG 109 ? NH2 ? A ARG 109 NH2 
52 1 Y 0 A LYS 119 ? CD  ? A LYS 119 CD  
53 1 Y 0 A LYS 119 ? CE  ? A LYS 119 CE  
54 1 Y 0 A LYS 119 ? NZ  ? A LYS 119 NZ  
55 1 Y 0 A SER 120 ? OG  ? A SER 120 OG  
56 1 Y 0 A GLU 125 ? CG  ? A GLU 125 CG  
57 1 Y 0 A GLU 125 ? CD  ? A GLU 125 CD  
58 1 Y 0 A GLU 125 ? OE1 ? A GLU 125 OE1 
59 1 Y 0 A GLU 125 ? OE2 ? A GLU 125 OE2 
60 1 Y 0 A GLN 126 ? CG  ? A GLN 126 CG  
61 1 Y 0 A GLN 126 ? CD  ? A GLN 126 CD  
62 1 Y 0 A GLN 126 ? OE1 ? A GLN 126 OE1 
63 1 Y 0 A GLN 126 ? NE2 ? A GLN 126 NE2 
64 1 Y 0 A LYS 129 ? CD  ? A LYS 129 CD  
65 1 Y 0 A LYS 129 ? CE  ? A LYS 129 CE  
66 1 Y 0 A LYS 129 ? NZ  ? A LYS 129 NZ  
67 1 Y 0 A LYS 140 ? CG  ? A LYS 140 CG  
68 1 Y 0 A LYS 140 ? CD  ? A LYS 140 CD  
69 1 Y 0 A LYS 140 ? CE  ? A LYS 140 CE  
70 1 Y 0 A LYS 140 ? NZ  ? A LYS 140 NZ  
71 1 Y 0 A GLN 156 ? CG  ? A GLN 156 CG  
72 1 Y 0 A GLN 156 ? CD  ? A GLN 156 CD  
73 1 Y 0 A GLN 156 ? OE1 ? A GLN 156 OE1 
74 1 Y 0 A GLN 156 ? NE2 ? A GLN 156 NE2 
75 1 Y 0 A ASN 160 ? CG  ? A ASN 160 CG  
76 1 Y 0 A ASN 160 ? OD1 ? A ASN 160 OD1 
77 1 Y 0 A ASN 160 ? ND2 ? A ASN 160 ND2 
78 1 Y 0 A VAL 161 ? CG1 ? A VAL 161 CG1 
79 1 Y 0 A VAL 161 ? CG2 ? A VAL 161 CG2 
80 1 Y 0 A THR 162 ? O   ? A THR 162 O   
# 
loop_
_software.name 
_software.classification 
_software.version 
_software.citation_id 
_software.pdbx_ordinal 
X-PLOR 'model building' 3.1 ? 1 
X-PLOR refinement       3.1 ? 2 
MOSFLM 'data reduction' .   ? 3 
CCP4   'data scaling'   .   ? 4 
X-PLOR phasing          3.1 ? 5 
# 
_cell.entry_id           1BLE 
_cell.length_a           106.900 
_cell.length_b           106.900 
_cell.length_c           106.900 
_cell.angle_alpha        90.00 
_cell.angle_beta         90.00 
_cell.angle_gamma        90.00 
_cell.Z_PDB              24 
_cell.pdbx_unique_axis   ? 
# 
_symmetry.entry_id                         1BLE 
_symmetry.space_group_name_H-M             'P 43 3 2' 
_symmetry.pdbx_full_space_group_name_H-M   ? 
_symmetry.cell_setting                     ? 
_symmetry.Int_Tables_number                212 
# 
_exptl.entry_id          1BLE 
_exptl.method            'X-RAY DIFFRACTION' 
_exptl.crystals_number   1 
# 
_exptl_crystal.id                    1 
_exptl_crystal.density_meas          ? 
_exptl_crystal.density_Matthews      2.79 
_exptl_crystal.density_percent_sol   56. 
_exptl_crystal.description           ? 
# 
_exptl_crystal_grow.crystal_id      1 
_exptl_crystal_grow.method          ? 
_exptl_crystal_grow.temp            ? 
_exptl_crystal_grow.temp_details    ? 
_exptl_crystal_grow.pH              9.0 
_exptl_crystal_grow.pdbx_pH_range   ? 
_exptl_crystal_grow.pdbx_details    'pH 9.0' 
# 
_diffrn.id                     1 
_diffrn.ambient_temp           293 
_diffrn.ambient_temp_details   ? 
_diffrn.crystal_id             1 
# 
_diffrn_detector.diffrn_id              1 
_diffrn_detector.detector               'IMAGE PLATE' 
_diffrn_detector.type                   MARRESEARCH 
_diffrn_detector.pdbx_collection_date   1995-12-02 
_diffrn_detector.details                ? 
# 
_diffrn_radiation.diffrn_id                        1 
_diffrn_radiation.wavelength_id                    1 
_diffrn_radiation.pdbx_monochromatic_or_laue_m_l   M 
_diffrn_radiation.monochromator                    ? 
_diffrn_radiation.pdbx_diffrn_protocol             ? 
_diffrn_radiation.pdbx_scattering_type             x-ray 
# 
_diffrn_radiation_wavelength.id           1 
_diffrn_radiation_wavelength.wavelength   0.87 
_diffrn_radiation_wavelength.wt           1.0 
# 
_diffrn_source.diffrn_id                   1 
_diffrn_source.source                      SYNCHROTRON 
_diffrn_source.type                        'SRS BEAMLINE PX9.6' 
_diffrn_source.pdbx_synchrotron_site       SRS 
_diffrn_source.pdbx_synchrotron_beamline   PX9.6 
_diffrn_source.pdbx_wavelength             0.87 
_diffrn_source.pdbx_wavelength_list        ? 
# 
_reflns.entry_id                     1BLE 
_reflns.observed_criterion_sigma_I   3.0 
_reflns.observed_criterion_sigma_F   ? 
_reflns.d_resolution_low             20. 
_reflns.d_resolution_high            2.9 
_reflns.number_obs                   4889 
_reflns.number_all                   ? 
_reflns.percent_possible_obs         97.7 
_reflns.pdbx_Rmerge_I_obs            0.0540000 
_reflns.pdbx_Rsym_value              ? 
_reflns.pdbx_netI_over_sigmaI        ? 
_reflns.B_iso_Wilson_estimate        61.6 
_reflns.pdbx_redundancy              3.5 
_reflns.pdbx_diffrn_id               1 
_reflns.pdbx_ordinal                 1 
# 
_reflns_shell.d_res_high             2.90 
_reflns_shell.d_res_low              3.0 
_reflns_shell.percent_possible_all   96.7 
_reflns_shell.Rmerge_I_obs           0.2880000 
_reflns_shell.pdbx_Rsym_value        ? 
_reflns_shell.meanI_over_sigI_obs    ? 
_reflns_shell.pdbx_redundancy        3.6 
_reflns_shell.pdbx_diffrn_id         ? 
_reflns_shell.pdbx_ordinal           1 
# 
_refine.entry_id                                 1BLE 
_refine.ls_number_reflns_obs                     4866 
_refine.ls_number_reflns_all                     ? 
_refine.pdbx_ls_sigma_I                          ? 
_refine.pdbx_ls_sigma_F                          0. 
_refine.pdbx_data_cutoff_high_absF               ? 
_refine.pdbx_data_cutoff_low_absF                ? 
_refine.pdbx_data_cutoff_high_rms_absF           ? 
_refine.ls_d_res_low                             20.0 
_refine.ls_d_res_high                            2.9 
_refine.ls_percent_reflns_obs                    97.6 
_refine.ls_R_factor_obs                          0.1850000 
_refine.ls_R_factor_all                          ? 
_refine.ls_R_factor_R_work                       0.1850000 
_refine.ls_R_factor_R_free                       0.2630000 
_refine.ls_R_factor_R_free_error                 ? 
_refine.ls_R_factor_R_free_error_details         ? 
_refine.ls_percent_reflns_R_free                 10. 
_refine.ls_number_reflns_R_free                  ? 
_refine.ls_number_parameters                     ? 
_refine.ls_number_restraints                     ? 
_refine.occupancy_min                            ? 
_refine.occupancy_max                            ? 
_refine.B_iso_mean                               64.5 
_refine.aniso_B[1][1]                            ? 
_refine.aniso_B[2][2]                            ? 
_refine.aniso_B[3][3]                            ? 
_refine.aniso_B[1][2]                            ? 
_refine.aniso_B[1][3]                            ? 
_refine.aniso_B[2][3]                            ? 
_refine.solvent_model_details                    ? 
_refine.solvent_model_param_ksol                 ? 
_refine.solvent_model_param_bsol                 ? 
_refine.pdbx_ls_cross_valid_method               THROUGHOUT 
_refine.details                                  
;EXCEPT FOR THE ACTIVE LOOP RESIDUE PHE 13, ALL MAIN CHAIN
ATOMS ARE WITHIN THE ALLOWED REGIONS OF THE RAMACHANDRAN
PLOT.
;
_refine.pdbx_starting_model                      ? 
_refine.pdbx_method_to_determine_struct          MIRAS 
_refine.pdbx_isotropic_thermal_model             ? 
_refine.pdbx_stereochemistry_target_values       ? 
_refine.pdbx_stereochem_target_val_spec_case     ? 
_refine.pdbx_R_Free_selection_details            RANDOM 
_refine.pdbx_overall_ESU_R                       ? 
_refine.pdbx_overall_ESU_R_Free                  ? 
_refine.overall_SU_ML                            ? 
_refine.overall_SU_B                             ? 
_refine.pdbx_refine_id                           'X-RAY DIFFRACTION' 
_refine.pdbx_diffrn_id                           1 
_refine.pdbx_TLS_residual_ADP_flag               ? 
_refine.correlation_coeff_Fo_to_Fc               ? 
_refine.correlation_coeff_Fo_to_Fc_free          ? 
_refine.pdbx_solvent_vdw_probe_radii             ? 
_refine.pdbx_solvent_ion_probe_radii             ? 
_refine.pdbx_solvent_shrinkage_radii             ? 
_refine.pdbx_overall_phase_error                 ? 
_refine.overall_SU_R_Cruickshank_DPI             ? 
_refine.pdbx_overall_SU_R_free_Cruickshank_DPI   ? 
_refine.pdbx_overall_SU_R_Blow_DPI               ? 
_refine.pdbx_overall_SU_R_free_Blow_DPI          ? 
# 
_refine_hist.pdbx_refine_id                   'X-RAY DIFFRACTION' 
_refine_hist.cycle_id                         LAST 
_refine_hist.pdbx_number_atoms_protein        1180 
_refine_hist.pdbx_number_atoms_nucleic_acid   0 
_refine_hist.pdbx_number_atoms_ligand         0 
_refine_hist.number_atoms_solvent             7 
_refine_hist.number_atoms_total               1187 
_refine_hist.d_res_high                       2.9 
_refine_hist.d_res_low                        20.0 
# 
loop_
_refine_ls_restr.type 
_refine_ls_restr.dev_ideal 
_refine_ls_restr.dev_ideal_target 
_refine_ls_restr.weight 
_refine_ls_restr.number 
_refine_ls_restr.pdbx_refine_id 
_refine_ls_restr.pdbx_restraint_function 
x_bond_d                0.014 ? ? ? 'X-RAY DIFFRACTION' ? 
x_bond_d_na             ?     ? ? ? 'X-RAY DIFFRACTION' ? 
x_bond_d_prot           ?     ? ? ? 'X-RAY DIFFRACTION' ? 
x_angle_d               ?     ? ? ? 'X-RAY DIFFRACTION' ? 
x_angle_d_na            ?     ? ? ? 'X-RAY DIFFRACTION' ? 
x_angle_d_prot          ?     ? ? ? 'X-RAY DIFFRACTION' ? 
x_angle_deg             1.7   ? ? ? 'X-RAY DIFFRACTION' ? 
x_angle_deg_na          ?     ? ? ? 'X-RAY DIFFRACTION' ? 
x_angle_deg_prot        ?     ? ? ? 'X-RAY DIFFRACTION' ? 
x_dihedral_angle_d      25.2  ? ? ? 'X-RAY DIFFRACTION' ? 
x_dihedral_angle_d_na   ?     ? ? ? 'X-RAY DIFFRACTION' ? 
x_dihedral_angle_d_prot ?     ? ? ? 'X-RAY DIFFRACTION' ? 
x_improper_angle_d      1.7   ? ? ? 'X-RAY DIFFRACTION' ? 
x_improper_angle_d_na   ?     ? ? ? 'X-RAY DIFFRACTION' ? 
x_improper_angle_d_prot ?     ? ? ? 'X-RAY DIFFRACTION' ? 
x_mcbond_it             2.4   ? ? ? 'X-RAY DIFFRACTION' ? 
x_mcangle_it            4.1   ? ? ? 'X-RAY DIFFRACTION' ? 
x_scbond_it             3.3   ? ? ? 'X-RAY DIFFRACTION' ? 
x_scangle_it            5.1   ? ? ? 'X-RAY DIFFRACTION' ? 
# 
_refine_ls_shell.pdbx_total_number_of_bins_used   8 
_refine_ls_shell.d_res_high                       2.90 
_refine_ls_shell.d_res_low                        3.03 
_refine_ls_shell.number_reflns_R_work             532 
_refine_ls_shell.R_factor_R_work                  0.2890000 
_refine_ls_shell.percent_reflns_obs               98.8 
_refine_ls_shell.R_factor_R_free                  0.4270000 
_refine_ls_shell.R_factor_R_free_error            ? 
_refine_ls_shell.percent_reflns_R_free            10. 
_refine_ls_shell.number_reflns_R_free             ? 
_refine_ls_shell.pdbx_refine_id                   'X-RAY DIFFRACTION' 
_refine_ls_shell.number_reflns_all                ? 
_refine_ls_shell.R_factor_all                     ? 
# 
_struct.entry_id                  1BLE 
_struct.title                     'PHOSPHOENOLPYRUVATE-DEPENDENT PHOSPHOTRANSFERASE SYSTEM' 
_struct.pdbx_model_details        ? 
_struct.pdbx_CASP_flag            ? 
_struct.pdbx_model_type_details   ? 
# 
_struct_keywords.entry_id        1BLE 
_struct_keywords.pdbx_keywords   PHOSPHOTRANSFERASE 
_struct_keywords.text            'PHOSPHOTRANSFERASE, SUGAR TRANSPORT' 
# 
loop_
_struct_asym.id 
_struct_asym.pdbx_blank_PDB_chainid_flag 
_struct_asym.pdbx_modified 
_struct_asym.entity_id 
_struct_asym.details 
A N N 1 ? 
B N N 2 ? 
# 
_struct_ref.id                         1 
_struct_ref.db_name                    UNP 
_struct_ref.db_code                    PTFB_BACSU 
_struct_ref.entity_id                  1 
_struct_ref.pdbx_db_accession          P26380 
_struct_ref.pdbx_align_begin           1 
_struct_ref.pdbx_seq_one_letter_code   
;MMNIVLARIDDRFIHGQILTRWIKVHAADRIIVVSDDIAQDEMRKTLILSVAPSNVKASAVSVSKMAKAFHSPRYEGVTA
MLLFENPSDIVSLIEAGVPIKTVNVGGMRFENHRRQITKSVSVTEQDIKAFETLSDKGVKLELRQLPSDASEDFVQILRN
VTK
;
_struct_ref.pdbx_db_isoform            ? 
# 
_struct_ref_seq.align_id                      1 
_struct_ref_seq.ref_id                        1 
_struct_ref_seq.pdbx_PDB_id_code              1BLE 
_struct_ref_seq.pdbx_strand_id                A 
_struct_ref_seq.seq_align_beg                 1 
_struct_ref_seq.pdbx_seq_align_beg_ins_code   ? 
_struct_ref_seq.seq_align_end                 163 
_struct_ref_seq.pdbx_seq_align_end_ins_code   ? 
_struct_ref_seq.pdbx_db_accession             P26380 
_struct_ref_seq.db_align_beg                  1 
_struct_ref_seq.pdbx_db_align_beg_ins_code    ? 
_struct_ref_seq.db_align_end                  163 
_struct_ref_seq.pdbx_db_align_end_ins_code    ? 
_struct_ref_seq.pdbx_auth_seq_align_beg       1 
_struct_ref_seq.pdbx_auth_seq_align_end       163 
# 
_pdbx_struct_assembly.id                   1 
_pdbx_struct_assembly.details              author_defined_assembly 
_pdbx_struct_assembly.method_details       ? 
_pdbx_struct_assembly.oligomeric_details   trimeric 
_pdbx_struct_assembly.oligomeric_count     3 
# 
_pdbx_struct_assembly_gen.assembly_id       1 
_pdbx_struct_assembly_gen.oper_expression   1,2,3 
_pdbx_struct_assembly_gen.asym_id_list      A,B 
# 
loop_
_pdbx_struct_oper_list.id 
_pdbx_struct_oper_list.type 
_pdbx_struct_oper_list.name 
_pdbx_struct_oper_list.symmetry_operation 
_pdbx_struct_oper_list.matrix[1][1] 
_pdbx_struct_oper_list.matrix[1][2] 
_pdbx_struct_oper_list.matrix[1][3] 
_pdbx_struct_oper_list.vector[1] 
_pdbx_struct_oper_list.matrix[2][1] 
_pdbx_struct_oper_list.matrix[2][2] 
_pdbx_struct_oper_list.matrix[2][3] 
_pdbx_struct_oper_list.vector[2] 
_pdbx_struct_oper_list.matrix[3][1] 
_pdbx_struct_oper_list.matrix[3][2] 
_pdbx_struct_oper_list.matrix[3][3] 
_pdbx_struct_oper_list.vector[3] 
1 'identity operation'         1_555  x,y,z             1.0000000000  0.0000000000  0.0000000000 0.0000000000  0.0000000000  1.0000000000  0.0000000000 0.0000000000  0.0000000000 0.0000000000 1.0000000000 0.0000000000   
2 'crystal symmetry operation' 10_655 -y+1,z+1/2,-x+1/2 -0.2201884673 -0.3081622849 0.9255015100 26.1454426891 0.9748542241  -0.1028772138 0.1976752909 9.5849404440  0.0342969474 0.9457548758 0.3230656812 -21.9023016247 
3 'crystal symmetry operation' 7_564  -z+1/2,-x+1,y-1/2 -0.2201884673 0.9748542241  0.0342969474 -2.8358126387 -0.3081622849 -0.1028772138 0.9457548758 29.7573198779 0.9255015100 0.1976752909 0.3230656812 -19.0164705859 
# 
_struct_biol.id   1 
# 
loop_
_struct_conf.conf_type_id 
_struct_conf.id 
_struct_conf.pdbx_PDB_helix_id 
_struct_conf.beg_label_comp_id 
_struct_conf.beg_label_asym_id 
_struct_conf.beg_label_seq_id 
_struct_conf.pdbx_beg_PDB_ins_code 
_struct_conf.end_label_comp_id 
_struct_conf.end_label_asym_id 
_struct_conf.end_label_seq_id 
_struct_conf.pdbx_end_PDB_ins_code 
_struct_conf.beg_auth_comp_id 
_struct_conf.beg_auth_asym_id 
_struct_conf.beg_auth_seq_id 
_struct_conf.end_auth_comp_id 
_struct_conf.end_auth_asym_id 
_struct_conf.end_auth_seq_id 
_struct_conf.pdbx_PDB_helix_class 
_struct_conf.details 
_struct_conf.pdbx_PDB_helix_length 
HELX_P HELX_P1 1 ILE A 18  ? HIS A 26  ? ILE A 18  HIS A 26  1 ? 9  
HELX_P HELX_P2 2 ASP A 36  ? GLN A 40  ? ASP A 36  GLN A 40  1 ? 5  
HELX_P HELX_P3 3 GLU A 42  ? LEU A 49  ? GLU A 42  LEU A 49  1 ? 8  
HELX_P HELX_P4 4 VAL A 63  ? HIS A 71  ? VAL A 63  HIS A 71  1 ? 9  
HELX_P HELX_P5 5 SER A 88  ? ALA A 96  ? SER A 88  ALA A 96  1 ? 9  
HELX_P HELX_P6 6 GLU A 125 ? ASP A 136 ? GLU A 125 ASP A 136 1 ? 12 
HELX_P HELX_P7 7 PHE A 154 ? ARG A 159 ? PHE A 154 ARG A 159 1 ? 6  
# 
_struct_conf_type.id          HELX_P 
_struct_conf_type.criteria    ? 
_struct_conf_type.reference   ? 
# 
_struct_sheet.id               A 
_struct_sheet.type             ? 
_struct_sheet.number_strands   6 
_struct_sheet.details          ? 
# 
loop_
_struct_sheet_order.sheet_id 
_struct_sheet_order.range_id_1 
_struct_sheet_order.range_id_2 
_struct_sheet_order.offset 
_struct_sheet_order.sense 
A 1 2 ? parallel 
A 2 3 ? parallel 
A 3 4 ? parallel 
A 4 5 ? parallel 
A 5 6 ? parallel 
# 
loop_
_struct_sheet_range.sheet_id 
_struct_sheet_range.id 
_struct_sheet_range.beg_label_comp_id 
_struct_sheet_range.beg_label_asym_id 
_struct_sheet_range.beg_label_seq_id 
_struct_sheet_range.pdbx_beg_PDB_ins_code 
_struct_sheet_range.end_label_comp_id 
_struct_sheet_range.end_label_asym_id 
_struct_sheet_range.end_label_seq_id 
_struct_sheet_range.pdbx_end_PDB_ins_code 
_struct_sheet_range.beg_auth_comp_id 
_struct_sheet_range.beg_auth_asym_id 
_struct_sheet_range.beg_auth_seq_id 
_struct_sheet_range.end_auth_comp_id 
_struct_sheet_range.end_auth_asym_id 
_struct_sheet_range.end_auth_seq_id 
A 1 LYS A 57  ? VAL A 61  ? LYS A 57  VAL A 61  
A 2 ARG A 30  ? VAL A 34  ? ARG A 30  VAL A 34  
A 3 THR A 79  ? PHE A 84  ? THR A 79  PHE A 84  
A 4 ASN A 3   ? ASP A 10  ? ASN A 3   ASP A 10  
A 5 THR A 102 ? GLY A 107 ? THR A 102 GLY A 107 
A 6 LYS A 140 ? LEU A 143 ? LYS A 140 LEU A 143 
# 
loop_
_pdbx_struct_sheet_hbond.sheet_id 
_pdbx_struct_sheet_hbond.range_id_1 
_pdbx_struct_sheet_hbond.range_id_2 
_pdbx_struct_sheet_hbond.range_1_label_atom_id 
_pdbx_struct_sheet_hbond.range_1_label_comp_id 
_pdbx_struct_sheet_hbond.range_1_label_asym_id 
_pdbx_struct_sheet_hbond.range_1_label_seq_id 
_pdbx_struct_sheet_hbond.range_1_PDB_ins_code 
_pdbx_struct_sheet_hbond.range_1_auth_atom_id 
_pdbx_struct_sheet_hbond.range_1_auth_comp_id 
_pdbx_struct_sheet_hbond.range_1_auth_asym_id 
_pdbx_struct_sheet_hbond.range_1_auth_seq_id 
_pdbx_struct_sheet_hbond.range_2_label_atom_id 
_pdbx_struct_sheet_hbond.range_2_label_comp_id 
_pdbx_struct_sheet_hbond.range_2_label_asym_id 
_pdbx_struct_sheet_hbond.range_2_label_seq_id 
_pdbx_struct_sheet_hbond.range_2_PDB_ins_code 
_pdbx_struct_sheet_hbond.range_2_auth_atom_id 
_pdbx_struct_sheet_hbond.range_2_auth_comp_id 
_pdbx_struct_sheet_hbond.range_2_auth_asym_id 
_pdbx_struct_sheet_hbond.range_2_auth_seq_id 
A 1 2 O LYS A 57  ? O LYS A 57  N ILE A 31  ? N ILE A 31  
A 2 3 O ARG A 30  ? O ARG A 30  N MET A 81  ? N MET A 81  
A 3 4 O ALA A 80  ? O ALA A 80  N ASN A 3   ? N ASN A 3   
A 4 5 O ILE A 9   ? O ILE A 9   N ASN A 104 ? N ASN A 104 
A 5 6 O VAL A 103 ? O VAL A 103 N LYS A 140 ? N LYS A 140 
# 
loop_
_pdbx_validate_torsion.id 
_pdbx_validate_torsion.PDB_model_num 
_pdbx_validate_torsion.auth_comp_id 
_pdbx_validate_torsion.auth_asym_id 
_pdbx_validate_torsion.auth_seq_id 
_pdbx_validate_torsion.PDB_ins_code 
_pdbx_validate_torsion.label_alt_id 
_pdbx_validate_torsion.phi 
_pdbx_validate_torsion.psi 
1 1 ASP A 10  ? ? -164.03 105.59  
2 1 PHE A 13  ? ? 60.69   -103.87 
3 1 SER A 35  ? ? -171.85 129.68  
4 1 ASN A 55  ? ? 80.72   3.54    
5 1 ARG A 144 ? ? 176.51  152.39  
# 
loop_
_pdbx_unobs_or_zero_occ_residues.id 
_pdbx_unobs_or_zero_occ_residues.PDB_model_num 
_pdbx_unobs_or_zero_occ_residues.polymer_flag 
_pdbx_unobs_or_zero_occ_residues.occupancy_flag 
_pdbx_unobs_or_zero_occ_residues.auth_asym_id 
_pdbx_unobs_or_zero_occ_residues.auth_comp_id 
_pdbx_unobs_or_zero_occ_residues.auth_seq_id 
_pdbx_unobs_or_zero_occ_residues.PDB_ins_code 
_pdbx_unobs_or_zero_occ_residues.label_asym_id 
_pdbx_unobs_or_zero_occ_residues.label_comp_id 
_pdbx_unobs_or_zero_occ_residues.label_seq_id 
1 1 Y 1 A MET 1   ? A MET 1   
2 1 Y 1 A LYS 163 ? A LYS 163 
# 
loop_
_chem_comp_atom.comp_id 
_chem_comp_atom.atom_id 
_chem_comp_atom.type_symbol 
_chem_comp_atom.pdbx_aromatic_flag 
_chem_comp_atom.pdbx_stereo_config 
_chem_comp_atom.pdbx_ordinal 
ALA N    N N N 1   
ALA CA   C N S 2   
ALA C    C N N 3   
ALA O    O N N 4   
ALA CB   C N N 5   
ALA OXT  O N N 6   
ALA H    H N N 7   
ALA H2   H N N 8   
ALA HA   H N N 9   
ALA HB1  H N N 10  
ALA HB2  H N N 11  
ALA HB3  H N N 12  
ALA HXT  H N N 13  
ARG N    N N N 14  
ARG CA   C N S 15  
ARG C    C N N 16  
ARG O    O N N 17  
ARG CB   C N N 18  
ARG CG   C N N 19  
ARG CD   C N N 20  
ARG NE   N N N 21  
ARG CZ   C N N 22  
ARG NH1  N N N 23  
ARG NH2  N N N 24  
ARG OXT  O N N 25  
ARG H    H N N 26  
ARG H2   H N N 27  
ARG HA   H N N 28  
ARG HB2  H N N 29  
ARG HB3  H N N 30  
ARG HG2  H N N 31  
ARG HG3  H N N 32  
ARG HD2  H N N 33  
ARG HD3  H N N 34  
ARG HE   H N N 35  
ARG HH11 H N N 36  
ARG HH12 H N N 37  
ARG HH21 H N N 38  
ARG HH22 H N N 39  
ARG HXT  H N N 40  
ASN N    N N N 41  
ASN CA   C N S 42  
ASN C    C N N 43  
ASN O    O N N 44  
ASN CB   C N N 45  
ASN CG   C N N 46  
ASN OD1  O N N 47  
ASN ND2  N N N 48  
ASN OXT  O N N 49  
ASN H    H N N 50  
ASN H2   H N N 51  
ASN HA   H N N 52  
ASN HB2  H N N 53  
ASN HB3  H N N 54  
ASN HD21 H N N 55  
ASN HD22 H N N 56  
ASN HXT  H N N 57  
ASP N    N N N 58  
ASP CA   C N S 59  
ASP C    C N N 60  
ASP O    O N N 61  
ASP CB   C N N 62  
ASP CG   C N N 63  
ASP OD1  O N N 64  
ASP OD2  O N N 65  
ASP OXT  O N N 66  
ASP H    H N N 67  
ASP H2   H N N 68  
ASP HA   H N N 69  
ASP HB2  H N N 70  
ASP HB3  H N N 71  
ASP HD2  H N N 72  
ASP HXT  H N N 73  
GLN N    N N N 74  
GLN CA   C N S 75  
GLN C    C N N 76  
GLN O    O N N 77  
GLN CB   C N N 78  
GLN CG   C N N 79  
GLN CD   C N N 80  
GLN OE1  O N N 81  
GLN NE2  N N N 82  
GLN OXT  O N N 83  
GLN H    H N N 84  
GLN H2   H N N 85  
GLN HA   H N N 86  
GLN HB2  H N N 87  
GLN HB3  H N N 88  
GLN HG2  H N N 89  
GLN HG3  H N N 90  
GLN HE21 H N N 91  
GLN HE22 H N N 92  
GLN HXT  H N N 93  
GLU N    N N N 94  
GLU CA   C N S 95  
GLU C    C N N 96  
GLU O    O N N 97  
GLU CB   C N N 98  
GLU CG   C N N 99  
GLU CD   C N N 100 
GLU OE1  O N N 101 
GLU OE2  O N N 102 
GLU OXT  O N N 103 
GLU H    H N N 104 
GLU H2   H N N 105 
GLU HA   H N N 106 
GLU HB2  H N N 107 
GLU HB3  H N N 108 
GLU HG2  H N N 109 
GLU HG3  H N N 110 
GLU HE2  H N N 111 
GLU HXT  H N N 112 
GLY N    N N N 113 
GLY CA   C N N 114 
GLY C    C N N 115 
GLY O    O N N 116 
GLY OXT  O N N 117 
GLY H    H N N 118 
GLY H2   H N N 119 
GLY HA2  H N N 120 
GLY HA3  H N N 121 
GLY HXT  H N N 122 
HIS N    N N N 123 
HIS CA   C N S 124 
HIS C    C N N 125 
HIS O    O N N 126 
HIS CB   C N N 127 
HIS CG   C Y N 128 
HIS ND1  N Y N 129 
HIS CD2  C Y N 130 
HIS CE1  C Y N 131 
HIS NE2  N Y N 132 
HIS OXT  O N N 133 
HIS H    H N N 134 
HIS H2   H N N 135 
HIS HA   H N N 136 
HIS HB2  H N N 137 
HIS HB3  H N N 138 
HIS HD1  H N N 139 
HIS HD2  H N N 140 
HIS HE1  H N N 141 
HIS HE2  H N N 142 
HIS HXT  H N N 143 
HOH O    O N N 144 
HOH H1   H N N 145 
HOH H2   H N N 146 
ILE N    N N N 147 
ILE CA   C N S 148 
ILE C    C N N 149 
ILE O    O N N 150 
ILE CB   C N S 151 
ILE CG1  C N N 152 
ILE CG2  C N N 153 
ILE CD1  C N N 154 
ILE OXT  O N N 155 
ILE H    H N N 156 
ILE H2   H N N 157 
ILE HA   H N N 158 
ILE HB   H N N 159 
ILE HG12 H N N 160 
ILE HG13 H N N 161 
ILE HG21 H N N 162 
ILE HG22 H N N 163 
ILE HG23 H N N 164 
ILE HD11 H N N 165 
ILE HD12 H N N 166 
ILE HD13 H N N 167 
ILE HXT  H N N 168 
LEU N    N N N 169 
LEU CA   C N S 170 
LEU C    C N N 171 
LEU O    O N N 172 
LEU CB   C N N 173 
LEU CG   C N N 174 
LEU CD1  C N N 175 
LEU CD2  C N N 176 
LEU OXT  O N N 177 
LEU H    H N N 178 
LEU H2   H N N 179 
LEU HA   H N N 180 
LEU HB2  H N N 181 
LEU HB3  H N N 182 
LEU HG   H N N 183 
LEU HD11 H N N 184 
LEU HD12 H N N 185 
LEU HD13 H N N 186 
LEU HD21 H N N 187 
LEU HD22 H N N 188 
LEU HD23 H N N 189 
LEU HXT  H N N 190 
LYS N    N N N 191 
LYS CA   C N S 192 
LYS C    C N N 193 
LYS O    O N N 194 
LYS CB   C N N 195 
LYS CG   C N N 196 
LYS CD   C N N 197 
LYS CE   C N N 198 
LYS NZ   N N N 199 
LYS OXT  O N N 200 
LYS H    H N N 201 
LYS H2   H N N 202 
LYS HA   H N N 203 
LYS HB2  H N N 204 
LYS HB3  H N N 205 
LYS HG2  H N N 206 
LYS HG3  H N N 207 
LYS HD2  H N N 208 
LYS HD3  H N N 209 
LYS HE2  H N N 210 
LYS HE3  H N N 211 
LYS HZ1  H N N 212 
LYS HZ2  H N N 213 
LYS HZ3  H N N 214 
LYS HXT  H N N 215 
MET N    N N N 216 
MET CA   C N S 217 
MET C    C N N 218 
MET O    O N N 219 
MET CB   C N N 220 
MET CG   C N N 221 
MET SD   S N N 222 
MET CE   C N N 223 
MET OXT  O N N 224 
MET H    H N N 225 
MET H2   H N N 226 
MET HA   H N N 227 
MET HB2  H N N 228 
MET HB3  H N N 229 
MET HG2  H N N 230 
MET HG3  H N N 231 
MET HE1  H N N 232 
MET HE2  H N N 233 
MET HE3  H N N 234 
MET HXT  H N N 235 
PHE N    N N N 236 
PHE CA   C N S 237 
PHE C    C N N 238 
PHE O    O N N 239 
PHE CB   C N N 240 
PHE CG   C Y N 241 
PHE CD1  C Y N 242 
PHE CD2  C Y N 243 
PHE CE1  C Y N 244 
PHE CE2  C Y N 245 
PHE CZ   C Y N 246 
PHE OXT  O N N 247 
PHE H    H N N 248 
PHE H2   H N N 249 
PHE HA   H N N 250 
PHE HB2  H N N 251 
PHE HB3  H N N 252 
PHE HD1  H N N 253 
PHE HD2  H N N 254 
PHE HE1  H N N 255 
PHE HE2  H N N 256 
PHE HZ   H N N 257 
PHE HXT  H N N 258 
PRO N    N N N 259 
PRO CA   C N S 260 
PRO C    C N N 261 
PRO O    O N N 262 
PRO CB   C N N 263 
PRO CG   C N N 264 
PRO CD   C N N 265 
PRO OXT  O N N 266 
PRO H    H N N 267 
PRO HA   H N N 268 
PRO HB2  H N N 269 
PRO HB3  H N N 270 
PRO HG2  H N N 271 
PRO HG3  H N N 272 
PRO HD2  H N N 273 
PRO HD3  H N N 274 
PRO HXT  H N N 275 
SER N    N N N 276 
SER CA   C N S 277 
SER C    C N N 278 
SER O    O N N 279 
SER CB   C N N 280 
SER OG   O N N 281 
SER OXT  O N N 282 
SER H    H N N 283 
SER H2   H N N 284 
SER HA   H N N 285 
SER HB2  H N N 286 
SER HB3  H N N 287 
SER HG   H N N 288 
SER HXT  H N N 289 
THR N    N N N 290 
THR CA   C N S 291 
THR C    C N N 292 
THR O    O N N 293 
THR CB   C N R 294 
THR OG1  O N N 295 
THR CG2  C N N 296 
THR OXT  O N N 297 
THR H    H N N 298 
THR H2   H N N 299 
THR HA   H N N 300 
THR HB   H N N 301 
THR HG1  H N N 302 
THR HG21 H N N 303 
THR HG22 H N N 304 
THR HG23 H N N 305 
THR HXT  H N N 306 
TRP N    N N N 307 
TRP CA   C N S 308 
TRP C    C N N 309 
TRP O    O N N 310 
TRP CB   C N N 311 
TRP CG   C Y N 312 
TRP CD1  C Y N 313 
TRP CD2  C Y N 314 
TRP NE1  N Y N 315 
TRP CE2  C Y N 316 
TRP CE3  C Y N 317 
TRP CZ2  C Y N 318 
TRP CZ3  C Y N 319 
TRP CH2  C Y N 320 
TRP OXT  O N N 321 
TRP H    H N N 322 
TRP H2   H N N 323 
TRP HA   H N N 324 
TRP HB2  H N N 325 
TRP HB3  H N N 326 
TRP HD1  H N N 327 
TRP HE1  H N N 328 
TRP HE3  H N N 329 
TRP HZ2  H N N 330 
TRP HZ3  H N N 331 
TRP HH2  H N N 332 
TRP HXT  H N N 333 
TYR N    N N N 334 
TYR CA   C N S 335 
TYR C    C N N 336 
TYR O    O N N 337 
TYR CB   C N N 338 
TYR CG   C Y N 339 
TYR CD1  C Y N 340 
TYR CD2  C Y N 341 
TYR CE1  C Y N 342 
TYR CE2  C Y N 343 
TYR CZ   C Y N 344 
TYR OH   O N N 345 
TYR OXT  O N N 346 
TYR H    H N N 347 
TYR H2   H N N 348 
TYR HA   H N N 349 
TYR HB2  H N N 350 
TYR HB3  H N N 351 
TYR HD1  H N N 352 
TYR HD2  H N N 353 
TYR HE1  H N N 354 
TYR HE2  H N N 355 
TYR HH   H N N 356 
TYR HXT  H N N 357 
VAL N    N N N 358 
VAL CA   C N S 359 
VAL C    C N N 360 
VAL O    O N N 361 
VAL CB   C N N 362 
VAL CG1  C N N 363 
VAL CG2  C N N 364 
VAL OXT  O N N 365 
VAL H    H N N 366 
VAL H2   H N N 367 
VAL HA   H N N 368 
VAL HB   H N N 369 
VAL HG11 H N N 370 
VAL HG12 H N N 371 
VAL HG13 H N N 372 
VAL HG21 H N N 373 
VAL HG22 H N N 374 
VAL HG23 H N N 375 
VAL HXT  H N N 376 
# 
loop_
_chem_comp_bond.comp_id 
_chem_comp_bond.atom_id_1 
_chem_comp_bond.atom_id_2 
_chem_comp_bond.value_order 
_chem_comp_bond.pdbx_aromatic_flag 
_chem_comp_bond.pdbx_stereo_config 
_chem_comp_bond.pdbx_ordinal 
ALA N   CA   sing N N 1   
ALA N   H    sing N N 2   
ALA N   H2   sing N N 3   
ALA CA  C    sing N N 4   
ALA CA  CB   sing N N 5   
ALA CA  HA   sing N N 6   
ALA C   O    doub N N 7   
ALA C   OXT  sing N N 8   
ALA CB  HB1  sing N N 9   
ALA CB  HB2  sing N N 10  
ALA CB  HB3  sing N N 11  
ALA OXT HXT  sing N N 12  
ARG N   CA   sing N N 13  
ARG N   H    sing N N 14  
ARG N   H2   sing N N 15  
ARG CA  C    sing N N 16  
ARG CA  CB   sing N N 17  
ARG CA  HA   sing N N 18  
ARG C   O    doub N N 19  
ARG C   OXT  sing N N 20  
ARG CB  CG   sing N N 21  
ARG CB  HB2  sing N N 22  
ARG CB  HB3  sing N N 23  
ARG CG  CD   sing N N 24  
ARG CG  HG2  sing N N 25  
ARG CG  HG3  sing N N 26  
ARG CD  NE   sing N N 27  
ARG CD  HD2  sing N N 28  
ARG CD  HD3  sing N N 29  
ARG NE  CZ   sing N N 30  
ARG NE  HE   sing N N 31  
ARG CZ  NH1  sing N N 32  
ARG CZ  NH2  doub N N 33  
ARG NH1 HH11 sing N N 34  
ARG NH1 HH12 sing N N 35  
ARG NH2 HH21 sing N N 36  
ARG NH2 HH22 sing N N 37  
ARG OXT HXT  sing N N 38  
ASN N   CA   sing N N 39  
ASN N   H    sing N N 40  
ASN N   H2   sing N N 41  
ASN CA  C    sing N N 42  
ASN CA  CB   sing N N 43  
ASN CA  HA   sing N N 44  
ASN C   O    doub N N 45  
ASN C   OXT  sing N N 46  
ASN CB  CG   sing N N 47  
ASN CB  HB2  sing N N 48  
ASN CB  HB3  sing N N 49  
ASN CG  OD1  doub N N 50  
ASN CG  ND2  sing N N 51  
ASN ND2 HD21 sing N N 52  
ASN ND2 HD22 sing N N 53  
ASN OXT HXT  sing N N 54  
ASP N   CA   sing N N 55  
ASP N   H    sing N N 56  
ASP N   H2   sing N N 57  
ASP CA  C    sing N N 58  
ASP CA  CB   sing N N 59  
ASP CA  HA   sing N N 60  
ASP C   O    doub N N 61  
ASP C   OXT  sing N N 62  
ASP CB  CG   sing N N 63  
ASP CB  HB2  sing N N 64  
ASP CB  HB3  sing N N 65  
ASP CG  OD1  doub N N 66  
ASP CG  OD2  sing N N 67  
ASP OD2 HD2  sing N N 68  
ASP OXT HXT  sing N N 69  
GLN N   CA   sing N N 70  
GLN N   H    sing N N 71  
GLN N   H2   sing N N 72  
GLN CA  C    sing N N 73  
GLN CA  CB   sing N N 74  
GLN CA  HA   sing N N 75  
GLN C   O    doub N N 76  
GLN C   OXT  sing N N 77  
GLN CB  CG   sing N N 78  
GLN CB  HB2  sing N N 79  
GLN CB  HB3  sing N N 80  
GLN CG  CD   sing N N 81  
GLN CG  HG2  sing N N 82  
GLN CG  HG3  sing N N 83  
GLN CD  OE1  doub N N 84  
GLN CD  NE2  sing N N 85  
GLN NE2 HE21 sing N N 86  
GLN NE2 HE22 sing N N 87  
GLN OXT HXT  sing N N 88  
GLU N   CA   sing N N 89  
GLU N   H    sing N N 90  
GLU N   H2   sing N N 91  
GLU CA  C    sing N N 92  
GLU CA  CB   sing N N 93  
GLU CA  HA   sing N N 94  
GLU C   O    doub N N 95  
GLU C   OXT  sing N N 96  
GLU CB  CG   sing N N 97  
GLU CB  HB2  sing N N 98  
GLU CB  HB3  sing N N 99  
GLU CG  CD   sing N N 100 
GLU CG  HG2  sing N N 101 
GLU CG  HG3  sing N N 102 
GLU CD  OE1  doub N N 103 
GLU CD  OE2  sing N N 104 
GLU OE2 HE2  sing N N 105 
GLU OXT HXT  sing N N 106 
GLY N   CA   sing N N 107 
GLY N   H    sing N N 108 
GLY N   H2   sing N N 109 
GLY CA  C    sing N N 110 
GLY CA  HA2  sing N N 111 
GLY CA  HA3  sing N N 112 
GLY C   O    doub N N 113 
GLY C   OXT  sing N N 114 
GLY OXT HXT  sing N N 115 
HIS N   CA   sing N N 116 
HIS N   H    sing N N 117 
HIS N   H2   sing N N 118 
HIS CA  C    sing N N 119 
HIS CA  CB   sing N N 120 
HIS CA  HA   sing N N 121 
HIS C   O    doub N N 122 
HIS C   OXT  sing N N 123 
HIS CB  CG   sing N N 124 
HIS CB  HB2  sing N N 125 
HIS CB  HB3  sing N N 126 
HIS CG  ND1  sing Y N 127 
HIS CG  CD2  doub Y N 128 
HIS ND1 CE1  doub Y N 129 
HIS ND1 HD1  sing N N 130 
HIS CD2 NE2  sing Y N 131 
HIS CD2 HD2  sing N N 132 
HIS CE1 NE2  sing Y N 133 
HIS CE1 HE1  sing N N 134 
HIS NE2 HE2  sing N N 135 
HIS OXT HXT  sing N N 136 
HOH O   H1   sing N N 137 
HOH O   H2   sing N N 138 
ILE N   CA   sing N N 139 
ILE N   H    sing N N 140 
ILE N   H2   sing N N 141 
ILE CA  C    sing N N 142 
ILE CA  CB   sing N N 143 
ILE CA  HA   sing N N 144 
ILE C   O    doub N N 145 
ILE C   OXT  sing N N 146 
ILE CB  CG1  sing N N 147 
ILE CB  CG2  sing N N 148 
ILE CB  HB   sing N N 149 
ILE CG1 CD1  sing N N 150 
ILE CG1 HG12 sing N N 151 
ILE CG1 HG13 sing N N 152 
ILE CG2 HG21 sing N N 153 
ILE CG2 HG22 sing N N 154 
ILE CG2 HG23 sing N N 155 
ILE CD1 HD11 sing N N 156 
ILE CD1 HD12 sing N N 157 
ILE CD1 HD13 sing N N 158 
ILE OXT HXT  sing N N 159 
LEU N   CA   sing N N 160 
LEU N   H    sing N N 161 
LEU N   H2   sing N N 162 
LEU CA  C    sing N N 163 
LEU CA  CB   sing N N 164 
LEU CA  HA   sing N N 165 
LEU C   O    doub N N 166 
LEU C   OXT  sing N N 167 
LEU CB  CG   sing N N 168 
LEU CB  HB2  sing N N 169 
LEU CB  HB3  sing N N 170 
LEU CG  CD1  sing N N 171 
LEU CG  CD2  sing N N 172 
LEU CG  HG   sing N N 173 
LEU CD1 HD11 sing N N 174 
LEU CD1 HD12 sing N N 175 
LEU CD1 HD13 sing N N 176 
LEU CD2 HD21 sing N N 177 
LEU CD2 HD22 sing N N 178 
LEU CD2 HD23 sing N N 179 
LEU OXT HXT  sing N N 180 
LYS N   CA   sing N N 181 
LYS N   H    sing N N 182 
LYS N   H2   sing N N 183 
LYS CA  C    sing N N 184 
LYS CA  CB   sing N N 185 
LYS CA  HA   sing N N 186 
LYS C   O    doub N N 187 
LYS C   OXT  sing N N 188 
LYS CB  CG   sing N N 189 
LYS CB  HB2  sing N N 190 
LYS CB  HB3  sing N N 191 
LYS CG  CD   sing N N 192 
LYS CG  HG2  sing N N 193 
LYS CG  HG3  sing N N 194 
LYS CD  CE   sing N N 195 
LYS CD  HD2  sing N N 196 
LYS CD  HD3  sing N N 197 
LYS CE  NZ   sing N N 198 
LYS CE  HE2  sing N N 199 
LYS CE  HE3  sing N N 200 
LYS NZ  HZ1  sing N N 201 
LYS NZ  HZ2  sing N N 202 
LYS NZ  HZ3  sing N N 203 
LYS OXT HXT  sing N N 204 
MET N   CA   sing N N 205 
MET N   H    sing N N 206 
MET N   H2   sing N N 207 
MET CA  C    sing N N 208 
MET CA  CB   sing N N 209 
MET CA  HA   sing N N 210 
MET C   O    doub N N 211 
MET C   OXT  sing N N 212 
MET CB  CG   sing N N 213 
MET CB  HB2  sing N N 214 
MET CB  HB3  sing N N 215 
MET CG  SD   sing N N 216 
MET CG  HG2  sing N N 217 
MET CG  HG3  sing N N 218 
MET SD  CE   sing N N 219 
MET CE  HE1  sing N N 220 
MET CE  HE2  sing N N 221 
MET CE  HE3  sing N N 222 
MET OXT HXT  sing N N 223 
PHE N   CA   sing N N 224 
PHE N   H    sing N N 225 
PHE N   H2   sing N N 226 
PHE CA  C    sing N N 227 
PHE CA  CB   sing N N 228 
PHE CA  HA   sing N N 229 
PHE C   O    doub N N 230 
PHE C   OXT  sing N N 231 
PHE CB  CG   sing N N 232 
PHE CB  HB2  sing N N 233 
PHE CB  HB3  sing N N 234 
PHE CG  CD1  doub Y N 235 
PHE CG  CD2  sing Y N 236 
PHE CD1 CE1  sing Y N 237 
PHE CD1 HD1  sing N N 238 
PHE CD2 CE2  doub Y N 239 
PHE CD2 HD2  sing N N 240 
PHE CE1 CZ   doub Y N 241 
PHE CE1 HE1  sing N N 242 
PHE CE2 CZ   sing Y N 243 
PHE CE2 HE2  sing N N 244 
PHE CZ  HZ   sing N N 245 
PHE OXT HXT  sing N N 246 
PRO N   CA   sing N N 247 
PRO N   CD   sing N N 248 
PRO N   H    sing N N 249 
PRO CA  C    sing N N 250 
PRO CA  CB   sing N N 251 
PRO CA  HA   sing N N 252 
PRO C   O    doub N N 253 
PRO C   OXT  sing N N 254 
PRO CB  CG   sing N N 255 
PRO CB  HB2  sing N N 256 
PRO CB  HB3  sing N N 257 
PRO CG  CD   sing N N 258 
PRO CG  HG2  sing N N 259 
PRO CG  HG3  sing N N 260 
PRO CD  HD2  sing N N 261 
PRO CD  HD3  sing N N 262 
PRO OXT HXT  sing N N 263 
SER N   CA   sing N N 264 
SER N   H    sing N N 265 
SER N   H2   sing N N 266 
SER CA  C    sing N N 267 
SER CA  CB   sing N N 268 
SER CA  HA   sing N N 269 
SER C   O    doub N N 270 
SER C   OXT  sing N N 271 
SER CB  OG   sing N N 272 
SER CB  HB2  sing N N 273 
SER CB  HB3  sing N N 274 
SER OG  HG   sing N N 275 
SER OXT HXT  sing N N 276 
THR N   CA   sing N N 277 
THR N   H    sing N N 278 
THR N   H2   sing N N 279 
THR CA  C    sing N N 280 
THR CA  CB   sing N N 281 
THR CA  HA   sing N N 282 
THR C   O    doub N N 283 
THR C   OXT  sing N N 284 
THR CB  OG1  sing N N 285 
THR CB  CG2  sing N N 286 
THR CB  HB   sing N N 287 
THR OG1 HG1  sing N N 288 
THR CG2 HG21 sing N N 289 
THR CG2 HG22 sing N N 290 
THR CG2 HG23 sing N N 291 
THR OXT HXT  sing N N 292 
TRP N   CA   sing N N 293 
TRP N   H    sing N N 294 
TRP N   H2   sing N N 295 
TRP CA  C    sing N N 296 
TRP CA  CB   sing N N 297 
TRP CA  HA   sing N N 298 
TRP C   O    doub N N 299 
TRP C   OXT  sing N N 300 
TRP CB  CG   sing N N 301 
TRP CB  HB2  sing N N 302 
TRP CB  HB3  sing N N 303 
TRP CG  CD1  doub Y N 304 
TRP CG  CD2  sing Y N 305 
TRP CD1 NE1  sing Y N 306 
TRP CD1 HD1  sing N N 307 
TRP CD2 CE2  doub Y N 308 
TRP CD2 CE3  sing Y N 309 
TRP NE1 CE2  sing Y N 310 
TRP NE1 HE1  sing N N 311 
TRP CE2 CZ2  sing Y N 312 
TRP CE3 CZ3  doub Y N 313 
TRP CE3 HE3  sing N N 314 
TRP CZ2 CH2  doub Y N 315 
TRP CZ2 HZ2  sing N N 316 
TRP CZ3 CH2  sing Y N 317 
TRP CZ3 HZ3  sing N N 318 
TRP CH2 HH2  sing N N 319 
TRP OXT HXT  sing N N 320 
TYR N   CA   sing N N 321 
TYR N   H    sing N N 322 
TYR N   H2   sing N N 323 
TYR CA  C    sing N N 324 
TYR CA  CB   sing N N 325 
TYR CA  HA   sing N N 326 
TYR C   O    doub N N 327 
TYR C   OXT  sing N N 328 
TYR CB  CG   sing N N 329 
TYR CB  HB2  sing N N 330 
TYR CB  HB3  sing N N 331 
TYR CG  CD1  doub Y N 332 
TYR CG  CD2  sing Y N 333 
TYR CD1 CE1  sing Y N 334 
TYR CD1 HD1  sing N N 335 
TYR CD2 CE2  doub Y N 336 
TYR CD2 HD2  sing N N 337 
TYR CE1 CZ   doub Y N 338 
TYR CE1 HE1  sing N N 339 
TYR CE2 CZ   sing Y N 340 
TYR CE2 HE2  sing N N 341 
TYR CZ  OH   sing N N 342 
TYR OH  HH   sing N N 343 
TYR OXT HXT  sing N N 344 
VAL N   CA   sing N N 345 
VAL N   H    sing N N 346 
VAL N   H2   sing N N 347 
VAL CA  C    sing N N 348 
VAL CA  CB   sing N N 349 
VAL CA  HA   sing N N 350 
VAL C   O    doub N N 351 
VAL C   OXT  sing N N 352 
VAL CB  CG1  sing N N 353 
VAL CB  CG2  sing N N 354 
VAL CB  HB   sing N N 355 
VAL CG1 HG11 sing N N 356 
VAL CG1 HG12 sing N N 357 
VAL CG1 HG13 sing N N 358 
VAL CG2 HG21 sing N N 359 
VAL CG2 HG22 sing N N 360 
VAL CG2 HG23 sing N N 361 
VAL OXT HXT  sing N N 362 
# 
_atom_sites.entry_id                    1BLE 
_atom_sites.fract_transf_matrix[1][1]   0.00454752 
_atom_sites.fract_transf_matrix[1][2]   -0.00434043 
_atom_sites.fract_transf_matrix[1][3]   -0.00692797 
_atom_sites.fract_transf_matrix[2][1]   0.00547021 
_atom_sites.fract_transf_matrix[2][2]   0.00750700 
_atom_sites.fract_transf_matrix[2][3]   -0.00111255 
_atom_sites.fract_transf_matrix[3][1]   0.00607560 
_atom_sites.fract_transf_matrix[3][2]   -0.00351021 
_atom_sites.fract_transf_matrix[3][3]   0.00618721 
_atom_sites.fract_transf_vector[1]      0.147173 
_atom_sites.fract_transf_vector[2]      0.623844 
_atom_sites.fract_transf_vector[3]      0.363162 
# 
loop_
_atom_type.symbol 
C 
N 
O 
S 
# 
loop_
_atom_site.group_PDB 
_atom_site.id 
_atom_site.type_symbol 
_atom_site.label_atom_id 
_atom_site.label_alt_id 
_atom_site.label_comp_id 
_atom_site.label_asym_id 
_atom_site.label_entity_id 
_atom_site.label_seq_id 
_atom_site.pdbx_PDB_ins_code 
_atom_site.Cartn_x 
_atom_site.Cartn_y 
_atom_site.Cartn_z 
_atom_site.occupancy 
_atom_site.B_iso_or_equiv 
_atom_site.pdbx_formal_charge 
_atom_site.auth_seq_id 
_atom_site.auth_comp_id 
_atom_site.auth_asym_id 
_atom_site.auth_atom_id 
_atom_site.pdbx_PDB_model_num 
ATOM   1    N N   . MET A 1 2   ? -11.217 12.867  1.146   1.00 60.11  ? 2   MET A N   1 
ATOM   2    C CA  . MET A 1 2   ? -10.710 12.014  0.049   1.00 56.36  ? 2   MET A CA  1 
ATOM   3    C C   . MET A 1 2   ? -11.202 10.582  0.193   1.00 54.65  ? 2   MET A C   1 
ATOM   4    O O   . MET A 1 2   ? -11.148 9.996   1.283   1.00 55.37  ? 2   MET A O   1 
ATOM   5    C CB  . MET A 1 2   ? -9.177  11.991  0.093   1.00 52.77  ? 2   MET A CB  1 
ATOM   6    C CG  . MET A 1 2   ? -8.534  11.588  -1.168  1.00 52.86  ? 2   MET A CG  1 
ATOM   7    S SD  . MET A 1 2   ? -6.753  11.751  -1.116  1.00 59.57  ? 2   MET A SD  1 
ATOM   8    C CE  . MET A 1 2   ? -6.516  13.474  -1.114  1.00 49.13  ? 2   MET A CE  1 
ATOM   9    N N   . ASN A 1 3   ? -11.645 10.003  -0.914  1.00 53.85  ? 3   ASN A N   1 
ATOM   10   C CA  . ASN A 1 3   ? -12.163 8.632   -0.887  1.00 53.56  ? 3   ASN A CA  1 
ATOM   11   C C   . ASN A 1 3   ? -11.099 7.621   -1.287  1.00 51.48  ? 3   ASN A C   1 
ATOM   12   O O   . ASN A 1 3   ? -10.774 7.480   -2.473  1.00 50.92  ? 3   ASN A O   1 
ATOM   13   C CB  . ASN A 1 3   ? -13.407 8.503   -1.792  1.00 58.51  ? 3   ASN A CB  1 
ATOM   14   C CG  . ASN A 1 3   ? -14.012 7.085   -1.795  1.00 62.84  ? 3   ASN A CG  1 
ATOM   15   O OD1 . ASN A 1 3   ? -14.863 6.790   -2.615  1.00 66.98  ? 3   ASN A OD1 1 
ATOM   16   N ND2 . ASN A 1 3   ? -13.562 6.212   -0.895  1.00 66.34  ? 3   ASN A ND2 1 
ATOM   17   N N   . ILE A 1 4   ? -10.565 6.927   -0.282  1.00 49.02  ? 4   ILE A N   1 
ATOM   18   C CA  . ILE A 1 4   ? -9.522  5.901   -0.435  1.00 48.53  ? 4   ILE A CA  1 
ATOM   19   C C   . ILE A 1 4   ? -10.179 4.535   -0.768  1.00 49.74  ? 4   ILE A C   1 
ATOM   20   O O   . ILE A 1 4   ? -10.758 3.877   0.109   1.00 54.73  ? 4   ILE A O   1 
ATOM   21   C CB  . ILE A 1 4   ? -8.692  5.815   0.872   1.00 46.26  ? 4   ILE A CB  1 
ATOM   22   C CG1 . ILE A 1 4   ? -7.884  7.100   1.044   1.00 46.88  ? 4   ILE A CG1 1 
ATOM   23   C CG2 . ILE A 1 4   ? -7.823  4.613   0.873   1.00 42.92  ? 4   ILE A CG2 1 
ATOM   24   C CD1 . ILE A 1 4   ? -7.074  7.166   2.331   1.00 48.49  ? 4   ILE A CD1 1 
ATOM   25   N N   . VAL A 1 5   ? -10.060 4.087   -2.018  1.00 46.17  ? 5   VAL A N   1 
ATOM   26   C CA  . VAL A 1 5   ? -10.695 2.857   -2.439  1.00 44.61  ? 5   VAL A CA  1 
ATOM   27   C C   . VAL A 1 5   ? -9.914  1.562   -2.212  1.00 46.07  ? 5   VAL A C   1 
ATOM   28   O O   . VAL A 1 5   ? -10.501 0.462   -2.223  1.00 45.87  ? 5   VAL A O   1 
ATOM   29   C CB  . VAL A 1 5   ? -11.163 2.962   -3.918  1.00 43.13  ? 5   VAL A CB  1 
ATOM   30   C CG1 . VAL A 1 5   ? -12.081 4.111   -4.093  1.00 46.93  ? 5   VAL A CG1 1 
ATOM   31   C CG2 . VAL A 1 5   ? -10.017 3.134   -4.838  1.00 41.86  ? 5   VAL A CG2 1 
ATOM   32   N N   . LEU A 1 6   ? -8.601  1.692   -1.986  1.00 46.50  ? 6   LEU A N   1 
ATOM   33   C CA  . LEU A 1 6   ? -7.708  0.531   -1.777  1.00 46.08  ? 6   LEU A CA  1 
ATOM   34   C C   . LEU A 1 6   ? -6.393  1.024   -1.262  1.00 44.72  ? 6   LEU A C   1 
ATOM   35   O O   . LEU A 1 6   ? -5.905  2.008   -1.797  1.00 45.78  ? 6   LEU A O   1 
ATOM   36   C CB  . LEU A 1 6   ? -7.420  -0.159  -3.121  1.00 44.44  ? 6   LEU A CB  1 
ATOM   37   C CG  . LEU A 1 6   ? -6.459  -1.346  -3.190  1.00 42.63  ? 6   LEU A CG  1 
ATOM   38   C CD1 . LEU A 1 6   ? -7.213  -2.600  -2.724  1.00 42.21  ? 6   LEU A CD1 1 
ATOM   39   C CD2 . LEU A 1 6   ? -5.916  -1.490  -4.627  1.00 40.52  ? 6   LEU A CD2 1 
ATOM   40   N N   . ALA A 1 7   ? -5.853  0.387   -0.217  1.00 44.76  ? 7   ALA A N   1 
ATOM   41   C CA  . ALA A 1 7   ? -4.528  0.730   0.339   1.00 44.05  ? 7   ALA A CA  1 
ATOM   42   C C   . ALA A 1 7   ? -3.777  -0.562  0.051   1.00 45.34  ? 7   ALA A C   1 
ATOM   43   O O   . ALA A 1 7   ? -4.196  -1.613  0.510   1.00 49.07  ? 7   ALA A O   1 
ATOM   44   C CB  . ALA A 1 7   ? -4.615  0.980   1.807   1.00 40.52  ? 7   ALA A CB  1 
ATOM   45   N N   . ARG A 1 8   ? -2.716  -0.506  -0.754  1.00 45.93  ? 8   ARG A N   1 
ATOM   46   C CA  . ARG A 1 8   ? -1.978  -1.727  -1.151  1.00 45.50  ? 8   ARG A CA  1 
ATOM   47   C C   . ARG A 1 8   ? -0.513  -1.757  -0.816  1.00 45.34  ? 8   ARG A C   1 
ATOM   48   O O   . ARG A 1 8   ? 0.185   -0.752  -0.986  1.00 45.85  ? 8   ARG A O   1 
ATOM   49   C CB  . ARG A 1 8   ? -2.083  -1.954  -2.674  1.00 47.17  ? 8   ARG A CB  1 
ATOM   50   C CG  . ARG A 1 8   ? -1.280  -3.151  -3.194  1.00 44.61  ? 8   ARG A CG  1 
ATOM   51   C CD  . ARG A 1 8   ? -1.523  -3.404  -4.663  1.00 41.42  ? 8   ARG A CD  1 
ATOM   52   N NE  . ARG A 1 8   ? -1.909  -4.786  -4.852  1.00 44.69  ? 8   ARG A NE  1 
ATOM   53   C CZ  . ARG A 1 8   ? -1.207  -5.693  -5.512  1.00 43.18  ? 8   ARG A CZ  1 
ATOM   54   N NH1 . ARG A 1 8   ? -0.074  -5.398  -6.091  1.00 43.59  ? 8   ARG A NH1 1 
ATOM   55   N NH2 . ARG A 1 8   ? -1.608  -6.936  -5.513  1.00 46.73  ? 8   ARG A NH2 1 
ATOM   56   N N   . ILE A 1 9   ? -0.039  -2.927  -0.401  1.00 43.14  ? 9   ILE A N   1 
ATOM   57   C CA  . ILE A 1 9   ? 1.362   -3.085  -0.098  1.00 43.09  ? 9   ILE A CA  1 
ATOM   58   C C   . ILE A 1 9   ? 1.990   -3.776  -1.284  1.00 46.67  ? 9   ILE A C   1 
ATOM   59   O O   . ILE A 1 9   ? 1.572   -4.860  -1.702  1.00 45.75  ? 9   ILE A O   1 
ATOM   60   C CB  . ILE A 1 9   ? 1.629   -3.932  1.140   1.00 41.87  ? 9   ILE A CB  1 
ATOM   61   C CG1 . ILE A 1 9   ? 1.063   -3.249  2.389   1.00 43.14  ? 9   ILE A CG1 1 
ATOM   62   C CG2 . ILE A 1 9   ? 3.149   -4.156  1.299   1.00 42.08  ? 9   ILE A CG2 1 
ATOM   63   C CD1 . ILE A 1 9   ? 1.324   -4.048  3.653   1.00 42.29  ? 9   ILE A CD1 1 
ATOM   64   N N   . ASP A 1 10  ? 3.039   -3.154  -1.801  1.00 50.74  ? 10  ASP A N   1 
ATOM   65   C CA  . ASP A 1 10  ? 3.739   -3.719  -2.918  1.00 53.50  ? 10  ASP A CA  1 
ATOM   66   C C   . ASP A 1 10  ? 5.101   -3.116  -3.145  1.00 54.85  ? 10  ASP A C   1 
ATOM   67   O O   . ASP A 1 10  ? 5.190   -2.021  -3.655  1.00 55.15  ? 10  ASP A O   1 
ATOM   68   C CB  . ASP A 1 10  ? 2.909   -3.581  -4.170  1.00 56.21  ? 10  ASP A CB  1 
ATOM   69   C CG  . ASP A 1 10  ? 3.275   -4.619  -5.208  1.00 59.29  ? 10  ASP A CG  1 
ATOM   70   O OD1 . ASP A 1 10  ? 4.420   -5.143  -5.176  1.00 61.38  ? 10  ASP A OD1 1 
ATOM   71   O OD2 . ASP A 1 10  ? 2.414   -4.922  -6.058  1.00 59.93  ? 10  ASP A OD2 1 
ATOM   72   N N   . ASP A 1 11  ? 6.134   -3.882  -2.786  1.00 61.92  ? 11  ASP A N   1 
ATOM   73   C CA  . ASP A 1 11  ? 7.579   -3.594  -2.892  1.00 62.05  ? 11  ASP A CA  1 
ATOM   74   C C   . ASP A 1 11  ? 7.949   -3.148  -4.274  1.00 64.77  ? 11  ASP A C   1 
ATOM   75   O O   . ASP A 1 11  ? 8.743   -2.233  -4.387  1.00 66.49  ? 11  ASP A O   1 
ATOM   76   C CB  . ASP A 1 11  ? 8.394   -4.874  -2.645  1.00 62.02  ? 11  ASP A CB  1 
ATOM   77   C CG  . ASP A 1 11  ? 9.175   -4.840  -1.365  1.00 69.64  ? 11  ASP A CG  1 
ATOM   78   O OD1 . ASP A 1 11  ? 9.221   -3.795  -0.696  1.00 75.39  ? 11  ASP A OD1 1 
ATOM   79   O OD2 . ASP A 1 11  ? 9.753   -5.882  -0.997  1.00 76.97  ? 11  ASP A OD2 1 
ATOM   80   N N   . ARG A 1 12  ? 7.421   -3.823  -5.313  1.00 67.51  ? 12  ARG A N   1 
ATOM   81   C CA  . ARG A 1 12  ? 7.707   -3.528  -6.735  1.00 70.56  ? 12  ARG A CA  1 
ATOM   82   C C   . ARG A 1 12  ? 6.952   -2.393  -7.477  1.00 75.64  ? 12  ARG A C   1 
ATOM   83   O O   . ARG A 1 12  ? 7.324   -2.048  -8.613  1.00 77.28  ? 12  ARG A O   1 
ATOM   84   C CB  . ARG A 1 12  ? 7.716   -4.822  -7.560  1.00 66.42  ? 12  ARG A CB  1 
ATOM   85   C CG  . ARG A 1 12  ? 8.948   -5.686  -7.277  0.00 105.67 ? 12  ARG A CG  1 
ATOM   86   C CD  . ARG A 1 12  ? 8.977   -6.993  -8.059  0.00 105.67 ? 12  ARG A CD  1 
ATOM   87   N NE  . ARG A 1 12  ? 10.046  -7.866  -7.572  0.00 105.67 ? 12  ARG A NE  1 
ATOM   88   C CZ  . ARG A 1 12  ? 10.742  -8.719  -8.321  0.00 105.67 ? 12  ARG A CZ  1 
ATOM   89   N NH1 . ARG A 1 12  ? 10.494  -8.827  -9.619  0.00 105.67 ? 12  ARG A NH1 1 
ATOM   90   N NH2 . ARG A 1 12  ? 11.694  -9.458  -7.770  0.00 105.67 ? 12  ARG A NH2 1 
ATOM   91   N N   . PHE A 1 13  ? 5.939   -1.806  -6.810  1.00 81.60  ? 13  PHE A N   1 
ATOM   92   C CA  . PHE A 1 13  ? 5.086   -0.646  -7.243  1.00 86.13  ? 13  PHE A CA  1 
ATOM   93   C C   . PHE A 1 13  ? 4.221   -0.720  -8.511  1.00 90.92  ? 13  PHE A C   1 
ATOM   94   O O   . PHE A 1 13  ? 3.095   -1.261  -8.477  1.00 93.08  ? 13  PHE A O   1 
ATOM   95   C CB  . PHE A 1 13  ? 5.896   0.681   -7.260  1.00 81.48  ? 13  PHE A CB  1 
ATOM   96   C CG  . PHE A 1 13  ? 6.364   1.105   -5.907  1.00 75.38  ? 13  PHE A CG  1 
ATOM   97   C CD1 . PHE A 1 13  ? 5.458   1.548   -4.967  1.00 76.88  ? 13  PHE A CD1 1 
ATOM   98   C CD2 . PHE A 1 13  ? 7.681   0.962   -5.548  1.00 73.67  ? 13  PHE A CD2 1 
ATOM   99   C CE1 . PHE A 1 13  ? 5.849   1.847   -3.690  1.00 75.45  ? 13  PHE A CE1 1 
ATOM   100  C CE2 . PHE A 1 13  ? 8.087   1.259   -4.277  1.00 76.09  ? 13  PHE A CE2 1 
ATOM   101  C CZ  . PHE A 1 13  ? 7.165   1.702   -3.335  1.00 76.63  ? 13  PHE A CZ  1 
ATOM   102  N N   . ILE A 1 14  ? 4.713   -0.050  -9.566  1.00 94.12  ? 14  ILE A N   1 
ATOM   103  C CA  . ILE A 1 14  ? 4.080   0.003   -10.893 1.00 94.13  ? 14  ILE A CA  1 
ATOM   104  C C   . ILE A 1 14  ? 4.759   -1.041  -11.796 1.00 97.91  ? 14  ILE A C   1 
ATOM   105  O O   . ILE A 1 14  ? 5.555   -0.693  -12.693 1.00 99.75  ? 14  ILE A O   1 
ATOM   106  C CB  . ILE A 1 14  ? 4.231   1.391   -11.531 1.00 89.95  ? 14  ILE A CB  1 
ATOM   107  C CG1 . ILE A 1 14  ? 4.280   2.479   -10.440 1.00 88.00  ? 14  ILE A CG1 1 
ATOM   108  C CG2 . ILE A 1 14  ? 3.103   1.612   -12.505 1.00 88.01  ? 14  ILE A CG2 1 
ATOM   109  C CD1 . ILE A 1 14  ? 3.065   3.359   -10.325 1.00 81.47  ? 14  ILE A CD1 1 
ATOM   110  N N   . HIS A 1 15  ? 4.487   -2.315  -11.489 1.00 99.55  ? 15  HIS A N   1 
ATOM   111  C CA  . HIS A 1 15  ? 5.011   -3.469  -12.206 1.00 101.97 ? 15  HIS A CA  1 
ATOM   112  C C   . HIS A 1 15  ? 3.868   -4.168  -12.966 1.00 101.30 ? 15  HIS A C   1 
ATOM   113  O O   . HIS A 1 15  ? 2.769   -4.346  -12.423 1.00 103.28 ? 15  HIS A O   1 
ATOM   114  C CB  . HIS A 1 15  ? 5.666   -4.452  -11.211 1.00 105.24 ? 15  HIS A CB  1 
ATOM   115  C CG  . HIS A 1 15  ? 5.989   -5.793  -11.798 1.00 110.19 ? 15  HIS A CG  1 
ATOM   116  N ND1 . HIS A 1 15  ? 5.022   -6.631  -12.334 1.00 113.00 ? 15  HIS A ND1 1 
ATOM   117  C CD2 . HIS A 1 15  ? 7.166   -6.442  -11.965 1.00 111.73 ? 15  HIS A CD2 1 
ATOM   118  C CE1 . HIS A 1 15  ? 5.590   -7.720  -12.805 1.00 114.17 ? 15  HIS A CE1 1 
ATOM   119  N NE2 . HIS A 1 15  ? 6.897   -7.634  -12.593 1.00 113.93 ? 15  HIS A NE2 1 
ATOM   120  N N   . GLY A 1 16  ? 4.142   -4.568  -14.212 1.00 97.57  ? 16  GLY A N   1 
ATOM   121  C CA  . GLY A 1 16  ? 3.161   -5.276  -15.019 1.00 92.32  ? 16  GLY A CA  1 
ATOM   122  C C   . GLY A 1 16  ? 1.767   -4.679  -15.109 1.00 88.91  ? 16  GLY A C   1 
ATOM   123  O O   . GLY A 1 16  ? 1.563   -3.490  -14.853 1.00 89.81  ? 16  GLY A O   1 
ATOM   124  N N   . GLN A 1 17  ? 0.795   -5.515  -15.447 1.00 84.46  ? 17  GLN A N   1 
ATOM   125  C CA  . GLN A 1 17  ? -0.577  -5.054  -15.582 1.00 79.40  ? 17  GLN A CA  1 
ATOM   126  C C   . GLN A 1 17  ? -1.336  -5.088  -14.270 1.00 75.00  ? 17  GLN A C   1 
ATOM   127  O O   . GLN A 1 17  ? -2.488  -4.691  -14.227 1.00 76.76  ? 17  GLN A O   1 
ATOM   128  C CB  . GLN A 1 17  ? -1.329  -5.901  -16.617 1.00 82.86  ? 17  GLN A CB  1 
ATOM   129  C CG  . GLN A 1 17  ? -0.718  -5.923  -18.009 0.00 105.67 ? 17  GLN A CG  1 
ATOM   130  C CD  . GLN A 1 17  ? -1.443  -6.873  -18.948 0.00 105.67 ? 17  GLN A CD  1 
ATOM   131  O OE1 . GLN A 1 17  ? -2.339  -7.610  -18.535 0.00 105.67 ? 17  GLN A OE1 1 
ATOM   132  N NE2 . GLN A 1 17  ? -1.053  -6.864  -20.218 0.00 105.67 ? 17  GLN A NE2 1 
ATOM   133  N N   . ILE A 1 18  ? -0.696  -5.557  -13.205 1.00 67.90  ? 18  ILE A N   1 
ATOM   134  C CA  . ILE A 1 18  ? -1.338  -5.644  -11.908 1.00 62.16  ? 18  ILE A CA  1 
ATOM   135  C C   . ILE A 1 18  ? -2.064  -4.365  -11.461 1.00 60.94  ? 18  ILE A C   1 
ATOM   136  O O   . ILE A 1 18  ? -3.295  -4.319  -11.379 1.00 60.27  ? 18  ILE A O   1 
ATOM   137  C CB  . ILE A 1 18  ? -0.323  -6.024  -10.809 1.00 62.38  ? 18  ILE A CB  1 
ATOM   138  C CG1 . ILE A 1 18  ? 0.572   -7.180  -11.270 1.00 65.66  ? 18  ILE A CG1 1 
ATOM   139  C CG2 . ILE A 1 18  ? -1.053  -6.441  -9.534  1.00 60.69  ? 18  ILE A CG2 1 
ATOM   140  C CD1 . ILE A 1 18  ? -0.031  -8.577  -11.127 1.00 66.92  ? 18  ILE A CD1 1 
ATOM   141  N N   . LEU A 1 19  ? -1.315  -3.312  -11.177 1.00 59.18  ? 19  LEU A N   1 
ATOM   142  C CA  . LEU A 1 19  ? -1.927  -2.081  -10.697 1.00 58.05  ? 19  LEU A CA  1 
ATOM   143  C C   . LEU A 1 19  ? -3.043  -1.515  -11.594 1.00 57.97  ? 19  LEU A C   1 
ATOM   144  O O   . LEU A 1 19  ? -4.049  -1.018  -11.112 1.00 58.06  ? 19  LEU A O   1 
ATOM   145  C CB  . LEU A 1 19  ? -0.848  -1.043  -10.461 1.00 55.73  ? 19  LEU A CB  1 
ATOM   146  C CG  . LEU A 1 19  ? -1.167  -0.070  -9.337  1.00 56.09  ? 19  LEU A CG  1 
ATOM   147  C CD1 . LEU A 1 19  ? -0.942  -0.668  -7.971  1.00 48.68  ? 19  LEU A CD1 1 
ATOM   148  C CD2 . LEU A 1 19  ? -0.196  1.056   -9.564  1.00 59.72  ? 19  LEU A CD2 1 
ATOM   149  N N   . THR A 1 20  ? -2.861  -1.632  -12.899 1.00 58.36  ? 20  THR A N   1 
ATOM   150  C CA  . THR A 1 20  ? -3.823  -1.150  -13.884 1.00 58.49  ? 20  THR A CA  1 
ATOM   151  C C   . THR A 1 20  ? -5.161  -1.851  -13.681 1.00 60.97  ? 20  THR A C   1 
ATOM   152  O O   . THR A 1 20  ? -6.233  -1.243  -13.744 1.00 63.09  ? 20  THR A O   1 
ATOM   153  C CB  . THR A 1 20  ? -3.313  -1.449  -15.330 1.00 58.58  ? 20  THR A CB  1 
ATOM   154  O OG1 . THR A 1 20  ? -2.095  -0.732  -15.571 1.00 58.92  ? 20  THR A OG1 1 
ATOM   155  C CG2 . THR A 1 20  ? -4.334  -1.056  -16.386 1.00 55.64  ? 20  THR A CG2 1 
ATOM   156  N N   . ARG A 1 21  ? -5.099  -3.134  -13.382 1.00 61.42  ? 21  ARG A N   1 
ATOM   157  C CA  . ARG A 1 21  ? -6.316  -3.885  -13.194 1.00 60.65  ? 21  ARG A CA  1 
ATOM   158  C C   . ARG A 1 21  ? -7.085  -3.396  -11.986 1.00 58.72  ? 21  ARG A C   1 
ATOM   159  O O   . ARG A 1 21  ? -8.300  -3.290  -12.046 1.00 57.72  ? 21  ARG A O   1 
ATOM   160  C CB  . ARG A 1 21  ? -6.012  -5.382  -13.142 1.00 65.67  ? 21  ARG A CB  1 
ATOM   161  C CG  . ARG A 1 21  ? -5.238  -5.866  -14.402 1.00 75.06  ? 21  ARG A CG  1 
ATOM   162  C CD  . ARG A 1 21  ? -5.708  -7.216  -14.930 1.00 81.87  ? 21  ARG A CD  1 
ATOM   163  N NE  . ARG A 1 21  ? -7.145  -7.384  -14.700 1.00 87.52  ? 21  ARG A NE  1 
ATOM   164  C CZ  . ARG A 1 21  ? -7.719  -8.503  -14.250 1.00 90.92  ? 21  ARG A CZ  1 
ATOM   165  N NH1 . ARG A 1 21  ? -6.983  -9.582  -13.990 1.00 90.81  ? 21  ARG A NH1 1 
ATOM   166  N NH2 . ARG A 1 21  ? -9.020  -8.525  -13.986 1.00 92.17  ? 21  ARG A NH2 1 
ATOM   167  N N   . TRP A 1 22  ? -6.387  -3.012  -10.917 1.00 58.18  ? 22  TRP A N   1 
ATOM   168  C CA  . TRP A 1 22  ? -7.076  -2.526  -9.724  1.00 55.63  ? 22  TRP A CA  1 
ATOM   169  C C   . TRP A 1 22  ? -7.715  -1.206  -10.037 1.00 57.75  ? 22  TRP A C   1 
ATOM   170  O O   . TRP A 1 22  ? -8.847  -0.949  -9.640  1.00 58.45  ? 22  TRP A O   1 
ATOM   171  C CB  . TRP A 1 22  ? -6.131  -2.383  -8.539  1.00 48.10  ? 22  TRP A CB  1 
ATOM   172  C CG  . TRP A 1 22  ? -5.867  -3.673  -7.923  1.00 46.40  ? 22  TRP A CG  1 
ATOM   173  C CD1 . TRP A 1 22  ? -4.787  -4.470  -8.144  1.00 46.42  ? 22  TRP A CD1 1 
ATOM   174  C CD2 . TRP A 1 22  ? -6.738  -4.401  -7.048  1.00 45.67  ? 22  TRP A CD2 1 
ATOM   175  N NE1 . TRP A 1 22  ? -4.947  -5.662  -7.481  1.00 46.30  ? 22  TRP A NE1 1 
ATOM   176  C CE2 . TRP A 1 22  ? -6.145  -5.659  -6.804  1.00 47.28  ? 22  TRP A CE2 1 
ATOM   177  C CE3 . TRP A 1 22  ? -7.984  -4.121  -6.452  1.00 47.76  ? 22  TRP A CE3 1 
ATOM   178  C CZ2 . TRP A 1 22  ? -6.725  -6.638  -5.996  1.00 48.69  ? 22  TRP A CZ2 1 
ATOM   179  C CZ3 . TRP A 1 22  ? -8.572  -5.104  -5.630  1.00 47.77  ? 22  TRP A CZ3 1 
ATOM   180  C CH2 . TRP A 1 22  ? -7.946  -6.353  -5.421  1.00 47.23  ? 22  TRP A CH2 1 
ATOM   181  N N   . ILE A 1 23  ? -6.999  -0.405  -10.806 1.00 58.37  ? 23  ILE A N   1 
ATOM   182  C CA  . ILE A 1 23  ? -7.489  0.899   -11.181 1.00 60.78  ? 23  ILE A CA  1 
ATOM   183  C C   . ILE A 1 23  ? -8.777  0.814   -11.994 1.00 62.10  ? 23  ILE A C   1 
ATOM   184  O O   . ILE A 1 23  ? -9.801  1.365   -11.592 1.00 61.76  ? 23  ILE A O   1 
ATOM   185  C CB  . ILE A 1 23  ? -6.396  1.685   -11.950 1.00 62.40  ? 23  ILE A CB  1 
ATOM   186  C CG1 . ILE A 1 23  ? -5.287  2.114   -10.973 1.00 63.33  ? 23  ILE A CG1 1 
ATOM   187  C CG2 . ILE A 1 23  ? -6.992  2.887   -12.673 1.00 61.07  ? 23  ILE A CG2 1 
ATOM   188  C CD1 . ILE A 1 23  ? -3.932  2.228   -11.605 1.00 59.28  ? 23  ILE A CD1 1 
ATOM   189  N N   . LYS A 1 24  ? -8.753  0.071   -13.106 1.00 62.99  ? 24  LYS A N   1 
ATOM   190  C CA  . LYS A 1 24  ? -9.955  -0.026  -13.965 1.00 61.70  ? 24  LYS A CA  1 
ATOM   191  C C   . LYS A 1 24  ? -11.172 -0.473  -13.157 1.00 57.60  ? 24  LYS A C   1 
ATOM   192  O O   . LYS A 1 24  ? -12.281 0.021   -13.345 1.00 61.49  ? 24  LYS A O   1 
ATOM   193  C CB  . LYS A 1 24  ? -9.737  -0.954  -15.199 1.00 56.42  ? 24  LYS A CB  1 
ATOM   194  C CG  . LYS A 1 24  ? -8.586  -0.546  -16.113 0.00 105.67 ? 24  LYS A CG  1 
ATOM   195  C CD  . LYS A 1 24  ? -8.819  0.815   -16.750 0.00 105.67 ? 24  LYS A CD  1 
ATOM   196  C CE  . LYS A 1 24  ? -7.664  1.200   -17.660 0.00 105.67 ? 24  LYS A CE  1 
ATOM   197  N NZ  . LYS A 1 24  ? -7.855  2.539   -18.280 0.00 105.67 ? 24  LYS A NZ  1 
ATOM   198  N N   . VAL A 1 25  ? -10.902 -1.272  -12.148 1.00 52.37  ? 25  VAL A N   1 
ATOM   199  C CA  . VAL A 1 25  ? -11.942 -1.836  -11.349 1.00 51.77  ? 25  VAL A CA  1 
ATOM   200  C C   . VAL A 1 25  ? -12.538 -0.881  -10.348 1.00 52.90  ? 25  VAL A C   1 
ATOM   201  O O   . VAL A 1 25  ? -13.726 -0.900  -10.110 1.00 55.00  ? 25  VAL A O   1 
ATOM   202  C CB  . VAL A 1 25  ? -11.462 -3.168  -10.718 1.00 51.85  ? 25  VAL A CB  1 
ATOM   203  C CG1 . VAL A 1 25  ? -12.450 -3.701  -9.789  1.00 52.95  ? 25  VAL A CG1 1 
ATOM   204  C CG2 . VAL A 1 25  ? -11.267 -4.195  -11.800 1.00 50.55  ? 25  VAL A CG2 1 
ATOM   205  N N   . HIS A 1 26  ? -11.732 -0.031  -9.750  1.00 54.97  ? 26  HIS A N   1 
ATOM   206  C CA  . HIS A 1 26  ? -12.270 0.918   -8.782  1.00 55.89  ? 26  HIS A CA  1 
ATOM   207  C C   . HIS A 1 26  ? -12.545 2.276   -9.462  1.00 59.92  ? 26  HIS A C   1 
ATOM   208  O O   . HIS A 1 26  ? -13.206 3.140   -8.875  1.00 62.58  ? 26  HIS A O   1 
ATOM   209  C CB  . HIS A 1 26  ? -11.282 1.156   -7.640  1.00 51.23  ? 26  HIS A CB  1 
ATOM   210  C CG  . HIS A 1 26  ? -11.293 0.108   -6.587  1.00 51.78  ? 26  HIS A CG  1 
ATOM   211  N ND1 . HIS A 1 26  ? -12.366 -0.095  -5.746  1.00 54.43  ? 26  HIS A ND1 1 
ATOM   212  C CD2 . HIS A 1 26  ? -10.343 -0.765  -6.191  1.00 53.84  ? 26  HIS A CD2 1 
ATOM   213  C CE1 . HIS A 1 26  ? -12.077 -1.043  -4.876  1.00 51.32  ? 26  HIS A CE1 1 
ATOM   214  N NE2 . HIS A 1 26  ? -10.853 -1.468  -5.124  1.00 55.39  ? 26  HIS A NE2 1 
ATOM   215  N N   . ALA A 1 27  ? -12.047 2.461   -10.686 1.00 60.19  ? 27  ALA A N   1 
ATOM   216  C CA  . ALA A 1 27  ? -12.190 3.733   -11.379 1.00 60.03  ? 27  ALA A CA  1 
ATOM   217  C C   . ALA A 1 27  ? -11.585 4.856   -10.475 1.00 61.67  ? 27  ALA A C   1 
ATOM   218  O O   . ALA A 1 27  ? -12.303 5.712   -9.944  1.00 64.28  ? 27  ALA A O   1 
ATOM   219  C CB  . ALA A 1 27  ? -13.650 3.988   -11.695 1.00 57.60  ? 27  ALA A CB  1 
ATOM   220  N N   . ALA A 1 28  ? -10.268 4.824   -10.271 1.00 59.34  ? 28  ALA A N   1 
ATOM   221  C CA  . ALA A 1 28  ? -9.608  5.815   -9.430  1.00 58.02  ? 28  ALA A CA  1 
ATOM   222  C C   . ALA A 1 28  ? -9.004  6.887   -10.297 1.00 58.26  ? 28  ALA A C   1 
ATOM   223  O O   . ALA A 1 28  ? -8.600  6.608   -11.416 1.00 57.98  ? 28  ALA A O   1 
ATOM   224  C CB  . ALA A 1 28  ? -8.556  5.164   -8.595  1.00 57.50  ? 28  ALA A CB  1 
ATOM   225  N N   . ASP A 1 29  ? -8.955  8.110   -9.776  1.00 60.30  ? 29  ASP A N   1 
ATOM   226  C CA  . ASP A 1 29  ? -8.427  9.247   -10.516 1.00 66.06  ? 29  ASP A CA  1 
ATOM   227  C C   . ASP A 1 29  ? -6.900  9.268   -10.373 1.00 68.25  ? 29  ASP A C   1 
ATOM   228  O O   . ASP A 1 29  ? -6.154  9.459   -11.356 1.00 69.22  ? 29  ASP A O   1 
ATOM   229  C CB  . ASP A 1 29  ? -8.998  10.578  -9.968  1.00 71.39  ? 29  ASP A CB  1 
ATOM   230  C CG  . ASP A 1 29  ? -10.555 10.576  -9.790  1.00 76.56  ? 29  ASP A CG  1 
ATOM   231  O OD1 . ASP A 1 29  ? -11.304 10.122  -10.688 1.00 79.46  ? 29  ASP A OD1 1 
ATOM   232  O OD2 . ASP A 1 29  ? -11.047 11.093  -8.755  1.00 79.30  ? 29  ASP A OD2 1 
ATOM   233  N N   . ARG A 1 30  ? -6.444  8.987   -9.155  1.00 67.83  ? 30  ARG A N   1 
ATOM   234  C CA  . ARG A 1 30  ? -5.020  9.022   -8.834  1.00 67.01  ? 30  ARG A CA  1 
ATOM   235  C C   . ARG A 1 30  ? -4.427  7.892   -7.998  1.00 63.54  ? 30  ARG A C   1 
ATOM   236  O O   . ARG A 1 30  ? -5.132  7.262   -7.217  1.00 62.18  ? 30  ARG A O   1 
ATOM   237  C CB  . ARG A 1 30  ? -4.728  10.329  -8.124  1.00 69.17  ? 30  ARG A CB  1 
ATOM   238  C CG  . ARG A 1 30  ? -5.700  10.621  -7.031  1.00 69.59  ? 30  ARG A CG  1 
ATOM   239  C CD  . ARG A 1 30  ? -5.611  12.093  -6.664  1.00 80.02  ? 30  ARG A CD  1 
ATOM   240  N NE  . ARG A 1 30  ? -6.150  13.012  -7.682  1.00 80.66  ? 30  ARG A NE  1 
ATOM   241  C CZ  . ARG A 1 30  ? -5.761  14.283  -7.810  1.00 82.14  ? 30  ARG A CZ  1 
ATOM   242  N NH1 . ARG A 1 30  ? -4.815  14.773  -6.997  1.00 80.82  ? 30  ARG A NH1 1 
ATOM   243  N NH2 . ARG A 1 30  ? -6.364  15.087  -8.688  1.00 81.62  ? 30  ARG A NH2 1 
ATOM   244  N N   . ILE A 1 31  ? -3.117  7.679   -8.161  1.00 58.76  ? 31  ILE A N   1 
ATOM   245  C CA  . ILE A 1 31  ? -2.347  6.682   -7.432  1.00 53.43  ? 31  ILE A CA  1 
ATOM   246  C C   . ILE A 1 31  ? -1.311  7.442   -6.632  1.00 51.25  ? 31  ILE A C   1 
ATOM   247  O O   . ILE A 1 31  ? -0.534  8.204   -7.181  1.00 49.63  ? 31  ILE A O   1 
ATOM   248  C CB  . ILE A 1 31  ? -1.584  5.760   -8.370  1.00 53.64  ? 31  ILE A CB  1 
ATOM   249  C CG1 . ILE A 1 31  ? -2.550  4.909   -9.127  1.00 55.75  ? 31  ILE A CG1 1 
ATOM   250  C CG2 . ILE A 1 31  ? -0.698  4.792   -7.606  1.00 52.29  ? 31  ILE A CG2 1 
ATOM   251  C CD1 . ILE A 1 31  ? -1.817  3.963   -10.010 1.00 64.17  ? 31  ILE A CD1 1 
ATOM   252  N N   . ILE A 1 32  ? -1.272  7.229   -5.335  1.00 48.89  ? 32  ILE A N   1 
ATOM   253  C CA  . ILE A 1 32  ? -0.294  7.928   -4.552  1.00 49.46  ? 32  ILE A CA  1 
ATOM   254  C C   . ILE A 1 32  ? 0.587   6.937   -3.809  1.00 50.08  ? 32  ILE A C   1 
ATOM   255  O O   . ILE A 1 32  ? 0.091   6.013   -3.161  1.00 51.81  ? 32  ILE A O   1 
ATOM   256  C CB  . ILE A 1 32  ? -0.982  8.861   -3.558  1.00 48.40  ? 32  ILE A CB  1 
ATOM   257  C CG1 . ILE A 1 32  ? -1.858  9.852   -4.306  1.00 50.68  ? 32  ILE A CG1 1 
ATOM   258  C CG2 . ILE A 1 32  ? 0.036   9.596   -2.737  1.00 44.16  ? 32  ILE A CG2 1 
ATOM   259  C CD1 . ILE A 1 32  ? -2.944  10.432  -3.446  1.00 55.90  ? 32  ILE A CD1 1 
ATOM   260  N N   . VAL A 1 33  ? 1.898   7.094   -3.953  1.00 50.45  ? 33  VAL A N   1 
ATOM   261  C CA  . VAL A 1 33  ? 2.847   6.224   -3.234  1.00 48.93  ? 33  VAL A CA  1 
ATOM   262  C C   . VAL A 1 33  ? 3.152   6.957   -1.932  1.00 48.02  ? 33  VAL A C   1 
ATOM   263  O O   . VAL A 1 33  ? 3.517   8.141   -1.933  1.00 48.04  ? 33  VAL A O   1 
ATOM   264  C CB  . VAL A 1 33  ? 4.151   5.965   -4.056  1.00 45.60  ? 33  VAL A CB  1 
ATOM   265  C CG1 . VAL A 1 33  ? 5.213   5.327   -3.204  1.00 44.96  ? 33  VAL A CG1 1 
ATOM   266  C CG2 . VAL A 1 33  ? 3.848   5.034   -5.169  1.00 42.42  ? 33  VAL A CG2 1 
ATOM   267  N N   . VAL A 1 34  ? 2.892   6.290   -0.818  1.00 46.77  ? 34  VAL A N   1 
ATOM   268  C CA  . VAL A 1 34  ? 3.108   6.910   0.491   1.00 45.56  ? 34  VAL A CA  1 
ATOM   269  C C   . VAL A 1 34  ? 4.342   6.255   1.126   1.00 46.06  ? 34  VAL A C   1 
ATOM   270  O O   . VAL A 1 34  ? 4.353   5.057   1.392   1.00 47.32  ? 34  VAL A O   1 
ATOM   271  C CB  . VAL A 1 34  ? 1.833   6.737   1.389   1.00 43.40  ? 34  VAL A CB  1 
ATOM   272  C CG1 . VAL A 1 34  ? 1.945   7.510   2.655   1.00 43.16  ? 34  VAL A CG1 1 
ATOM   273  C CG2 . VAL A 1 34  ? 0.580   7.177   0.639   1.00 40.52  ? 34  VAL A CG2 1 
ATOM   274  N N   . SER A 1 35  ? 5.409   7.026   1.292   1.00 46.56  ? 35  SER A N   1 
ATOM   275  C CA  . SER A 1 35  ? 6.648   6.503   1.879   1.00 49.27  ? 35  SER A CA  1 
ATOM   276  C C   . SER A 1 35  ? 7.577   7.650   2.112   1.00 51.35  ? 35  SER A C   1 
ATOM   277  O O   . SER A 1 35  ? 7.810   8.404   1.197   1.00 52.07  ? 35  SER A O   1 
ATOM   278  C CB  . SER A 1 35  ? 7.336   5.502   0.943   1.00 47.75  ? 35  SER A CB  1 
ATOM   279  O OG  . SER A 1 35  ? 8.730   5.407   1.236   1.00 42.59  ? 35  SER A OG  1 
ATOM   280  N N   . ASP A 1 36  ? 8.134   7.768   3.320   1.00 56.93  ? 36  ASP A N   1 
ATOM   281  C CA  . ASP A 1 36  ? 9.065   8.863   3.635   1.00 58.74  ? 36  ASP A CA  1 
ATOM   282  C C   . ASP A 1 36  ? 10.381  8.710   2.867   1.00 60.81  ? 36  ASP A C   1 
ATOM   283  O O   . ASP A 1 36  ? 10.834  9.661   2.251   1.00 63.03  ? 36  ASP A O   1 
ATOM   284  C CB  . ASP A 1 36  ? 9.330   8.968   5.142   1.00 57.87  ? 36  ASP A CB  1 
ATOM   285  C CG  . ASP A 1 36  ? 8.130   9.519   5.933   1.00 58.16  ? 36  ASP A CG  1 
ATOM   286  O OD1 . ASP A 1 36  ? 7.018   8.946   5.847   1.00 55.65  ? 36  ASP A OD1 1 
ATOM   287  O OD2 . ASP A 1 36  ? 8.316   10.515  6.668   1.00 57.05  ? 36  ASP A OD2 1 
ATOM   288  N N   . ASP A 1 37  ? 10.920  7.491   2.811   1.00 62.55  ? 37  ASP A N   1 
ATOM   289  C CA  . ASP A 1 37  ? 12.178  7.199   2.111   1.00 64.86  ? 37  ASP A CA  1 
ATOM   290  C C   . ASP A 1 37  ? 12.105  7.587   0.623   1.00 62.69  ? 37  ASP A C   1 
ATOM   291  O O   . ASP A 1 37  ? 12.931  8.323   0.114   1.00 63.05  ? 37  ASP A O   1 
ATOM   292  C CB  . ASP A 1 37  ? 12.508  5.687   2.199   1.00 74.86  ? 37  ASP A CB  1 
ATOM   293  C CG  . ASP A 1 37  ? 12.830  5.196   3.631   1.00 82.16  ? 37  ASP A CG  1 
ATOM   294  O OD1 . ASP A 1 37  ? 12.036  5.449   4.575   1.00 88.81  ? 37  ASP A OD1 1 
ATOM   295  O OD2 . ASP A 1 37  ? 13.864  4.494   3.797   1.00 86.03  ? 37  ASP A OD2 1 
ATOM   296  N N   . ILE A 1 38  ? 11.118  7.048   -0.072  1.00 61.28  ? 38  ILE A N   1 
ATOM   297  C CA  . ILE A 1 38  ? 10.899  7.291   -1.492  1.00 57.99  ? 38  ILE A CA  1 
ATOM   298  C C   . ILE A 1 38  ? 10.608  8.773   -1.813  1.00 59.03  ? 38  ILE A C   1 
ATOM   299  O O   . ILE A 1 38  ? 10.897  9.250   -2.899  1.00 61.00  ? 38  ILE A O   1 
ATOM   300  C CB  . ILE A 1 38  ? 9.710   6.396   -1.976  1.00 55.84  ? 38  ILE A CB  1 
ATOM   301  C CG1 . ILE A 1 38  ? 10.116  4.922   -2.023  1.00 54.28  ? 38  ILE A CG1 1 
ATOM   302  C CG2 . ILE A 1 38  ? 9.187   6.834   -3.309  1.00 55.30  ? 38  ILE A CG2 1 
ATOM   303  C CD1 . ILE A 1 38  ? 8.954   3.947   -2.088  1.00 50.31  ? 38  ILE A CD1 1 
ATOM   304  N N   . ALA A 1 39  ? 10.095  9.518   -0.854  1.00 59.85  ? 39  ALA A N   1 
ATOM   305  C CA  . ALA A 1 39  ? 9.739   10.914  -1.098  1.00 59.87  ? 39  ALA A CA  1 
ATOM   306  C C   . ALA A 1 39  ? 10.889  11.863  -0.995  1.00 61.38  ? 39  ALA A C   1 
ATOM   307  O O   . ALA A 1 39  ? 10.776  12.995  -1.437  1.00 63.68  ? 39  ALA A O   1 
ATOM   308  C CB  . ALA A 1 39  ? 8.650   11.343  -0.139  1.00 62.05  ? 39  ALA A CB  1 
ATOM   309  N N   . GLN A 1 40  ? 11.923  11.460  -0.272  1.00 61.91  ? 40  GLN A N   1 
ATOM   310  C CA  . GLN A 1 40  ? 13.122  12.274  -0.107  1.00 61.18  ? 40  GLN A CA  1 
ATOM   311  C C   . GLN A 1 40  ? 14.238  11.777  -1.039  1.00 61.84  ? 40  GLN A C   1 
ATOM   312  O O   . GLN A 1 40  ? 15.321  12.368  -1.077  1.00 66.84  ? 40  GLN A O   1 
ATOM   313  C CB  . GLN A 1 40  ? 13.632  12.214  1.343   1.00 59.09  ? 40  GLN A CB  1 
ATOM   314  C CG  . GLN A 1 40  ? 12.723  12.832  2.392   0.00 105.67 ? 40  GLN A CG  1 
ATOM   315  C CD  . GLN A 1 40  ? 13.359  12.844  3.775   0.00 105.67 ? 40  GLN A CD  1 
ATOM   316  O OE1 . GLN A 1 40  ? 14.528  12.488  3.941   0.00 105.67 ? 40  GLN A OE1 1 
ATOM   317  N NE2 . GLN A 1 40  ? 12.590  13.259  4.774   0.00 105.67 ? 40  GLN A NE2 1 
ATOM   318  N N   . ASP A 1 41  ? 13.994  10.696  -1.777  1.00 59.47  ? 41  ASP A N   1 
ATOM   319  C CA  . ASP A 1 41  ? 15.021  10.147  -2.641  1.00 59.08  ? 41  ASP A CA  1 
ATOM   320  C C   . ASP A 1 41  ? 14.701  10.462  -4.064  1.00 59.88  ? 41  ASP A C   1 
ATOM   321  O O   . ASP A 1 41  ? 13.940  9.756   -4.701  1.00 57.10  ? 41  ASP A O   1 
ATOM   322  C CB  . ASP A 1 41  ? 15.138  8.637   -2.444  1.00 60.31  ? 41  ASP A CB  1 
ATOM   323  C CG  . ASP A 1 41  ? 16.455  8.060   -2.992  1.00 64.37  ? 41  ASP A CG  1 
ATOM   324  O OD1 . ASP A 1 41  ? 16.726  8.141   -4.215  1.00 63.94  ? 41  ASP A OD1 1 
ATOM   325  O OD2 . ASP A 1 41  ? 17.224  7.504   -2.172  1.00 68.54  ? 41  ASP A OD2 1 
ATOM   326  N N   . GLU A 1 42  ? 15.337  11.511  -4.566  1.00 65.36  ? 42  GLU A N   1 
ATOM   327  C CA  . GLU A 1 42  ? 15.155  11.990  -5.943  1.00 68.50  ? 42  GLU A CA  1 
ATOM   328  C C   . GLU A 1 42  ? 15.278  10.925  -7.058  1.00 68.71  ? 42  GLU A C   1 
ATOM   329  O O   . GLU A 1 42  ? 14.518  10.925  -8.022  1.00 73.20  ? 42  GLU A O   1 
ATOM   330  C CB  . GLU A 1 42  ? 16.094  13.177  -6.210  1.00 68.89  ? 42  GLU A CB  1 
ATOM   331  C CG  . GLU A 1 42  ? 17.545  12.962  -5.815  0.00 105.67 ? 42  GLU A CG  1 
ATOM   332  C CD  . GLU A 1 42  ? 18.362  14.234  -5.941  0.00 105.67 ? 42  GLU A CD  1 
ATOM   333  O OE1 . GLU A 1 42  ? 18.708  14.608  -7.083  0.00 105.67 ? 42  GLU A OE1 1 
ATOM   334  O OE2 . GLU A 1 42  ? 18.643  14.869  -4.903  0.00 105.67 ? 42  GLU A OE2 1 
ATOM   335  N N   . MET A 1 43  ? 16.212  10.009  -6.916  1.00 66.31  ? 43  MET A N   1 
ATOM   336  C CA  . MET A 1 43  ? 16.394  8.954   -7.899  1.00 66.17  ? 43  MET A CA  1 
ATOM   337  C C   . MET A 1 43  ? 15.308  7.884   -7.836  1.00 65.94  ? 43  MET A C   1 
ATOM   338  O O   . MET A 1 43  ? 15.163  7.078   -8.756  1.00 70.11  ? 43  MET A O   1 
ATOM   339  C CB  . MET A 1 43  ? 17.764  8.292   -7.678  1.00 67.08  ? 43  MET A CB  1 
ATOM   340  C CG  . MET A 1 43  ? 17.903  6.888   -8.187  1.00 62.79  ? 43  MET A CG  1 
ATOM   341  S SD  . MET A 1 43  ? 19.372  6.694   -9.093  1.00 63.33  ? 43  MET A SD  1 
ATOM   342  C CE  . MET A 1 43  ? 18.806  5.656   -10.459 1.00 61.08  ? 43  MET A CE  1 
ATOM   343  N N   . ARG A 1 44  ? 14.532  7.868   -6.768  1.00 63.06  ? 44  ARG A N   1 
ATOM   344  C CA  . ARG A 1 44  ? 13.521  6.845   -6.624  1.00 58.56  ? 44  ARG A CA  1 
ATOM   345  C C   . ARG A 1 44  ? 12.092  7.380   -6.776  1.00 56.25  ? 44  ARG A C   1 
ATOM   346  O O   . ARG A 1 44  ? 11.206  6.644   -7.209  1.00 52.34  ? 44  ARG A O   1 
ATOM   347  C CB  . ARG A 1 44  ? 13.758  6.156   -5.283  1.00 59.80  ? 44  ARG A CB  1 
ATOM   348  C CG  . ARG A 1 44  ? 13.493  4.679   -5.237  1.00 62.05  ? 44  ARG A CG  1 
ATOM   349  C CD  . ARG A 1 44  ? 13.983  4.077   -3.902  1.00 62.94  ? 44  ARG A CD  1 
ATOM   350  N NE  . ARG A 1 44  ? 13.110  2.985   -3.441  1.00 62.90  ? 44  ARG A NE  1 
ATOM   351  C CZ  . ARG A 1 44  ? 12.778  2.778   -2.167  1.00 62.56  ? 44  ARG A CZ  1 
ATOM   352  N NH1 . ARG A 1 44  ? 13.247  3.573   -1.205  1.00 62.87  ? 44  ARG A NH1 1 
ATOM   353  N NH2 . ARG A 1 44  ? 11.899  1.831   -1.871  1.00 65.96  ? 44  ARG A NH2 1 
ATOM   354  N N   . LYS A 1 45  ? 11.848  8.648   -6.427  1.00 56.58  ? 45  LYS A N   1 
ATOM   355  C CA  . LYS A 1 45  ? 10.497  9.204   -6.584  1.00 57.60  ? 45  LYS A CA  1 
ATOM   356  C C   . LYS A 1 45  ? 10.187  9.196   -8.092  1.00 60.34  ? 45  LYS A C   1 
ATOM   357  O O   . LYS A 1 45  ? 9.237   8.544   -8.533  1.00 61.39  ? 45  LYS A O   1 
ATOM   358  C CB  . LYS A 1 45  ? 10.363  10.626  -6.010  1.00 49.46  ? 45  LYS A CB  1 
ATOM   359  C CG  . LYS A 1 45  ? 8.971   11.209  -6.189  0.00 105.67 ? 45  LYS A CG  1 
ATOM   360  C CD  . LYS A 1 45  ? 8.870   12.644  -5.713  0.00 105.67 ? 45  LYS A CD  1 
ATOM   361  C CE  . LYS A 1 45  ? 7.482   13.202  -5.994  0.00 105.67 ? 45  LYS A CE  1 
ATOM   362  N NZ  . LYS A 1 45  ? 7.333   14.619  -5.567  0.00 105.67 ? 45  LYS A NZ  1 
ATOM   363  N N   . THR A 1 46  ? 11.049  9.835   -8.884  1.00 63.89  ? 46  THR A N   1 
ATOM   364  C CA  . THR A 1 46  ? 10.889  9.904   -10.342 1.00 65.21  ? 46  THR A CA  1 
ATOM   365  C C   . THR A 1 46  ? 10.711  8.514   -10.914 1.00 64.13  ? 46  THR A C   1 
ATOM   366  O O   . THR A 1 46  ? 9.654   8.166   -11.400 1.00 62.62  ? 46  THR A O   1 
ATOM   367  C CB  . THR A 1 46  ? 12.131  10.476  -10.993 1.00 67.51  ? 46  THR A CB  1 
ATOM   368  O OG1 . THR A 1 46  ? 12.361  11.804  -10.512 1.00 71.79  ? 46  THR A OG1 1 
ATOM   369  C CG2 . THR A 1 46  ? 11.957  10.511  -12.473 1.00 69.54  ? 46  THR A CG2 1 
ATOM   370  N N   . LEU A 1 47  ? 11.760  7.714   -10.770 1.00 67.42  ? 47  LEU A N   1 
ATOM   371  C CA  . LEU A 1 47  ? 11.818  6.325   -11.225 1.00 68.74  ? 47  LEU A CA  1 
ATOM   372  C C   . LEU A 1 47  ? 10.607  5.464   -10.845 1.00 69.40  ? 47  LEU A C   1 
ATOM   373  O O   . LEU A 1 47  ? 10.316  4.502   -11.534 1.00 72.71  ? 47  LEU A O   1 
ATOM   374  C CB  . LEU A 1 47  ? 13.118  5.667   -10.741 1.00 65.87  ? 47  LEU A CB  1 
ATOM   375  C CG  . LEU A 1 47  ? 13.578  4.411   -11.466 0.00 67.00  ? 47  LEU A CG  1 
ATOM   376  C CD1 . LEU A 1 47  ? 14.984  4.606   -12.020 0.00 105.67 ? 47  LEU A CD1 1 
ATOM   377  C CD2 . LEU A 1 47  ? 13.506  3.239   -10.517 0.00 105.67 ? 47  LEU A CD2 1 
ATOM   378  N N   . ILE A 1 48  ? 9.890   5.781   -9.775  1.00 69.33  ? 48  ILE A N   1 
ATOM   379  C CA  . ILE A 1 48  ? 8.711   4.974   -9.459  1.00 70.35  ? 48  ILE A CA  1 
ATOM   380  C C   . ILE A 1 48  ? 7.526   5.458   -10.303 1.00 68.78  ? 48  ILE A C   1 
ATOM   381  O O   . ILE A 1 48  ? 6.952   4.682   -11.042 1.00 67.08  ? 48  ILE A O   1 
ATOM   382  C CB  . ILE A 1 48  ? 8.349   4.986   -7.934  1.00 70.85  ? 48  ILE A CB  1 
ATOM   383  C CG1 . ILE A 1 48  ? 9.421   4.234   -7.140  0.00 114.59 ? 48  ILE A CG1 1 
ATOM   384  C CG2 . ILE A 1 48  ? 6.979   4.356   -7.705  0.00 114.59 ? 48  ILE A CG2 1 
ATOM   385  C CD1 . ILE A 1 48  ? 9.250   4.328   -5.647  0.00 114.64 ? 48  ILE A CD1 1 
ATOM   386  N N   . LEU A 1 49  ? 7.273   6.764   -10.276 1.00 69.63  ? 49  LEU A N   1 
ATOM   387  C CA  . LEU A 1 49  ? 6.153   7.408   -10.974 1.00 72.23  ? 49  LEU A CA  1 
ATOM   388  C C   . LEU A 1 49  ? 6.306   7.535   -12.470 1.00 74.36  ? 49  LEU A C   1 
ATOM   389  O O   . LEU A 1 49  ? 5.511   8.209   -13.123 1.00 76.28  ? 49  LEU A O   1 
ATOM   390  C CB  . LEU A 1 49  ? 5.964   8.838   -10.471 1.00 73.18  ? 49  LEU A CB  1 
ATOM   391  C CG  . LEU A 1 49  ? 6.198   9.194   -9.015  1.00 73.80  ? 49  LEU A CG  1 
ATOM   392  C CD1 . LEU A 1 49  ? 6.524   10.694  -8.914  1.00 75.91  ? 49  LEU A CD1 1 
ATOM   393  C CD2 . LEU A 1 49  ? 4.973   8.804   -8.204  1.00 75.54  ? 49  LEU A CD2 1 
ATOM   394  N N   . SER A 1 50  ? 7.387   7.009   -13.009 1.00 76.09  ? 50  SER A N   1 
ATOM   395  C CA  . SER A 1 50  ? 7.601   7.119   -14.447 1.00 75.36  ? 50  SER A CA  1 
ATOM   396  C C   . SER A 1 50  ? 7.104   5.916   -15.275 1.00 76.82  ? 50  SER A C   1 
ATOM   397  O O   . SER A 1 50  ? 7.229   5.904   -16.489 1.00 79.55  ? 50  SER A O   1 
ATOM   398  C CB  . SER A 1 50  ? 9.082   7.425   -14.747 1.00 71.58  ? 50  SER A CB  1 
ATOM   399  O OG  . SER A 1 50  ? 9.955   6.426   -14.243 1.00 64.16  ? 50  SER A OG  1 
ATOM   400  N N   . VAL A 1 51  ? 6.557   4.904   -14.626 1.00 76.77  ? 51  VAL A N   1 
ATOM   401  C CA  . VAL A 1 51  ? 6.079   3.770   -15.355 1.00 77.89  ? 51  VAL A CA  1 
ATOM   402  C C   . VAL A 1 51  ? 4.642   3.539   -15.002 1.00 82.55  ? 51  VAL A C   1 
ATOM   403  O O   . VAL A 1 51  ? 4.132   2.433   -15.168 1.00 85.66  ? 51  VAL A O   1 
ATOM   404  C CB  . VAL A 1 51  ? 6.910   2.556   -15.077 1.00 76.54  ? 51  VAL A CB  1 
ATOM   405  C CG1 . VAL A 1 51  ? 8.073   2.538   -16.008 1.00 74.09  ? 51  VAL A CG1 1 
ATOM   406  C CG2 . VAL A 1 51  ? 7.361   2.551   -13.617 1.00 75.30  ? 51  VAL A CG2 1 
ATOM   407  N N   . ALA A 1 52  ? 4.003   4.582   -14.470 1.00 84.78  ? 52  ALA A N   1 
ATOM   408  C CA  . ALA A 1 52  ? 2.579   4.537   -14.111 1.00 87.06  ? 52  ALA A CA  1 
ATOM   409  C C   . ALA A 1 52  ? 1.757   4.860   -15.380 1.00 88.25  ? 52  ALA A C   1 
ATOM   410  O O   . ALA A 1 52  ? 2.239   5.592   -16.250 1.00 88.13  ? 52  ALA A O   1 
ATOM   411  C CB  . ALA A 1 52  ? 2.296   5.552   -13.042 1.00 86.57  ? 52  ALA A CB  1 
ATOM   412  N N   . PRO A 1 53  ? 0.518   4.312   -15.492 1.00 87.96  ? 53  PRO A N   1 
ATOM   413  C CA  . PRO A 1 53  ? -0.380  4.531   -16.648 1.00 87.27  ? 53  PRO A CA  1 
ATOM   414  C C   . PRO A 1 53  ? -0.941  5.956   -16.832 1.00 89.52  ? 53  PRO A C   1 
ATOM   415  O O   . PRO A 1 53  ? -1.148  6.687   -15.845 1.00 91.08  ? 53  PRO A O   1 
ATOM   416  C CB  . PRO A 1 53  ? -1.485  3.490   -16.446 1.00 85.83  ? 53  PRO A CB  1 
ATOM   417  C CG  . PRO A 1 53  ? -1.388  3.039   -15.040 1.00 86.15  ? 53  PRO A CG  1 
ATOM   418  C CD  . PRO A 1 53  ? -0.042  3.393   -14.489 1.00 87.40  ? 53  PRO A CD  1 
ATOM   419  N N   . SER A 1 54  ? -1.122  6.376   -18.098 1.00 89.89  ? 54  SER A N   1 
ATOM   420  C CA  . SER A 1 54  ? -1.663  7.705   -18.418 1.00 86.88  ? 54  SER A CA  1 
ATOM   421  C C   . SER A 1 54  ? -3.174  7.649   -18.249 1.00 85.54  ? 54  SER A C   1 
ATOM   422  O O   . SER A 1 54  ? -3.768  6.562   -18.272 1.00 85.84  ? 54  SER A O   1 
ATOM   423  C CB  . SER A 1 54  ? -1.295  8.132   -19.835 1.00 87.36  ? 54  SER A CB  1 
ATOM   424  O OG  . SER A 1 54  ? 0.081   8.481   -19.921 0.00 105.67 ? 54  SER A OG  1 
ATOM   425  N N   . ASN A 1 55  ? -3.797  8.816   -18.153 1.00 82.55  ? 55  ASN A N   1 
ATOM   426  C CA  . ASN A 1 55  ? -5.235  8.913   -17.893 1.00 80.69  ? 55  ASN A CA  1 
ATOM   427  C C   . ASN A 1 55  ? -5.344  8.720   -16.388 1.00 78.19  ? 55  ASN A C   1 
ATOM   428  O O   . ASN A 1 55  ? -6.448  8.609   -15.835 1.00 80.76  ? 55  ASN A O   1 
ATOM   429  C CB  . ASN A 1 55  ? -6.075  7.840   -18.615 1.00 81.63  ? 55  ASN A CB  1 
ATOM   430  C CG  . ASN A 1 55  ? -6.258  8.122   -20.100 0.00 105.67 ? 55  ASN A CG  1 
ATOM   431  O OD1 . ASN A 1 55  ? -6.634  7.235   -20.867 0.00 105.67 ? 55  ASN A OD1 1 
ATOM   432  N ND2 . ASN A 1 55  ? -6.008  9.360   -20.512 0.00 105.67 ? 55  ASN A ND2 1 
ATOM   433  N N   . VAL A 1 56  ? -4.186  8.601   -15.736 1.00 72.07  ? 56  VAL A N   1 
ATOM   434  C CA  . VAL A 1 56  ? -4.142  8.472   -14.275 1.00 67.56  ? 56  VAL A CA  1 
ATOM   435  C C   . VAL A 1 56  ? -3.027  9.331   -13.662 1.00 63.82  ? 56  VAL A C   1 
ATOM   436  O O   . VAL A 1 56  ? -1.850  9.195   -14.014 1.00 62.26  ? 56  VAL A O   1 
ATOM   437  C CB  . VAL A 1 56  ? -3.961  7.038   -13.807 1.00 66.27  ? 56  VAL A CB  1 
ATOM   438  C CG1 . VAL A 1 56  ? -4.557  6.890   -12.404 1.00 63.37  ? 56  VAL A CG1 1 
ATOM   439  C CG2 . VAL A 1 56  ? -4.617  6.091   -14.776 1.00 67.04  ? 56  VAL A CG2 1 
ATOM   440  N N   . LYS A 1 57  ? -3.414  10.245  -12.783 1.00 58.65  ? 57  LYS A N   1 
ATOM   441  C CA  . LYS A 1 57  ? -2.458  11.121  -12.137 1.00 58.31  ? 57  LYS A CA  1 
ATOM   442  C C   . LYS A 1 57  ? -1.770  10.281  -11.052 1.00 55.68  ? 57  LYS A C   1 
ATOM   443  O O   . LYS A 1 57  ? -2.378  9.412   -10.455 1.00 56.82  ? 57  LYS A O   1 
ATOM   444  C CB  . LYS A 1 57  ? -3.171  12.375  -11.581 1.00 61.11  ? 57  LYS A CB  1 
ATOM   445  C CG  . LYS A 1 57  ? -4.028  13.151  -12.649 1.00 67.28  ? 57  LYS A CG  1 
ATOM   446  C CD  . LYS A 1 57  ? -4.884  14.305  -12.060 1.00 69.32  ? 57  LYS A CD  1 
ATOM   447  C CE  . LYS A 1 57  ? -6.040  14.733  -12.999 1.00 71.20  ? 57  LYS A CE  1 
ATOM   448  N NZ  . LYS A 1 57  ? -7.061  13.638  -13.220 1.00 72.39  ? 57  LYS A NZ  1 
ATOM   449  N N   . ALA A 1 58  ? -0.477  10.486  -10.870 1.00 52.20  ? 58  ALA A N   1 
ATOM   450  C CA  . ALA A 1 58  ? 0.306   9.731   -9.922  1.00 47.85  ? 58  ALA A CA  1 
ATOM   451  C C   . ALA A 1 58  ? 1.251   10.646  -9.215  1.00 48.71  ? 58  ALA A C   1 
ATOM   452  O O   . ALA A 1 58  ? 1.721   11.590  -9.790  1.00 51.54  ? 58  ALA A O   1 
ATOM   453  C CB  . ALA A 1 58  ? 1.080   8.731   -10.650 1.00 43.03  ? 58  ALA A CB  1 
ATOM   454  N N   . SER A 1 59  ? 1.550   10.375  -7.962  1.00 51.48  ? 59  SER A N   1 
ATOM   455  C CA  . SER A 1 59  ? 2.516   11.218  -7.248  1.00 54.93  ? 59  SER A CA  1 
ATOM   456  C C   . SER A 1 59  ? 3.029   10.486  -6.026  1.00 52.81  ? 59  SER A C   1 
ATOM   457  O O   . SER A 1 59  ? 2.425   9.507   -5.584  1.00 56.45  ? 59  SER A O   1 
ATOM   458  C CB  . SER A 1 59  ? 1.910   12.562  -6.852  1.00 54.71  ? 59  SER A CB  1 
ATOM   459  O OG  . SER A 1 59  ? 1.146   12.421  -5.667  1.00 61.17  ? 59  SER A OG  1 
ATOM   460  N N   . ALA A 1 60  ? 4.182   10.896  -5.527  1.00 50.58  ? 60  ALA A N   1 
ATOM   461  C CA  . ALA A 1 60  ? 4.741   10.232  -4.349  1.00 50.00  ? 60  ALA A CA  1 
ATOM   462  C C   . ALA A 1 60  ? 4.945   11.229  -3.219  1.00 50.16  ? 60  ALA A C   1 
ATOM   463  O O   . ALA A 1 60  ? 5.657   12.222  -3.349  1.00 52.24  ? 60  ALA A O   1 
ATOM   464  C CB  . ALA A 1 60  ? 6.040   9.521   -4.677  1.00 45.05  ? 60  ALA A CB  1 
ATOM   465  N N   . VAL A 1 61  ? 4.285   10.970  -2.113  1.00 50.20  ? 61  VAL A N   1 
ATOM   466  C CA  . VAL A 1 61  ? 4.381   11.842  -0.975  1.00 51.21  ? 61  VAL A CA  1 
ATOM   467  C C   . VAL A 1 61  ? 4.793   11.037  0.253   1.00 53.94  ? 61  VAL A C   1 
ATOM   468  O O   . VAL A 1 61  ? 4.888   9.809   0.200   1.00 54.75  ? 61  VAL A O   1 
ATOM   469  C CB  . VAL A 1 61  ? 3.032   12.511  -0.737  1.00 50.64  ? 61  VAL A CB  1 
ATOM   470  C CG1 . VAL A 1 61  ? 2.791   13.524  -1.775  1.00 47.13  ? 61  VAL A CG1 1 
ATOM   471  C CG2 . VAL A 1 61  ? 1.905   11.461  -0.750  1.00 51.41  ? 61  VAL A CG2 1 
ATOM   472  N N   . SER A 1 62  ? 5.045   11.754  1.344   1.00 57.15  ? 62  SER A N   1 
ATOM   473  C CA  . SER A 1 62  ? 5.434   11.207  2.643   1.00 61.28  ? 62  SER A CA  1 
ATOM   474  C C   . SER A 1 62  ? 4.212   11.003  3.558   1.00 64.14  ? 62  SER A C   1 
ATOM   475  O O   . SER A 1 62  ? 3.150   11.584  3.323   1.00 65.57  ? 62  SER A O   1 
ATOM   476  C CB  . SER A 1 62  ? 6.405   12.163  3.330   1.00 61.25  ? 62  SER A CB  1 
ATOM   477  O OG  . SER A 1 62  ? 5.753   13.309  3.868   1.00 59.59  ? 62  SER A OG  1 
ATOM   478  N N   . VAL A 1 63  ? 4.378   10.222  4.626   1.00 66.74  ? 63  VAL A N   1 
ATOM   479  C CA  . VAL A 1 63  ? 3.276   9.965   5.551   1.00 66.62  ? 63  VAL A CA  1 
ATOM   480  C C   . VAL A 1 63  ? 2.677   11.256  6.091   1.00 68.68  ? 63  VAL A C   1 
ATOM   481  O O   . VAL A 1 63  ? 1.474   11.351  6.308   1.00 71.36  ? 63  VAL A O   1 
ATOM   482  C CB  . VAL A 1 63  ? 3.718   9.074   6.702   1.00 65.36  ? 63  VAL A CB  1 
ATOM   483  C CG1 . VAL A 1 63  ? 2.604   8.960   7.757   1.00 63.81  ? 63  VAL A CG1 1 
ATOM   484  C CG2 . VAL A 1 63  ? 4.070   7.701   6.141   1.00 62.75  ? 63  VAL A CG2 1 
ATOM   485  N N   . SER A 1 64  ? 3.511   12.273  6.207   1.00 70.46  ? 64  SER A N   1 
ATOM   486  C CA  . SER A 1 64  ? 3.093   13.578  6.711   1.00 71.33  ? 64  SER A CA  1 
ATOM   487  C C   . SER A 1 64  ? 2.222   14.400  5.727   1.00 70.38  ? 64  SER A C   1 
ATOM   488  O O   . SER A 1 64  ? 1.187   14.961  6.137   1.00 72.78  ? 64  SER A O   1 
ATOM   489  C CB  . SER A 1 64  ? 4.348   14.349  7.140   1.00 73.00  ? 64  SER A CB  1 
ATOM   490  O OG  . SER A 1 64  ? 5.302   13.437  7.715   1.00 80.30  ? 64  SER A OG  1 
ATOM   491  N N   . LYS A 1 65  ? 2.635   14.467  4.452   1.00 65.29  ? 65  LYS A N   1 
ATOM   492  C CA  . LYS A 1 65  ? 1.901   15.200  3.423   1.00 59.34  ? 65  LYS A CA  1 
ATOM   493  C C   . LYS A 1 65  ? 0.627   14.432  3.091   1.00 57.30  ? 65  LYS A C   1 
ATOM   494  O O   . LYS A 1 65  ? -0.422  15.033  2.906   1.00 57.57  ? 65  LYS A O   1 
ATOM   495  C CB  . LYS A 1 65  ? 2.790   15.414  2.187   1.00 60.39  ? 65  LYS A CB  1 
ATOM   496  C CG  . LYS A 1 65  ? 2.168   16.174  0.993   1.00 65.72  ? 65  LYS A CG  1 
ATOM   497  C CD  . LYS A 1 65  ? 2.098   17.691  1.158   1.00 69.72  ? 65  LYS A CD  1 
ATOM   498  C CE  . LYS A 1 65  ? 1.316   18.382  0.019   1.00 70.36  ? 65  LYS A CE  1 
ATOM   499  N NZ  . LYS A 1 65  ? 1.284   19.869  0.257   1.00 69.69  ? 65  LYS A NZ  1 
ATOM   500  N N   . MET A 1 66  ? 0.691   13.103  3.072   1.00 54.35  ? 66  MET A N   1 
ATOM   501  C CA  . MET A 1 66  ? -0.505  12.299  2.788   1.00 54.97  ? 66  MET A CA  1 
ATOM   502  C C   . MET A 1 66  ? -1.560  12.652  3.820   1.00 55.58  ? 66  MET A C   1 
ATOM   503  O O   . MET A 1 66  ? -2.672  13.007  3.470   1.00 57.70  ? 66  MET A O   1 
ATOM   504  C CB  . MET A 1 66  ? -0.215  10.792  2.827   1.00 53.78  ? 66  MET A CB  1 
ATOM   505  C CG  . MET A 1 66  ? -1.405  9.932   2.390   1.00 51.30  ? 66  MET A CG  1 
ATOM   506  S SD  . MET A 1 66  ? -2.003  10.406  0.764   1.00 48.52  ? 66  MET A SD  1 
ATOM   507  C CE  . MET A 1 66  ? -3.773  10.403  0.991   1.00 44.99  ? 66  MET A CE  1 
ATOM   508  N N   . ALA A 1 67  ? -1.166  12.633  5.090   1.00 56.14  ? 67  ALA A N   1 
ATOM   509  C CA  . ALA A 1 67  ? -2.045  12.997  6.203   1.00 53.42  ? 67  ALA A CA  1 
ATOM   510  C C   . ALA A 1 67  ? -2.669  14.344  5.893   1.00 52.14  ? 67  ALA A C   1 
ATOM   511  O O   . ALA A 1 67  ? -3.899  14.473  5.893   1.00 52.43  ? 67  ALA A O   1 
ATOM   512  C CB  . ALA A 1 67  ? -1.256  13.091  7.487   1.00 49.35  ? 67  ALA A CB  1 
ATOM   513  N N   . LYS A 1 68  ? -1.826  15.327  5.554   1.00 51.75  ? 68  LYS A N   1 
ATOM   514  C CA  . LYS A 1 68  ? -2.308  16.685  5.255   1.00 51.30  ? 68  LYS A CA  1 
ATOM   515  C C   . LYS A 1 68  ? -3.215  16.722  4.064   1.00 53.27  ? 68  LYS A C   1 
ATOM   516  O O   . LYS A 1 68  ? -4.285  17.303  4.152   1.00 54.74  ? 68  LYS A O   1 
ATOM   517  C CB  . LYS A 1 68  ? -1.176  17.683  5.046   1.00 48.81  ? 68  LYS A CB  1 
ATOM   518  C CG  . LYS A 1 68  ? -1.626  19.103  4.746   0.00 105.67 ? 68  LYS A CG  1 
ATOM   519  C CD  . LYS A 1 68  ? -0.437  19.994  4.462   0.00 105.67 ? 68  LYS A CD  1 
ATOM   520  C CE  . LYS A 1 68  ? -0.884  21.386  4.060   0.00 105.67 ? 68  LYS A CE  1 
ATOM   521  N NZ  . LYS A 1 68  ? 0.284   22.255  3.760   0.00 105.67 ? 68  LYS A NZ  1 
ATOM   522  N N   . ALA A 1 69  ? -2.847  16.024  2.989   1.00 55.31  ? 69  ALA A N   1 
ATOM   523  C CA  . ALA A 1 69  ? -3.665  16.000  1.769   1.00 55.30  ? 69  ALA A CA  1 
ATOM   524  C C   . ALA A 1 69  ? -5.001  15.290  1.969   1.00 55.39  ? 69  ALA A C   1 
ATOM   525  O O   . ALA A 1 69  ? -6.027  15.772  1.513   1.00 53.67  ? 69  ALA A O   1 
ATOM   526  C CB  . ALA A 1 69  ? -2.906  15.377  0.628   1.00 52.57  ? 69  ALA A CB  1 
ATOM   527  N N   . PHE A 1 70  ? -4.994  14.182  2.696   1.00 58.05  ? 70  PHE A N   1 
ATOM   528  C CA  . PHE A 1 70  ? -6.210  13.427  2.932   1.00 61.02  ? 70  PHE A CA  1 
ATOM   529  C C   . PHE A 1 70  ? -7.339  14.286  3.438   1.00 64.11  ? 70  PHE A C   1 
ATOM   530  O O   . PHE A 1 70  ? -8.505  14.050  3.112   1.00 64.54  ? 70  PHE A O   1 
ATOM   531  C CB  . PHE A 1 70  ? -5.987  12.331  3.952   1.00 60.30  ? 70  PHE A CB  1 
ATOM   532  C CG  . PHE A 1 70  ? -7.229  11.582  4.274   1.00 63.08  ? 70  PHE A CG  1 
ATOM   533  C CD1 . PHE A 1 70  ? -7.954  10.961  3.261   1.00 65.38  ? 70  PHE A CD1 1 
ATOM   534  C CD2 . PHE A 1 70  ? -7.704  11.506  5.572   1.00 64.69  ? 70  PHE A CD2 1 
ATOM   535  C CE1 . PHE A 1 70  ? -9.137  10.263  3.531   1.00 64.90  ? 70  PHE A CE1 1 
ATOM   536  C CE2 . PHE A 1 70  ? -8.889  10.807  5.853   1.00 64.86  ? 70  PHE A CE2 1 
ATOM   537  C CZ  . PHE A 1 70  ? -9.604  10.186  4.827   1.00 63.14  ? 70  PHE A CZ  1 
ATOM   538  N N   . HIS A 1 71  ? -6.988  15.262  4.273   1.00 67.53  ? 71  HIS A N   1 
ATOM   539  C CA  . HIS A 1 71  ? -7.972  16.164  4.874   1.00 68.72  ? 71  HIS A CA  1 
ATOM   540  C C   . HIS A 1 71  ? -8.151  17.474  4.115   1.00 70.05  ? 71  HIS A C   1 
ATOM   541  O O   . HIS A 1 71  ? -9.127  18.192  4.334   1.00 71.96  ? 71  HIS A O   1 
ATOM   542  C CB  . HIS A 1 71  ? -7.649  16.437  6.361   1.00 66.90  ? 71  HIS A CB  1 
ATOM   543  C CG  . HIS A 1 71  ? -7.667  15.209  7.224   1.00 66.82  ? 71  HIS A CG  1 
ATOM   544  N ND1 . HIS A 1 71  ? -6.529  14.676  7.783   1.00 67.48  ? 71  HIS A ND1 1 
ATOM   545  C CD2 . HIS A 1 71  ? -8.681  14.379  7.566   1.00 66.25  ? 71  HIS A CD2 1 
ATOM   546  C CE1 . HIS A 1 71  ? -6.827  13.571  8.427   1.00 67.95  ? 71  HIS A CE1 1 
ATOM   547  N NE2 . HIS A 1 71  ? -8.132  13.362  8.313   1.00 66.97  ? 71  HIS A NE2 1 
ATOM   548  N N   . SER A 1 72  ? -7.225  17.805  3.226   1.00 71.32  ? 72  SER A N   1 
ATOM   549  C CA  . SER A 1 72  ? -7.392  19.055  2.476   1.00 73.73  ? 72  SER A CA  1 
ATOM   550  C C   . SER A 1 72  ? -8.685  19.064  1.655   1.00 74.58  ? 72  SER A C   1 
ATOM   551  O O   . SER A 1 72  ? -9.151  18.020  1.183   1.00 75.67  ? 72  SER A O   1 
ATOM   552  C CB  . SER A 1 72  ? -6.212  19.346  1.559   1.00 73.39  ? 72  SER A CB  1 
ATOM   553  O OG  . SER A 1 72  ? -6.599  20.309  0.600   1.00 74.60  ? 72  SER A OG  1 
ATOM   554  N N   . PRO A 1 73  ? -9.310  20.245  1.525   1.00 75.79  ? 73  PRO A N   1 
ATOM   555  C CA  . PRO A 1 73  ? -10.555 20.424  0.778   1.00 74.64  ? 73  PRO A CA  1 
ATOM   556  C C   . PRO A 1 73  ? -10.423 20.365  -0.750  1.00 73.57  ? 73  PRO A C   1 
ATOM   557  O O   . PRO A 1 73  ? -11.420 20.156  -1.455  1.00 70.86  ? 73  PRO A O   1 
ATOM   558  C CB  . PRO A 1 73  ? -11.039 21.789  1.281   1.00 74.39  ? 73  PRO A CB  1 
ATOM   559  C CG  . PRO A 1 73  ? -10.504 21.835  2.690   1.00 71.59  ? 73  PRO A CG  1 
ATOM   560  C CD  . PRO A 1 73  ? -9.096  21.410  2.408   1.00 75.70  ? 73  PRO A CD  1 
ATOM   561  N N   . ARG A 1 74  ? -9.196  20.535  -1.245  1.00 73.75  ? 74  ARG A N   1 
ATOM   562  C CA  . ARG A 1 74  ? -8.917  20.503  -2.686  1.00 72.00  ? 74  ARG A CA  1 
ATOM   563  C C   . ARG A 1 74  ? -9.281  19.156  -3.295  1.00 69.76  ? 74  ARG A C   1 
ATOM   564  O O   . ARG A 1 74  ? -9.975  19.078  -4.302  1.00 68.19  ? 74  ARG A O   1 
ATOM   565  C CB  . ARG A 1 74  ? -7.437  20.790  -2.925  1.00 72.83  ? 74  ARG A CB  1 
ATOM   566  C CG  . ARG A 1 74  ? -7.042  20.841  -4.390  1.00 78.31  ? 74  ARG A CG  1 
ATOM   567  C CD  . ARG A 1 74  ? -5.536  21.090  -4.559  1.00 79.78  ? 74  ARG A CD  1 
ATOM   568  N NE  . ARG A 1 74  ? -5.117  22.426  -4.145  1.00 80.47  ? 74  ARG A NE  1 
ATOM   569  C CZ  . ARG A 1 74  ? -3.969  22.694  -3.526  0.00 105.67 ? 74  ARG A CZ  1 
ATOM   570  N NH1 . ARG A 1 74  ? -3.117  21.718  -3.243  0.00 105.67 ? 74  ARG A NH1 1 
ATOM   571  N NH2 . ARG A 1 74  ? -3.675  23.941  -3.184  0.00 105.67 ? 74  ARG A NH2 1 
ATOM   572  N N   . TYR A 1 75  ? -8.895  18.103  -2.588  1.00 71.14  ? 75  TYR A N   1 
ATOM   573  C CA  . TYR A 1 75  ? -9.108  16.732  -3.006  1.00 73.24  ? 75  TYR A CA  1 
ATOM   574  C C   . TYR A 1 75  ? -10.348 16.127  -2.372  1.00 74.90  ? 75  TYR A C   1 
ATOM   575  O O   . TYR A 1 75  ? -10.457 14.913  -2.224  1.00 74.05  ? 75  TYR A O   1 
ATOM   576  C CB  . TYR A 1 75  ? -7.882  15.898  -2.630  1.00 72.52  ? 75  TYR A CB  1 
ATOM   577  C CG  . TYR A 1 75  ? -6.541  16.542  -2.958  1.00 71.68  ? 75  TYR A CG  1 
ATOM   578  C CD1 . TYR A 1 75  ? -6.059  16.594  -4.265  1.00 71.54  ? 75  TYR A CD1 1 
ATOM   579  C CD2 . TYR A 1 75  ? -5.763  17.110  -1.952  1.00 69.74  ? 75  TYR A CD2 1 
ATOM   580  C CE1 . TYR A 1 75  ? -4.829  17.176  -4.559  1.00 70.23  ? 75  TYR A CE1 1 
ATOM   581  C CE2 . TYR A 1 75  ? -4.538  17.692  -2.240  1.00 69.52  ? 75  TYR A CE2 1 
ATOM   582  C CZ  . TYR A 1 75  ? -4.087  17.730  -3.537  1.00 70.37  ? 75  TYR A CZ  1 
ATOM   583  O OH  . TYR A 1 75  ? -2.872  18.322  -3.793  1.00 74.58  ? 75  TYR A OH  1 
ATOM   584  N N   . GLU A 1 76  ? -11.300 16.980  -2.030  1.00 78.88  ? 76  GLU A N   1 
ATOM   585  C CA  . GLU A 1 76  ? -12.527 16.520  -1.406  1.00 82.56  ? 76  GLU A CA  1 
ATOM   586  C C   . GLU A 1 76  ? -13.324 15.683  -2.408  1.00 80.57  ? 76  GLU A C   1 
ATOM   587  O O   . GLU A 1 76  ? -13.597 16.139  -3.525  1.00 79.98  ? 76  GLU A O   1 
ATOM   588  C CB  . GLU A 1 76  ? -13.356 17.719  -0.950  1.00 88.22  ? 76  GLU A CB  1 
ATOM   589  C CG  . GLU A 1 76  ? -14.262 17.429  0.239   1.00 97.69  ? 76  GLU A CG  1 
ATOM   590  C CD  . GLU A 1 76  ? -15.365 18.465  0.406   1.00 104.90 ? 76  GLU A CD  1 
ATOM   591  O OE1 . GLU A 1 76  ? -15.568 19.278  -0.536  1.00 106.22 ? 76  GLU A OE1 1 
ATOM   592  O OE2 . GLU A 1 76  ? -16.047 18.450  1.468   1.00 110.36 ? 76  GLU A OE2 1 
ATOM   593  N N   . GLY A 1 77  ? -13.659 14.457  -2.014  1.00 77.22  ? 77  GLY A N   1 
ATOM   594  C CA  . GLY A 1 77  ? -14.419 13.586  -2.885  1.00 74.38  ? 77  GLY A CA  1 
ATOM   595  C C   . GLY A 1 77  ? -13.597 12.791  -3.886  1.00 74.02  ? 77  GLY A C   1 
ATOM   596  O O   . GLY A 1 77  ? -14.118 11.850  -4.496  1.00 75.63  ? 77  GLY A O   1 
ATOM   597  N N   . VAL A 1 78  ? -12.331 13.185  -4.082  1.00 71.69  ? 78  VAL A N   1 
ATOM   598  C CA  . VAL A 1 78  ? -11.399 12.509  -5.010  1.00 65.76  ? 78  VAL A CA  1 
ATOM   599  C C   . VAL A 1 78  ? -11.296 11.016  -4.673  1.00 65.30  ? 78  VAL A C   1 
ATOM   600  O O   . VAL A 1 78  ? -11.331 10.631  -3.491  1.00 64.89  ? 78  VAL A O   1 
ATOM   601  C CB  . VAL A 1 78  ? -9.956  13.091  -4.925  1.00 63.20  ? 78  VAL A CB  1 
ATOM   602  C CG1 . VAL A 1 78  ? -9.041  12.329  -5.844  1.00 61.43  ? 78  VAL A CG1 1 
ATOM   603  C CG2 . VAL A 1 78  ? -9.924  14.550  -5.285  1.00 61.34  ? 78  VAL A CG2 1 
ATOM   604  N N   . THR A 1 79  ? -11.149 10.191  -5.712  1.00 61.70  ? 79  THR A N   1 
ATOM   605  C CA  . THR A 1 79  ? -11.051 8.751   -5.561  1.00 61.39  ? 79  THR A CA  1 
ATOM   606  C C   . THR A 1 79  ? -9.616  8.320   -5.800  1.00 60.28  ? 79  THR A C   1 
ATOM   607  O O   . THR A 1 79  ? -9.120  8.420   -6.922  1.00 62.87  ? 79  THR A O   1 
ATOM   608  C CB  . THR A 1 79  ? -12.012 8.067   -6.548  1.00 63.50  ? 79  THR A CB  1 
ATOM   609  O OG1 . THR A 1 79  ? -13.310 8.021   -5.949  1.00 72.02  ? 79  THR A OG1 1 
ATOM   610  C CG2 . THR A 1 79  ? -11.571 6.650   -6.906  1.00 64.99  ? 79  THR A CG2 1 
ATOM   611  N N   . ALA A 1 80  ? -8.973  7.792   -4.761  1.00 56.40  ? 80  ALA A N   1 
ATOM   612  C CA  . ALA A 1 80  ? -7.578  7.375   -4.850  1.00 53.13  ? 80  ALA A CA  1 
ATOM   613  C C   . ALA A 1 80  ? -7.253  5.980   -4.377  1.00 53.67  ? 80  ALA A C   1 
ATOM   614  O O   . ALA A 1 80  ? -7.994  5.355   -3.609  1.00 53.05  ? 80  ALA A O   1 
ATOM   615  C CB  . ALA A 1 80  ? -6.726  8.335   -4.082  1.00 55.51  ? 80  ALA A CB  1 
ATOM   616  N N   . MET A 1 81  ? -6.063  5.542   -4.766  1.00 53.27  ? 81  MET A N   1 
ATOM   617  C CA  . MET A 1 81  ? -5.533  4.231   -4.424  1.00 52.55  ? 81  MET A CA  1 
ATOM   618  C C   . MET A 1 81  ? -4.102  4.486   -3.926  1.00 52.46  ? 81  MET A C   1 
ATOM   619  O O   . MET A 1 81  ? -3.324  5.159   -4.605  1.00 55.81  ? 81  MET A O   1 
ATOM   620  C CB  . MET A 1 81  ? -5.542  3.381   -5.687  1.00 55.52  ? 81  MET A CB  1 
ATOM   621  C CG  . MET A 1 81  ? -5.074  2.002   -5.502  1.00 64.33  ? 81  MET A CG  1 
ATOM   622  S SD  . MET A 1 81  ? -5.003  1.146   -7.044  1.00 73.93  ? 81  MET A SD  1 
ATOM   623  C CE  . MET A 1 81  ? -3.693  -0.026  -6.564  1.00 68.23  ? 81  MET A CE  1 
ATOM   624  N N   . LEU A 1 82  ? -3.799  4.062   -2.694  1.00 52.40  ? 82  LEU A N   1 
ATOM   625  C CA  . LEU A 1 82  ? -2.455  4.245   -2.085  1.00 49.82  ? 82  LEU A CA  1 
ATOM   626  C C   . LEU A 1 82  ? -1.554  3.003   -2.240  1.00 49.64  ? 82  LEU A C   1 
ATOM   627  O O   . LEU A 1 82  ? -2.031  1.853   -2.209  1.00 50.96  ? 82  LEU A O   1 
ATOM   628  C CB  . LEU A 1 82  ? -2.589  4.558   -0.597  1.00 46.67  ? 82  LEU A CB  1 
ATOM   629  C CG  . LEU A 1 82  ? -3.504  5.730   -0.244  1.00 45.24  ? 82  LEU A CG  1 
ATOM   630  C CD1 . LEU A 1 82  ? -3.630  5.873   1.257   1.00 49.10  ? 82  LEU A CD1 1 
ATOM   631  C CD2 . LEU A 1 82  ? -2.931  7.005   -0.822  1.00 48.49  ? 82  LEU A CD2 1 
ATOM   632  N N   . LEU A 1 83  ? -0.262  3.248   -2.426  1.00 45.37  ? 83  LEU A N   1 
ATOM   633  C CA  . LEU A 1 83  ? 0.713   2.191   -2.552  1.00 43.62  ? 83  LEU A CA  1 
ATOM   634  C C   . LEU A 1 83  ? 1.691   2.318   -1.404  1.00 43.54  ? 83  LEU A C   1 
ATOM   635  O O   . LEU A 1 83  ? 2.165   3.422   -1.101  1.00 45.07  ? 83  LEU A O   1 
ATOM   636  C CB  . LEU A 1 83  ? 1.442   2.323   -3.872  1.00 48.62  ? 83  LEU A CB  1 
ATOM   637  C CG  . LEU A 1 83  ? 0.700   1.646   -5.024  1.00 53.66  ? 83  LEU A CG  1 
ATOM   638  C CD1 . LEU A 1 83  ? 1.419   1.930   -6.339  1.00 54.00  ? 83  LEU A CD1 1 
ATOM   639  C CD2 . LEU A 1 83  ? 0.618   0.146   -4.744  1.00 52.03  ? 83  LEU A CD2 1 
ATOM   640  N N   . PHE A 1 84  ? 1.998   1.203   -0.755  1.00 41.75  ? 84  PHE A N   1 
ATOM   641  C CA  . PHE A 1 84  ? 2.921   1.216   0.380   1.00 42.81  ? 84  PHE A CA  1 
ATOM   642  C C   . PHE A 1 84  ? 4.034   0.198   0.157   1.00 44.56  ? 84  PHE A C   1 
ATOM   643  O O   . PHE A 1 84  ? 3.838   -0.813  -0.492  1.00 46.05  ? 84  PHE A O   1 
ATOM   644  C CB  . PHE A 1 84  ? 2.170   0.886   1.700   1.00 42.57  ? 84  PHE A CB  1 
ATOM   645  C CG  . PHE A 1 84  ? 1.148   1.918   2.105   1.00 41.46  ? 84  PHE A CG  1 
ATOM   646  C CD1 . PHE A 1 84  ? 1.516   3.044   2.810   1.00 40.53  ? 84  PHE A CD1 1 
ATOM   647  C CD2 . PHE A 1 84  ? -0.176  1.800   1.713   1.00 40.52  ? 84  PHE A CD2 1 
ATOM   648  C CE1 . PHE A 1 84  ? 0.569   4.025   3.100   1.00 41.12  ? 84  PHE A CE1 1 
ATOM   649  C CE2 . PHE A 1 84  ? -1.098  2.771   2.000   1.00 40.52  ? 84  PHE A CE2 1 
ATOM   650  C CZ  . PHE A 1 84  ? -0.736  3.876   2.689   1.00 40.52  ? 84  PHE A CZ  1 
ATOM   651  N N   . GLU A 1 85  ? 5.217   0.492   0.678   1.00 48.87  ? 85  GLU A N   1 
ATOM   652  C CA  . GLU A 1 85  ? 6.377   -0.407  0.582   1.00 52.07  ? 85  GLU A CA  1 
ATOM   653  C C   . GLU A 1 85  ? 6.251   -1.465  1.678   1.00 55.96  ? 85  GLU A C   1 
ATOM   654  O O   . GLU A 1 85  ? 6.724   -2.588  1.506   1.00 61.58  ? 85  GLU A O   1 
ATOM   655  C CB  . GLU A 1 85  ? 7.653   0.334   0.945   1.00 50.53  ? 85  GLU A CB  1 
ATOM   656  C CG  . GLU A 1 85  ? 8.631   0.705   -0.091  1.00 55.26  ? 85  GLU A CG  1 
ATOM   657  C CD  . GLU A 1 85  ? 9.844   1.336   0.602   1.00 64.13  ? 85  GLU A CD  1 
ATOM   658  O OE1 . GLU A 1 85  ? 9.703   2.425   1.231   1.00 65.74  ? 85  GLU A OE1 1 
ATOM   659  O OE2 . GLU A 1 85  ? 10.928  0.713   0.577   1.00 68.94  ? 85  GLU A OE2 1 
ATOM   660  N N   . ASN A 1 86  ? 5.671   -1.072  2.822   1.00 56.27  ? 86  ASN A N   1 
ATOM   661  C CA  . ASN A 1 86  ? 5.563   -1.924  4.021   1.00 55.48  ? 86  ASN A CA  1 
ATOM   662  C C   . ASN A 1 86  ? 4.374   -1.570  4.931   1.00 55.30  ? 86  ASN A C   1 
ATOM   663  O O   . ASN A 1 86  ? 3.736   -0.545  4.736   1.00 58.07  ? 86  ASN A O   1 
ATOM   664  C CB  . ASN A 1 86  ? 6.854   -1.758  4.826   1.00 54.94  ? 86  ASN A CB  1 
ATOM   665  C CG  . ASN A 1 86  ? 7.122   -0.297  5.215   1.00 58.11  ? 86  ASN A CG  1 
ATOM   666  O OD1 . ASN A 1 86  ? 8.178   0.267   4.916   1.00 58.77  ? 86  ASN A OD1 1 
ATOM   667  N ND2 . ASN A 1 86  ? 6.152   0.320   5.875   1.00 58.82  ? 86  ASN A ND2 1 
ATOM   668  N N   . PRO A 1 87  ? 4.117   -2.377  5.990   1.00 54.91  ? 87  PRO A N   1 
ATOM   669  C CA  . PRO A 1 87  ? 3.001   -2.108  6.922   1.00 53.19  ? 87  PRO A CA  1 
ATOM   670  C C   . PRO A 1 87  ? 3.245   -1.018  8.024   1.00 54.30  ? 87  PRO A C   1 
ATOM   671  O O   . PRO A 1 87  ? 2.294   -0.550  8.671   1.00 56.64  ? 87  PRO A O   1 
ATOM   672  C CB  . PRO A 1 87  ? 2.755   -3.471  7.557   1.00 49.37  ? 87  PRO A CB  1 
ATOM   673  C CG  . PRO A 1 87  ? 3.521   -4.437  6.683   1.00 53.22  ? 87  PRO A CG  1 
ATOM   674  C CD  . PRO A 1 87  ? 4.706   -3.693  6.256   1.00 52.87  ? 87  PRO A CD  1 
ATOM   675  N N   . SER A 1 88  ? 4.481   -0.572  8.227   1.00 50.91  ? 88  SER A N   1 
ATOM   676  C CA  . SER A 1 88  ? 4.723   0.427   9.247   1.00 50.29  ? 88  SER A CA  1 
ATOM   677  C C   . SER A 1 88  ? 4.275   1.802   8.798   1.00 51.65  ? 88  SER A C   1 
ATOM   678  O O   . SER A 1 88  ? 3.698   2.562   9.568   1.00 54.81  ? 88  SER A O   1 
ATOM   679  C CB  . SER A 1 88  ? 6.186   0.433   9.616   1.00 50.42  ? 88  SER A CB  1 
ATOM   680  O OG  . SER A 1 88  ? 6.619   -0.901  9.791   1.00 49.62  ? 88  SER A OG  1 
ATOM   681  N N   . ASP A 1 89  ? 4.567   2.157   7.562   1.00 52.94  ? 89  ASP A N   1 
ATOM   682  C CA  . ASP A 1 89  ? 4.144   3.446   7.070   1.00 51.03  ? 89  ASP A CA  1 
ATOM   683  C C   . ASP A 1 89  ? 2.600   3.487   7.072   1.00 50.69  ? 89  ASP A C   1 
ATOM   684  O O   . ASP A 1 89  ? 2.040   4.565   7.111   1.00 50.99  ? 89  ASP A O   1 
ATOM   685  C CB  . ASP A 1 89  ? 4.671   3.665   5.654   1.00 53.40  ? 89  ASP A CB  1 
ATOM   686  C CG  . ASP A 1 89  ? 6.173   3.800   5.591   1.00 54.02  ? 89  ASP A CG  1 
ATOM   687  O OD1 . ASP A 1 89  ? 6.732   4.589   6.370   1.00 61.59  ? 89  ASP A OD1 1 
ATOM   688  O OD2 . ASP A 1 89  ? 6.792   3.163   4.714   1.00 53.95  ? 89  ASP A OD2 1 
ATOM   689  N N   . ILE A 1 90  ? 1.913   2.339   7.001   1.00 49.80  ? 90  ILE A N   1 
ATOM   690  C CA  . ILE A 1 90  ? 0.442   2.354   7.013   1.00 50.58  ? 90  ILE A CA  1 
ATOM   691  C C   . ILE A 1 90  ? -0.002  2.710   8.416   1.00 53.72  ? 90  ILE A C   1 
ATOM   692  O O   . ILE A 1 90  ? -0.973  3.431   8.614   1.00 53.52  ? 90  ILE A O   1 
ATOM   693  C CB  . ILE A 1 90  ? -0.200  1.018   6.657   1.00 48.00  ? 90  ILE A CB  1 
ATOM   694  C CG1 . ILE A 1 90  ? 0.168   0.577   5.238   1.00 47.34  ? 90  ILE A CG1 1 
ATOM   695  C CG2 . ILE A 1 90  ? -1.680  1.189   6.704   1.00 48.36  ? 90  ILE A CG2 1 
ATOM   696  C CD1 . ILE A 1 90  ? -0.631  -0.630  4.736   1.00 43.96  ? 90  ILE A CD1 1 
ATOM   697  N N   . VAL A 1 91  ? 0.733   2.179   9.388   1.00 58.74  ? 91  VAL A N   1 
ATOM   698  C CA  . VAL A 1 91  ? 0.496   2.449   10.809  1.00 58.83  ? 91  VAL A CA  1 
ATOM   699  C C   . VAL A 1 91  ? 0.816   3.936   11.018  1.00 58.14  ? 91  VAL A C   1 
ATOM   700  O O   . VAL A 1 91  ? -0.043  4.675   11.487  1.00 59.51  ? 91  VAL A O   1 
ATOM   701  C CB  . VAL A 1 91  ? 1.384   1.524   11.718  1.00 58.56  ? 91  VAL A CB  1 
ATOM   702  C CG1 . VAL A 1 91  ? 1.673   2.192   13.066  1.00 58.82  ? 91  VAL A CG1 1 
ATOM   703  C CG2 . VAL A 1 91  ? 0.708   0.145   11.892  1.00 53.89  ? 91  VAL A CG2 1 
ATOM   704  N N   . SER A 1 92  ? 2.008   4.379   10.594  1.00 55.44  ? 92  SER A N   1 
ATOM   705  C CA  . SER A 1 92  ? 2.391   5.782   10.708  1.00 54.29  ? 92  SER A CA  1 
ATOM   706  C C   . SER A 1 92  ? 1.311   6.699   10.123  1.00 57.71  ? 92  SER A C   1 
ATOM   707  O O   . SER A 1 92  ? 1.018   7.741   10.703  1.00 61.08  ? 92  SER A O   1 
ATOM   708  C CB  . SER A 1 92  ? 3.675   6.066   9.956   1.00 51.16  ? 92  SER A CB  1 
ATOM   709  O OG  . SER A 1 92  ? 4.744   5.322   10.475  1.00 56.16  ? 92  SER A OG  1 
ATOM   710  N N   . LEU A 1 93  ? 0.692   6.304   9.006   1.00 59.61  ? 93  LEU A N   1 
ATOM   711  C CA  . LEU A 1 93  ? -0.324  7.148   8.354   1.00 58.90  ? 93  LEU A CA  1 
ATOM   712  C C   . LEU A 1 93  ? -1.608  7.211   9.131   1.00 61.19  ? 93  LEU A C   1 
ATOM   713  O O   . LEU A 1 93  ? -2.330  8.205   9.043   1.00 63.20  ? 93  LEU A O   1 
ATOM   714  C CB  . LEU A 1 93  ? -0.628  6.703   6.908   1.00 52.26  ? 93  LEU A CB  1 
ATOM   715  C CG  . LEU A 1 93  ? -1.639  7.491   6.066   1.00 44.94  ? 93  LEU A CG  1 
ATOM   716  C CD1 . LEU A 1 93  ? -1.182  8.930   5.824   1.00 45.64  ? 93  LEU A CD1 1 
ATOM   717  C CD2 . LEU A 1 93  ? -1.899  6.758   4.764   1.00 43.33  ? 93  LEU A CD2 1 
ATOM   718  N N   . ILE A 1 94  ? -1.929  6.131   9.835   1.00 63.26  ? 94  ILE A N   1 
ATOM   719  C CA  . ILE A 1 94  ? -3.158  6.091   10.631  1.00 66.38  ? 94  ILE A CA  1 
ATOM   720  C C   . ILE A 1 94  ? -2.980  6.927   11.903  1.00 69.20  ? 94  ILE A C   1 
ATOM   721  O O   . ILE A 1 94  ? -3.921  7.556   12.376  1.00 68.56  ? 94  ILE A O   1 
ATOM   722  C CB  . ILE A 1 94  ? -3.563  4.650   10.964  1.00 64.73  ? 94  ILE A CB  1 
ATOM   723  C CG1 . ILE A 1 94  ? -3.991  3.944   9.681   1.00 66.34  ? 94  ILE A CG1 1 
ATOM   724  C CG2 . ILE A 1 94  ? -4.706  4.625   11.928  1.00 62.32  ? 94  ILE A CG2 1 
ATOM   725  C CD1 . ILE A 1 94  ? -4.143  2.431   9.811   1.00 66.82  ? 94  ILE A CD1 1 
ATOM   726  N N   . GLU A 1 95  ? -1.747  6.994   12.398  1.00 73.58  ? 95  GLU A N   1 
ATOM   727  C CA  . GLU A 1 95  ? -1.430  7.795   13.568  1.00 76.78  ? 95  GLU A CA  1 
ATOM   728  C C   . GLU A 1 95  ? -1.282  9.267   13.152  1.00 77.87  ? 95  GLU A C   1 
ATOM   729  O O   . GLU A 1 95  ? -0.565  10.034  13.799  1.00 82.07  ? 95  GLU A O   1 
ATOM   730  C CB  . GLU A 1 95  ? -0.129  7.318   14.211  1.00 77.66  ? 95  GLU A CB  1 
ATOM   731  C CG  . GLU A 1 95  ? -0.148  5.881   14.604  1.00 83.97  ? 95  GLU A CG  1 
ATOM   732  C CD  . GLU A 1 95  ? 1.082   5.495   15.385  1.00 91.21  ? 95  GLU A CD  1 
ATOM   733  O OE1 . GLU A 1 95  ? 2.159   6.122   15.180  1.00 92.11  ? 95  GLU A OE1 1 
ATOM   734  O OE2 . GLU A 1 95  ? 0.964   4.561   16.213  1.00 95.25  ? 95  GLU A OE2 1 
ATOM   735  N N   . ALA A 1 96  ? -1.863  9.621   12.009  1.00 76.15  ? 96  ALA A N   1 
ATOM   736  C CA  . ALA A 1 96  ? -1.844  10.997  11.516  1.00 73.20  ? 96  ALA A CA  1 
ATOM   737  C C   . ALA A 1 96  ? -3.311  11.392  11.208  1.00 71.58  ? 96  ALA A C   1 
ATOM   738  O O   . ALA A 1 96  ? -3.603  12.525  10.811  1.00 72.30  ? 96  ALA A O   1 
ATOM   739  C CB  . ALA A 1 96  ? -0.932  11.133  10.294  1.00 72.53  ? 96  ALA A CB  1 
ATOM   740  N N   . GLY A 1 97  ? -4.223  10.436  11.404  1.00 68.18  ? 97  GLY A N   1 
ATOM   741  C CA  . GLY A 1 97  ? -5.638  10.704  11.219  1.00 69.99  ? 97  GLY A CA  1 
ATOM   742  C C   . GLY A 1 97  ? -6.305  10.363  9.911   1.00 70.51  ? 97  GLY A C   1 
ATOM   743  O O   . GLY A 1 97  ? -7.315  10.974  9.557   1.00 72.62  ? 97  GLY A O   1 
ATOM   744  N N   . VAL A 1 98  ? -5.772  9.364   9.214   1.00 68.69  ? 98  VAL A N   1 
ATOM   745  C CA  . VAL A 1 98  ? -6.308  8.936   7.935   1.00 64.59  ? 98  VAL A CA  1 
ATOM   746  C C   . VAL A 1 98  ? -6.814  7.520   8.163   1.00 63.66  ? 98  VAL A C   1 
ATOM   747  O O   . VAL A 1 98  ? -6.029  6.607   8.324   1.00 61.10  ? 98  VAL A O   1 
ATOM   748  C CB  . VAL A 1 98  ? -5.201  8.943   6.826   1.00 61.90  ? 98  VAL A CB  1 
ATOM   749  C CG1 . VAL A 1 98  ? -5.821  8.712   5.465   1.00 60.55  ? 98  VAL A CG1 1 
ATOM   750  C CG2 . VAL A 1 98  ? -4.428  10.266  6.837   1.00 60.75  ? 98  VAL A CG2 1 
ATOM   751  N N   . PRO A 1 99  ? -8.137  7.323   8.191   1.00 65.03  ? 99  PRO A N   1 
ATOM   752  C CA  . PRO A 1 99  ? -8.686  5.985   8.408   1.00 66.24  ? 99  PRO A CA  1 
ATOM   753  C C   . PRO A 1 99  ? -8.541  5.074   7.188   1.00 67.93  ? 99  PRO A C   1 
ATOM   754  O O   . PRO A 1 99  ? -8.959  5.412   6.067   1.00 73.55  ? 99  PRO A O   1 
ATOM   755  C CB  . PRO A 1 99  ? -10.164 6.274   8.691   1.00 64.50  ? 99  PRO A CB  1 
ATOM   756  C CG  . PRO A 1 99  ? -10.465 7.353   7.716   1.00 65.11  ? 99  PRO A CG  1 
ATOM   757  C CD  . PRO A 1 99  ? -9.217  8.272   7.864   1.00 67.27  ? 99  PRO A CD  1 
ATOM   758  N N   . ILE A 1 100 ? -7.947  3.914   7.403   1.00 65.60  ? 100 ILE A N   1 
ATOM   759  C CA  . ILE A 1 100 ? -7.807  2.957   6.325   1.00 63.23  ? 100 ILE A CA  1 
ATOM   760  C C   . ILE A 1 100 ? -8.580  1.693   6.750   1.00 63.50  ? 100 ILE A C   1 
ATOM   761  O O   . ILE A 1 100 ? -8.310  1.097   7.783   1.00 62.37  ? 100 ILE A O   1 
ATOM   762  C CB  . ILE A 1 100 ? -6.318  2.775   5.984   1.00 59.99  ? 100 ILE A CB  1 
ATOM   763  C CG1 . ILE A 1 100 ? -5.850  4.023   5.232   1.00 56.26  ? 100 ILE A CG1 1 
ATOM   764  C CG2 . ILE A 1 100 ? -6.099  1.520   5.176   1.00 59.67  ? 100 ILE A CG2 1 
ATOM   765  C CD1 . ILE A 1 100 ? -4.381  4.159   5.097   1.00 54.44  ? 100 ILE A CD1 1 
ATOM   766  N N   . LYS A 1 101 ? -9.637  1.378   6.022   1.00 64.99  ? 101 LYS A N   1 
ATOM   767  C CA  . LYS A 1 101 ? -10.454 0.230   6.385   1.00 69.04  ? 101 LYS A CA  1 
ATOM   768  C C   . LYS A 1 101 ? -9.783  -1.121  6.099   1.00 70.77  ? 101 LYS A C   1 
ATOM   769  O O   . LYS A 1 101 ? -9.679  -1.973  6.985   1.00 72.41  ? 101 LYS A O   1 
ATOM   770  C CB  . LYS A 1 101 ? -11.819 0.299   5.678   1.00 72.10  ? 101 LYS A CB  1 
ATOM   771  C CG  . LYS A 1 101 ? -12.636 1.555   5.960   0.00 105.67 ? 101 LYS A CG  1 
ATOM   772  C CD  . LYS A 1 101 ? -13.935 1.546   5.163   0.00 105.67 ? 101 LYS A CD  1 
ATOM   773  C CE  . LYS A 1 101 ? -14.789 2.770   5.467   0.00 105.67 ? 101 LYS A CE  1 
ATOM   774  N NZ  . LYS A 1 101 ? -16.066 2.779   4.698   0.00 105.67 ? 101 LYS A NZ  1 
ATOM   775  N N   . THR A 1 102 ? -9.368  -1.334  4.855   1.00 70.24  ? 102 THR A N   1 
ATOM   776  C CA  . THR A 1 102 ? -8.722  -2.585  4.482   1.00 69.67  ? 102 THR A CA  1 
ATOM   777  C C   . THR A 1 102 ? -7.379  -2.311  3.811   1.00 66.97  ? 102 THR A C   1 
ATOM   778  O O   . THR A 1 102 ? -7.133  -1.221  3.302   1.00 67.56  ? 102 THR A O   1 
ATOM   779  C CB  . THR A 1 102 ? -9.625  -3.453  3.526   1.00 72.50  ? 102 THR A CB  1 
ATOM   780  O OG1 . THR A 1 102 ? -9.432  -3.070  2.156   1.00 76.19  ? 102 THR A OG1 1 
ATOM   781  C CG2 . THR A 1 102 ? -11.087 -3.292  3.878   1.00 72.02  ? 102 THR A CG2 1 
ATOM   782  N N   . VAL A 1 103 ? -6.496  -3.297  3.843   1.00 63.24  ? 103 VAL A N   1 
ATOM   783  C CA  . VAL A 1 103 ? -5.182  -3.183  3.216   1.00 57.72  ? 103 VAL A CA  1 
ATOM   784  C C   . VAL A 1 103 ? -5.005  -4.430  2.354   1.00 55.28  ? 103 VAL A C   1 
ATOM   785  O O   . VAL A 1 103 ? -5.300  -5.531  2.816   1.00 54.79  ? 103 VAL A O   1 
ATOM   786  C CB  . VAL A 1 103 ? -4.045  -3.075  4.289   1.00 52.61  ? 103 VAL A CB  1 
ATOM   787  C CG1 . VAL A 1 103 ? -2.701  -3.424  3.683   1.00 51.82  ? 103 VAL A CG1 1 
ATOM   788  C CG2 . VAL A 1 103 ? -3.977  -1.662  4.823   1.00 47.42  ? 103 VAL A CG2 1 
ATOM   789  N N   . ASN A 1 104 ? -4.631  -4.256  1.088   1.00 51.87  ? 104 ASN A N   1 
ATOM   790  C CA  . ASN A 1 104 ? -4.424  -5.403  0.207   1.00 50.92  ? 104 ASN A CA  1 
ATOM   791  C C   . ASN A 1 104 ? -2.933  -5.705  0.130   1.00 52.44  ? 104 ASN A C   1 
ATOM   792  O O   . ASN A 1 104 ? -2.172  -4.907  -0.413  1.00 57.47  ? 104 ASN A O   1 
ATOM   793  C CB  . ASN A 1 104 ? -4.987  -5.141  -1.195  1.00 46.01  ? 104 ASN A CB  1 
ATOM   794  C CG  . ASN A 1 104 ? -4.333  -6.000  -2.265  1.00 46.84  ? 104 ASN A CG  1 
ATOM   795  O OD1 . ASN A 1 104 ? -3.507  -5.532  -3.037  1.00 50.37  ? 104 ASN A OD1 1 
ATOM   796  N ND2 . ASN A 1 104 ? -4.703  -7.253  -2.316  1.00 47.73  ? 104 ASN A ND2 1 
ATOM   797  N N   . VAL A 1 105 ? -2.508  -6.797  0.757   1.00 51.11  ? 105 VAL A N   1 
ATOM   798  C CA  . VAL A 1 105 ? -1.110  -7.212  0.730   1.00 50.54  ? 105 VAL A CA  1 
ATOM   799  C C   . VAL A 1 105 ? -0.840  -7.858  -0.612  1.00 49.09  ? 105 VAL A C   1 
ATOM   800  O O   . VAL A 1 105 ? -1.431  -8.885  -0.981  1.00 46.78  ? 105 VAL A O   1 
ATOM   801  C CB  . VAL A 1 105 ? -0.761  -8.198  1.858   1.00 51.18  ? 105 VAL A CB  1 
ATOM   802  C CG1 . VAL A 1 105 ? 0.704   -8.628  1.749   1.00 49.73  ? 105 VAL A CG1 1 
ATOM   803  C CG2 . VAL A 1 105 ? -1.025  -7.540  3.182   1.00 47.06  ? 105 VAL A CG2 1 
ATOM   804  N N   . GLY A 1 106 ? 0.067   -7.222  -1.331  1.00 47.57  ? 106 GLY A N   1 
ATOM   805  C CA  . GLY A 1 106 ? 0.419   -7.672  -2.652  1.00 50.52  ? 106 GLY A CA  1 
ATOM   806  C C   . GLY A 1 106 ? 1.750   -8.369  -2.751  1.00 49.45  ? 106 GLY A C   1 
ATOM   807  O O   . GLY A 1 106 ? 1.814   -9.410  -3.368  1.00 49.75  ? 106 GLY A O   1 
ATOM   808  N N   . GLY A 1 107 ? 2.816   -7.787  -2.208  1.00 48.50  ? 107 GLY A N   1 
ATOM   809  C CA  . GLY A 1 107 ? 4.113   -8.449  -2.264  1.00 45.91  ? 107 GLY A CA  1 
ATOM   810  C C   . GLY A 1 107 ? 5.181   -7.689  -1.496  1.00 46.75  ? 107 GLY A C   1 
ATOM   811  O O   . GLY A 1 107 ? 5.077   -6.476  -1.368  1.00 48.57  ? 107 GLY A O   1 
ATOM   812  N N   . MET A 1 108 ? 6.138   -8.411  -0.907  1.00 45.64  ? 108 MET A N   1 
ATOM   813  C CA  . MET A 1 108 ? 7.258   -7.824  -0.181  1.00 46.20  ? 108 MET A CA  1 
ATOM   814  C C   . MET A 1 108 ? 8.346   -8.813  -0.539  1.00 48.53  ? 108 MET A C   1 
ATOM   815  O O   . MET A 1 108 ? 8.297   -9.970  -0.132  1.00 47.41  ? 108 MET A O   1 
ATOM   816  C CB  . MET A 1 108 ? 6.990   -7.800  1.309   1.00 48.65  ? 108 MET A CB  1 
ATOM   817  C CG  . MET A 1 108 ? 5.759   -6.959  1.680   1.00 52.27  ? 108 MET A CG  1 
ATOM   818  S SD  . MET A 1 108 ? 5.595   -6.652  3.450   1.00 50.39  ? 108 MET A SD  1 
ATOM   819  C CE  . MET A 1 108 ? 7.075   -5.693  3.650   1.00 45.55  ? 108 MET A CE  1 
ATOM   820  N N   . ARG A 1 109 ? 9.218   -8.379  -1.451  1.00 52.39  ? 109 ARG A N   1 
ATOM   821  C CA  . ARG A 1 109 ? 10.282  -9.207  -2.004  1.00 54.15  ? 109 ARG A CA  1 
ATOM   822  C C   . ARG A 1 109 ? 11.176  -9.749  -0.942  1.00 55.63  ? 109 ARG A C   1 
ATOM   823  O O   . ARG A 1 109 ? 11.421  -9.090  0.074   1.00 58.72  ? 109 ARG A O   1 
ATOM   824  C CB  . ARG A 1 109 ? 11.120  -8.452  -3.062  1.00 53.84  ? 109 ARG A CB  1 
ATOM   825  C CG  . ARG A 1 109 ? 11.995  -7.338  -2.472  1.00 61.66  ? 109 ARG A CG  1 
ATOM   826  C CD  . ARG A 1 109 ? 13.200  -6.896  -3.338  1.00 61.51  ? 109 ARG A CD  1 
ATOM   827  N NE  . ARG A 1 109 ? 14.021  -5.922  -2.619  0.00 82.40  ? 109 ARG A NE  1 
ATOM   828  C CZ  . ARG A 1 109 ? 15.063  -5.276  -3.129  0.00 82.40  ? 109 ARG A CZ  1 
ATOM   829  N NH1 . ARG A 1 109 ? 15.436  -5.492  -4.384  0.00 105.67 ? 109 ARG A NH1 1 
ATOM   830  N NH2 . ARG A 1 109 ? 15.736  -4.411  -2.385  0.00 105.67 ? 109 ARG A NH2 1 
ATOM   831  N N   . PHE A 1 110 ? 11.615  -10.983 -1.182  1.00 55.75  ? 110 PHE A N   1 
ATOM   832  C CA  . PHE A 1 110 ? 12.526  -11.689 -0.292  1.00 55.10  ? 110 PHE A CA  1 
ATOM   833  C C   . PHE A 1 110 ? 13.893  -11.022 -0.312  1.00 55.99  ? 110 PHE A C   1 
ATOM   834  O O   . PHE A 1 110 ? 14.282  -10.386 -1.277  1.00 55.92  ? 110 PHE A O   1 
ATOM   835  C CB  . PHE A 1 110 ? 12.700  -13.154 -0.726  1.00 53.19  ? 110 PHE A CB  1 
ATOM   836  C CG  . PHE A 1 110 ? 13.483  -13.989 0.261   1.00 52.73  ? 110 PHE A CG  1 
ATOM   837  C CD1 . PHE A 1 110 ? 12.859  -14.524 1.371   1.00 53.91  ? 110 PHE A CD1 1 
ATOM   838  C CD2 . PHE A 1 110 ? 14.857  -14.203 0.090   1.00 53.16  ? 110 PHE A CD2 1 
ATOM   839  C CE1 . PHE A 1 110 ? 13.587  -15.260 2.301   1.00 55.79  ? 110 PHE A CE1 1 
ATOM   840  C CE2 . PHE A 1 110 ? 15.590  -14.936 1.012   1.00 52.52  ? 110 PHE A CE2 1 
ATOM   841  C CZ  . PHE A 1 110 ? 14.949  -15.468 2.122   1.00 55.57  ? 110 PHE A CZ  1 
ATOM   842  N N   . GLU A 1 111 ? 14.616  -11.218 0.778   1.00 59.41  ? 111 GLU A N   1 
ATOM   843  C CA  . GLU A 1 111 ? 15.957  -10.726 0.994   1.00 61.23  ? 111 GLU A CA  1 
ATOM   844  C C   . GLU A 1 111 ? 16.609  -11.741 1.933   1.00 63.39  ? 111 GLU A C   1 
ATOM   845  O O   . GLU A 1 111 ? 15.920  -12.607 2.483   1.00 63.13  ? 111 GLU A O   1 
ATOM   846  C CB  . GLU A 1 111 ? 15.895  -9.377  1.660   1.00 63.47  ? 111 GLU A CB  1 
ATOM   847  C CG  . GLU A 1 111 ? 15.148  -8.362  0.871   1.00 64.84  ? 111 GLU A CG  1 
ATOM   848  C CD  . GLU A 1 111 ? 15.691  -7.009  1.140   1.00 65.64  ? 111 GLU A CD  1 
ATOM   849  O OE1 . GLU A 1 111 ? 15.343  -6.429  2.189   1.00 66.87  ? 111 GLU A OE1 1 
ATOM   850  O OE2 . GLU A 1 111 ? 16.499  -6.541  0.322   1.00 69.37  ? 111 GLU A OE2 1 
ATOM   851  N N   . ASN A 1 112 ? 17.922  -11.663 2.120   1.00 66.00  ? 112 ASN A N   1 
ATOM   852  C CA  . ASN A 1 112 ? 18.556  -12.649 2.990   1.00 67.22  ? 112 ASN A CA  1 
ATOM   853  C C   . ASN A 1 112 ? 18.187  -12.582 4.462   1.00 66.71  ? 112 ASN A C   1 
ATOM   854  O O   . ASN A 1 112 ? 18.186  -13.604 5.148   1.00 66.61  ? 112 ASN A O   1 
ATOM   855  C CB  . ASN A 1 112 ? 20.070  -12.682 2.788   1.00 66.55  ? 112 ASN A CB  1 
ATOM   856  C CG  . ASN A 1 112 ? 20.454  -13.522 1.585   1.00 65.08  ? 112 ASN A CG  1 
ATOM   857  O OD1 . ASN A 1 112 ? 19.770  -14.492 1.248   1.00 60.74  ? 112 ASN A OD1 1 
ATOM   858  N ND2 . ASN A 1 112 ? 21.522  -13.146 0.912   1.00 68.71  ? 112 ASN A ND2 1 
ATOM   859  N N   . HIS A 1 113 ? 17.776  -11.410 4.922   1.00 65.87  ? 113 HIS A N   1 
ATOM   860  C CA  . HIS A 1 113 ? 17.408  -11.267 6.318   1.00 66.69  ? 113 HIS A CA  1 
ATOM   861  C C   . HIS A 1 113 ? 15.892  -11.307 6.534   1.00 69.19  ? 113 HIS A C   1 
ATOM   862  O O   . HIS A 1 113 ? 15.399  -10.917 7.613   1.00 72.43  ? 113 HIS A O   1 
ATOM   863  C CB  . HIS A 1 113 ? 17.966  -9.960  6.843   1.00 66.86  ? 113 HIS A CB  1 
ATOM   864  C CG  . HIS A 1 113 ? 17.295  -8.757  6.260   1.00 67.19  ? 113 HIS A CG  1 
ATOM   865  N ND1 . HIS A 1 113 ? 17.729  -8.145  5.104   1.00 69.83  ? 113 HIS A ND1 1 
ATOM   866  C CD2 . HIS A 1 113 ? 16.213  -8.057  6.678   1.00 68.27  ? 113 HIS A CD2 1 
ATOM   867  C CE1 . HIS A 1 113 ? 16.954  -7.123  4.832   1.00 68.82  ? 113 HIS A CE1 1 
ATOM   868  N NE2 . HIS A 1 113 ? 16.021  -7.043  5.771   1.00 68.55  ? 113 HIS A NE2 1 
ATOM   869  N N   . ARG A 1 114 ? 15.146  -11.683 5.488   1.00 67.29  ? 114 ARG A N   1 
ATOM   870  C CA  . ARG A 1 114 ? 13.688  -11.773 5.576   1.00 59.43  ? 114 ARG A CA  1 
ATOM   871  C C   . ARG A 1 114 ? 13.235  -13.222 5.680   1.00 58.88  ? 114 ARG A C   1 
ATOM   872  O O   . ARG A 1 114 ? 13.963  -14.172 5.363   1.00 56.81  ? 114 ARG A O   1 
ATOM   873  C CB  . ARG A 1 114 ? 13.017  -11.132 4.373   1.00 59.52  ? 114 ARG A CB  1 
ATOM   874  C CG  . ARG A 1 114 ? 13.289  -9.663  4.206   1.00 58.64  ? 114 ARG A CG  1 
ATOM   875  C CD  . ARG A 1 114 ? 12.417  -9.039  3.126   1.00 58.12  ? 114 ARG A CD  1 
ATOM   876  N NE  . ARG A 1 114 ? 12.394  -7.593  3.319   1.00 61.71  ? 114 ARG A NE  1 
ATOM   877  C CZ  . ARG A 1 114 ? 11.375  -6.907  3.843   1.00 61.72  ? 114 ARG A CZ  1 
ATOM   878  N NH1 . ARG A 1 114 ? 10.260  -7.512  4.223   1.00 60.97  ? 114 ARG A NH1 1 
ATOM   879  N NH2 . ARG A 1 114 ? 11.496  -5.613  4.053   1.00 64.79  ? 114 ARG A NH2 1 
ATOM   880  N N   . ARG A 1 115 ? 11.996  -13.379 6.116   1.00 58.00  ? 115 ARG A N   1 
ATOM   881  C CA  . ARG A 1 115 ? 11.414  -14.681 6.279   1.00 58.26  ? 115 ARG A CA  1 
ATOM   882  C C   . ARG A 1 115 ? 10.255  -14.820 5.268   1.00 60.65  ? 115 ARG A C   1 
ATOM   883  O O   . ARG A 1 115 ? 9.245   -14.122 5.390   1.00 65.68  ? 115 ARG A O   1 
ATOM   884  C CB  . ARG A 1 115 ? 10.911  -14.750 7.698   1.00 57.00  ? 115 ARG A CB  1 
ATOM   885  C CG  . ARG A 1 115 ? 10.727  -16.138 8.222   1.00 60.74  ? 115 ARG A CG  1 
ATOM   886  C CD  . ARG A 1 115 ? 9.952   -16.044 9.496   1.00 62.21  ? 115 ARG A CD  1 
ATOM   887  N NE  . ARG A 1 115 ? 9.697   -17.345 10.076  1.00 61.76  ? 115 ARG A NE  1 
ATOM   888  C CZ  . ARG A 1 115 ? 9.683   -17.540 11.378  1.00 63.78  ? 115 ARG A CZ  1 
ATOM   889  N NH1 . ARG A 1 115 ? 9.898   -16.483 12.168  1.00 59.55  ? 115 ARG A NH1 1 
ATOM   890  N NH2 . ARG A 1 115 ? 9.542   -18.777 11.866  1.00 63.86  ? 115 ARG A NH2 1 
ATOM   891  N N   . GLN A 1 116 ? 10.390  -15.684 4.257   1.00 57.40  ? 116 GLN A N   1 
ATOM   892  C CA  . GLN A 1 116 ? 9.322   -15.836 3.273   1.00 56.92  ? 116 GLN A CA  1 
ATOM   893  C C   . GLN A 1 116 ? 8.094   -16.397 3.954   1.00 56.18  ? 116 GLN A C   1 
ATOM   894  O O   . GLN A 1 116 ? 8.198   -17.384 4.628   1.00 57.10  ? 116 GLN A O   1 
ATOM   895  C CB  . GLN A 1 116 ? 9.743   -16.759 2.140   1.00 57.39  ? 116 GLN A CB  1 
ATOM   896  C CG  . GLN A 1 116 ? 8.581   -17.127 1.241   1.00 61.57  ? 116 GLN A CG  1 
ATOM   897  C CD  . GLN A 1 116 ? 8.984   -17.902 0.000   1.00 67.58  ? 116 GLN A CD  1 
ATOM   898  O OE1 . GLN A 1 116 ? 9.492   -19.027 0.103   1.00 69.46  ? 116 GLN A OE1 1 
ATOM   899  N NE2 . GLN A 1 116 ? 8.747   -17.308 -1.190  1.00 67.15  ? 116 GLN A NE2 1 
ATOM   900  N N   . ILE A 1 117 ? 6.934   -15.774 3.761   1.00 57.09  ? 117 ILE A N   1 
ATOM   901  C CA  . ILE A 1 117 ? 5.662   -16.214 4.360   1.00 56.53  ? 117 ILE A CA  1 
ATOM   902  C C   . ILE A 1 117 ? 4.663   -16.788 3.318   1.00 60.07  ? 117 ILE A C   1 
ATOM   903  O O   . ILE A 1 117 ? 3.811   -17.629 3.636   1.00 61.43  ? 117 ILE A O   1 
ATOM   904  C CB  . ILE A 1 117 ? 4.992   -15.041 5.120   1.00 53.62  ? 117 ILE A CB  1 
ATOM   905  C CG1 . ILE A 1 117 ? 5.930   -14.530 6.223   1.00 54.25  ? 117 ILE A CG1 1 
ATOM   906  C CG2 . ILE A 1 117 ? 3.570   -15.415 5.545   1.00 51.11  ? 117 ILE A CG2 1 
ATOM   907  C CD1 . ILE A 1 117 ? 5.417   -14.664 7.647   1.00 53.80  ? 117 ILE A CD1 1 
ATOM   908  N N   . THR A 1 118 ? 4.711   -16.239 2.097   1.00 62.37  ? 118 THR A N   1 
ATOM   909  C CA  . THR A 1 118 ? 3.875   -16.669 0.961   1.00 60.41  ? 118 THR A CA  1 
ATOM   910  C C   . THR A 1 118 ? 4.729   -16.463 -0.308  1.00 58.18  ? 118 THR A C   1 
ATOM   911  O O   . THR A 1 118 ? 5.744   -15.752 -0.276  1.00 56.21  ? 118 THR A O   1 
ATOM   912  C CB  . THR A 1 118 ? 2.526   -15.854 0.840   1.00 61.86  ? 118 THR A CB  1 
ATOM   913  O OG1 . THR A 1 118 ? 2.797   -14.466 0.586   1.00 65.49  ? 118 THR A OG1 1 
ATOM   914  C CG2 . THR A 1 118 ? 1.686   -15.990 2.103   1.00 61.78  ? 118 THR A CG2 1 
ATOM   915  N N   . LYS A 1 119 ? 4.312   -17.091 -1.404  1.00 54.54  ? 119 LYS A N   1 
ATOM   916  C CA  . LYS A 1 119 ? 5.009   -16.988 -2.662  1.00 52.89  ? 119 LYS A CA  1 
ATOM   917  C C   . LYS A 1 119 ? 5.512   -15.563 -2.951  1.00 55.10  ? 119 LYS A C   1 
ATOM   918  O O   . LYS A 1 119 ? 6.631   -15.369 -3.432  1.00 55.17  ? 119 LYS A O   1 
ATOM   919  C CB  . LYS A 1 119 ? 4.085   -17.490 -3.745  1.00 53.66  ? 119 LYS A CB  1 
ATOM   920  C CG  . LYS A 1 119 ? 4.774   -17.856 -5.032  1.00 62.52  ? 119 LYS A CG  1 
ATOM   921  C CD  . LYS A 1 119 ? 3.791   -18.218 -6.112  0.00 105.67 ? 119 LYS A CD  1 
ATOM   922  C CE  . LYS A 1 119 ? 4.513   -18.499 -7.411  0.00 105.67 ? 119 LYS A CE  1 
ATOM   923  N NZ  . LYS A 1 119 ? 3.545   -18.831 -8.482  0.00 105.67 ? 119 LYS A NZ  1 
ATOM   924  N N   . SER A 1 120 ? 4.746   -14.558 -2.542  1.00 57.42  ? 120 SER A N   1 
ATOM   925  C CA  . SER A 1 120 ? 5.143   -13.167 -2.791  1.00 57.10  ? 120 SER A CA  1 
ATOM   926  C C   . SER A 1 120 ? 5.432   -12.263 -1.574  1.00 58.09  ? 120 SER A C   1 
ATOM   927  O O   . SER A 1 120 ? 5.955   -11.156 -1.753  1.00 62.36  ? 120 SER A O   1 
ATOM   928  C CB  . SER A 1 120 ? 4.107   -12.486 -3.673  1.00 55.41  ? 120 SER A CB  1 
ATOM   929  O OG  . SER A 1 120 ? 3.843   -13.207 -4.869  0.00 105.67 ? 120 SER A OG  1 
ATOM   930  N N   . VAL A 1 121 ? 5.064   -12.663 -0.353  1.00 53.64  ? 121 VAL A N   1 
ATOM   931  C CA  . VAL A 1 121 ? 5.353   -11.805 0.813   1.00 49.84  ? 121 VAL A CA  1 
ATOM   932  C C   . VAL A 1 121 ? 6.487   -12.308 1.701   1.00 48.43  ? 121 VAL A C   1 
ATOM   933  O O   . VAL A 1 121 ? 6.496   -13.469 2.093   1.00 47.87  ? 121 VAL A O   1 
ATOM   934  C CB  . VAL A 1 121 ? 4.114   -11.612 1.711   1.00 48.06  ? 121 VAL A CB  1 
ATOM   935  C CG1 . VAL A 1 121 ? 4.433   -10.667 2.883   1.00 45.84  ? 121 VAL A CG1 1 
ATOM   936  C CG2 . VAL A 1 121 ? 2.973   -11.069 0.895   1.00 48.42  ? 121 VAL A CG2 1 
ATOM   937  N N   . SER A 1 122 ? 7.438   -11.438 2.010   1.00 47.27  ? 122 SER A N   1 
ATOM   938  C CA  . SER A 1 122 ? 8.545   -11.811 2.890   1.00 48.06  ? 122 SER A CA  1 
ATOM   939  C C   . SER A 1 122 ? 8.617   -10.697 3.878   1.00 48.64  ? 122 SER A C   1 
ATOM   940  O O   . SER A 1 122 ? 8.487   -9.533  3.521   1.00 48.88  ? 122 SER A O   1 
ATOM   941  C CB  . SER A 1 122 ? 9.862   -11.975 2.142   1.00 48.47  ? 122 SER A CB  1 
ATOM   942  O OG  . SER A 1 122 ? 9.869   -13.243 1.502   1.00 50.73  ? 122 SER A OG  1 
ATOM   943  N N   . VAL A 1 123 ? 8.747   -11.080 5.139   1.00 49.36  ? 123 VAL A N   1 
ATOM   944  C CA  . VAL A 1 123 ? 8.749   -10.145 6.244   1.00 47.94  ? 123 VAL A CA  1 
ATOM   945  C C   . VAL A 1 123 ? 9.968   -10.270 7.136   1.00 49.30  ? 123 VAL A C   1 
ATOM   946  O O   . VAL A 1 123 ? 10.650  -11.295 7.155   1.00 49.81  ? 123 VAL A O   1 
ATOM   947  C CB  . VAL A 1 123 ? 7.531   -10.395 7.124   1.00 45.18  ? 123 VAL A CB  1 
ATOM   948  C CG1 . VAL A 1 123 ? 6.294   -10.170 6.354   1.00 43.31  ? 123 VAL A CG1 1 
ATOM   949  C CG2 . VAL A 1 123 ? 7.559   -11.842 7.606   1.00 47.50  ? 123 VAL A CG2 1 
ATOM   950  N N   . THR A 1 124 ? 10.162  -9.199  7.898   1.00 50.20  ? 124 THR A N   1 
ATOM   951  C CA  . THR A 1 124 ? 11.197  -9.014  8.899   1.00 50.37  ? 124 THR A CA  1 
ATOM   952  C C   . THR A 1 124 ? 10.439  -8.970  10.231  1.00 55.18  ? 124 THR A C   1 
ATOM   953  O O   . THR A 1 124 ? 9.214   -9.022  10.265  1.00 55.13  ? 124 THR A O   1 
ATOM   954  C CB  . THR A 1 124 ? 11.807  -7.619  8.802   1.00 47.58  ? 124 THR A CB  1 
ATOM   955  O OG1 . THR A 1 124 ? 10.776  -6.665  9.049   1.00 45.21  ? 124 THR A OG1 1 
ATOM   956  C CG2 . THR A 1 124 ? 12.383  -7.359  7.459   1.00 42.45  ? 124 THR A CG2 1 
ATOM   957  N N   . GLU A 1 125 ? 11.158  -8.732  11.322  1.00 62.10  ? 125 GLU A N   1 
ATOM   958  C CA  . GLU A 1 125 ? 10.513  -8.652  12.647  1.00 65.29  ? 125 GLU A CA  1 
ATOM   959  C C   . GLU A 1 125 ? 9.652   -7.363  12.756  1.00 64.36  ? 125 GLU A C   1 
ATOM   960  O O   . GLU A 1 125 ? 8.530   -7.402  13.290  1.00 62.01  ? 125 GLU A O   1 
ATOM   961  C CB  . GLU A 1 125 ? 11.569  -8.714  13.777  1.00 67.19  ? 125 GLU A CB  1 
ATOM   962  C CG  . GLU A 1 125 ? 12.610  -9.807  13.614  0.00 105.67 ? 125 GLU A CG  1 
ATOM   963  C CD  . GLU A 1 125 ? 13.746  -9.701  14.622  0.00 105.67 ? 125 GLU A CD  1 
ATOM   964  O OE1 . GLU A 1 125 ? 13.798  -8.708  15.380  0.00 105.67 ? 125 GLU A OE1 1 
ATOM   965  O OE2 . GLU A 1 125 ? 14.596  -10.615 14.650  0.00 105.67 ? 125 GLU A OE2 1 
ATOM   966  N N   . GLN A 1 126 ? 10.166  -6.240  12.230  1.00 64.82  ? 126 GLN A N   1 
ATOM   967  C CA  . GLN A 1 126 ? 9.426   -4.965  12.269  1.00 64.04  ? 126 GLN A CA  1 
ATOM   968  C C   . GLN A 1 126 ? 8.159   -5.084  11.457  1.00 63.75  ? 126 GLN A C   1 
ATOM   969  O O   . GLN A 1 126 ? 7.145   -4.501  11.837  1.00 67.55  ? 126 GLN A O   1 
ATOM   970  C CB  . GLN A 1 126 ? 10.249  -3.765  11.753  1.00 61.14  ? 126 GLN A CB  1 
ATOM   971  C CG  . GLN A 1 126 ? 9.613   -2.397  12.024  0.00 110.35 ? 126 GLN A CG  1 
ATOM   972  C CD  . GLN A 1 126 ? 10.513  -1.217  11.663  0.00 110.35 ? 126 GLN A CD  1 
ATOM   973  O OE1 . GLN A 1 126 ? 10.415  -0.145  12.261  0.00 110.35 ? 126 GLN A OE1 1 
ATOM   974  N NE2 . GLN A 1 126 ? 11.383  -1.407  10.674  0.00 110.35 ? 126 GLN A NE2 1 
ATOM   975  N N   . ASP A 1 127 ? 8.201   -5.846  10.359  1.00 62.23  ? 127 ASP A N   1 
ATOM   976  C CA  . ASP A 1 127 ? 7.011   -6.017  9.506   1.00 60.98  ? 127 ASP A CA  1 
ATOM   977  C C   . ASP A 1 127 ? 5.855   -6.678  10.260  1.00 60.21  ? 127 ASP A C   1 
ATOM   978  O O   . ASP A 1 127 ? 4.714   -6.197  10.224  1.00 58.34  ? 127 ASP A O   1 
ATOM   979  C CB  . ASP A 1 127 ? 7.334   -6.826  8.234   1.00 61.31  ? 127 ASP A CB  1 
ATOM   980  C CG  . ASP A 1 127 ? 8.101   -6.022  7.207   1.00 60.42  ? 127 ASP A CG  1 
ATOM   981  O OD1 . ASP A 1 127 ? 7.699   -4.897  6.878   1.00 61.34  ? 127 ASP A OD1 1 
ATOM   982  O OD2 . ASP A 1 127 ? 9.115   -6.512  6.703   1.00 64.72  ? 127 ASP A OD2 1 
ATOM   983  N N   . ILE A 1 128 ? 6.183   -7.753  10.979  1.00 60.77  ? 128 ILE A N   1 
ATOM   984  C CA  . ILE A 1 128 ? 5.229   -8.552  11.745  1.00 61.01  ? 128 ILE A CA  1 
ATOM   985  C C   . ILE A 1 128 ? 4.552   -7.785  12.859  1.00 63.36  ? 128 ILE A C   1 
ATOM   986  O O   . ILE A 1 128 ? 3.331   -7.889  13.022  1.00 64.29  ? 128 ILE A O   1 
ATOM   987  C CB  . ILE A 1 128 ? 5.909   -9.805  12.294  1.00 61.61  ? 128 ILE A CB  1 
ATOM   988  C CG1 . ILE A 1 128 ? 6.375   -10.668 11.111  1.00 63.41  ? 128 ILE A CG1 1 
ATOM   989  C CG2 . ILE A 1 128 ? 4.979   -10.564 13.200  1.00 60.12  ? 128 ILE A CG2 1 
ATOM   990  C CD1 . ILE A 1 128 ? 7.048   -11.969 11.472  1.00 58.65  ? 128 ILE A CD1 1 
ATOM   991  N N   . LYS A 1 129 ? 5.322   -7.007  13.618  1.00 63.27  ? 129 LYS A N   1 
ATOM   992  C CA  . LYS A 1 129 ? 4.739   -6.211  14.681  1.00 64.42  ? 129 LYS A CA  1 
ATOM   993  C C   . LYS A 1 129 ? 3.654   -5.331  14.074  1.00 65.14  ? 129 LYS A C   1 
ATOM   994  O O   . LYS A 1 129 ? 2.496   -5.356  14.531  1.00 66.42  ? 129 LYS A O   1 
ATOM   995  C CB  . LYS A 1 129 ? 5.805   -5.345  15.344  1.00 67.15  ? 129 LYS A CB  1 
ATOM   996  C CG  . LYS A 1 129 ? 6.942   -6.137  15.985  1.00 69.95  ? 129 LYS A CG  1 
ATOM   997  C CD  . LYS A 1 129 ? 6.468   -6.928  17.180  0.00 112.33 ? 129 LYS A CD  1 
ATOM   998  C CE  . LYS A 1 129 ? 7.621   -7.674  17.822  0.00 112.33 ? 129 LYS A CE  1 
ATOM   999  N NZ  . LYS A 1 129 ? 7.180   -8.501  18.977  0.00 112.33 ? 129 LYS A NZ  1 
ATOM   1000 N N   . ALA A 1 130 ? 4.009   -4.644  12.980  1.00 65.34  ? 130 ALA A N   1 
ATOM   1001 C CA  . ALA A 1 130 ? 3.091   -3.726  12.283  1.00 66.12  ? 130 ALA A CA  1 
ATOM   1002 C C   . ALA A 1 130 ? 1.833   -4.389  11.708  1.00 67.29  ? 130 ALA A C   1 
ATOM   1003 O O   . ALA A 1 130 ? 0.738   -3.780  11.726  1.00 67.28  ? 130 ALA A O   1 
ATOM   1004 C CB  . ALA A 1 130 ? 3.822   -2.927  11.230  1.00 64.22  ? 130 ALA A CB  1 
ATOM   1005 N N   . PHE A 1 131 ? 1.982   -5.609  11.174  1.00 65.07  ? 131 PHE A N   1 
ATOM   1006 C CA  . PHE A 1 131 ? 0.827   -6.342  10.676  1.00 65.42  ? 131 PHE A CA  1 
ATOM   1007 C C   . PHE A 1 131 ? -0.051  -6.629  11.914  1.00 68.56  ? 131 PHE A C   1 
ATOM   1008 O O   . PHE A 1 131 ? -1.285  -6.620  11.810  1.00 69.95  ? 131 PHE A O   1 
ATOM   1009 C CB  . PHE A 1 131 ? 1.227   -7.650  9.990   1.00 62.51  ? 131 PHE A CB  1 
ATOM   1010 C CG  . PHE A 1 131 ? 1.594   -7.503  8.528   1.00 62.83  ? 131 PHE A CG  1 
ATOM   1011 C CD1 . PHE A 1 131 ? 0.762   -6.816  7.642   1.00 62.93  ? 131 PHE A CD1 1 
ATOM   1012 C CD2 . PHE A 1 131 ? 2.769   -8.085  8.021   1.00 60.32  ? 131 PHE A CD2 1 
ATOM   1013 C CE1 . PHE A 1 131 ? 1.097   -6.717  6.281   1.00 62.45  ? 131 PHE A CE1 1 
ATOM   1014 C CE2 . PHE A 1 131 ? 3.109   -7.989  6.674   1.00 56.48  ? 131 PHE A CE2 1 
ATOM   1015 C CZ  . PHE A 1 131 ? 2.281   -7.310  5.803   1.00 59.79  ? 131 PHE A CZ  1 
ATOM   1016 N N   . GLU A 1 132 ? 0.572   -6.876  13.081  1.00 69.99  ? 132 GLU A N   1 
ATOM   1017 C CA  . GLU A 1 132 ? -0.186  -7.121  14.322  1.00 70.81  ? 132 GLU A CA  1 
ATOM   1018 C C   . GLU A 1 132 ? -0.968  -5.843  14.623  1.00 68.40  ? 132 GLU A C   1 
ATOM   1019 O O   . GLU A 1 132 ? -2.206  -5.815  14.509  1.00 69.06  ? 132 GLU A O   1 
ATOM   1020 C CB  . GLU A 1 132 ? 0.729   -7.445  15.522  1.00 76.59  ? 132 GLU A CB  1 
ATOM   1021 C CG  . GLU A 1 132 ? 1.668   -8.671  15.384  1.00 84.03  ? 132 GLU A CG  1 
ATOM   1022 C CD  . GLU A 1 132 ? 0.987   -10.047 15.564  1.00 88.95  ? 132 GLU A CD  1 
ATOM   1023 O OE1 . GLU A 1 132 ? -0.234  -10.187 15.284  1.00 91.01  ? 132 GLU A OE1 1 
ATOM   1024 O OE2 . GLU A 1 132 ? 1.703   -11.008 15.961  1.00 90.84  ? 132 GLU A OE2 1 
ATOM   1025 N N   . THR A 1 133 ? -0.237  -4.774  14.937  1.00 62.35  ? 133 THR A N   1 
ATOM   1026 C CA  . THR A 1 133 ? -0.852  -3.474  15.216  1.00 61.06  ? 133 THR A CA  1 
ATOM   1027 C C   . THR A 1 133 ? -2.032  -3.134  14.274  1.00 62.05  ? 133 THR A C   1 
ATOM   1028 O O   . THR A 1 133 ? -2.941  -2.411  14.640  1.00 60.26  ? 133 THR A O   1 
ATOM   1029 C CB  . THR A 1 133 ? 0.169   -2.352  15.019  1.00 59.53  ? 133 THR A CB  1 
ATOM   1030 O OG1 . THR A 1 133 ? 1.350   -2.613  15.788  1.00 58.78  ? 133 THR A OG1 1 
ATOM   1031 C CG2 . THR A 1 133 ? -0.425  -1.014  15.388  1.00 55.81  ? 133 THR A CG2 1 
ATOM   1032 N N   . LEU A 1 134 ? -1.959  -3.608  13.036  1.00 65.69  ? 134 LEU A N   1 
ATOM   1033 C CA  . LEU A 1 134 ? -2.976  -3.326  12.038  1.00 69.61  ? 134 LEU A CA  1 
ATOM   1034 C C   . LEU A 1 134 ? -4.245  -4.085  12.271  1.00 73.69  ? 134 LEU A C   1 
ATOM   1035 O O   . LEU A 1 134 ? -5.325  -3.653  11.849  1.00 73.40  ? 134 LEU A O   1 
ATOM   1036 C CB  . LEU A 1 134 ? -2.442  -3.608  10.646  1.00 67.65  ? 134 LEU A CB  1 
ATOM   1037 C CG  . LEU A 1 134 ? -1.463  -2.547  10.196  1.00 65.38  ? 134 LEU A CG  1 
ATOM   1038 C CD1 . LEU A 1 134 ? -0.844  -2.973  8.892   1.00 63.80  ? 134 LEU A CD1 1 
ATOM   1039 C CD2 . LEU A 1 134 ? -2.203  -1.226  10.083  1.00 63.84  ? 134 LEU A CD2 1 
ATOM   1040 N N   . SER A 1 135 ? -4.116  -5.258  12.876  1.00 77.24  ? 135 SER A N   1 
ATOM   1041 C CA  . SER A 1 135 ? -5.299  -6.041  13.155  1.00 81.38  ? 135 SER A CA  1 
ATOM   1042 C C   . SER A 1 135 ? -5.862  -5.507  14.471  1.00 84.04  ? 135 SER A C   1 
ATOM   1043 O O   . SER A 1 135 ? -7.057  -5.648  14.751  1.00 84.72  ? 135 SER A O   1 
ATOM   1044 C CB  . SER A 1 135 ? -4.976  -7.521  13.252  1.00 78.98  ? 135 SER A CB  1 
ATOM   1045 O OG  . SER A 1 135 ? -6.161  -8.251  13.039  1.00 82.58  ? 135 SER A OG  1 
ATOM   1046 N N   . ASP A 1 136 ? -4.998  -4.833  15.233  1.00 85.17  ? 136 ASP A N   1 
ATOM   1047 C CA  . ASP A 1 136 ? -5.388  -4.233  16.509  1.00 87.85  ? 136 ASP A CA  1 
ATOM   1048 C C   . ASP A 1 136 ? -6.219  -2.982  16.297  1.00 86.00  ? 136 ASP A C   1 
ATOM   1049 O O   . ASP A 1 136 ? -7.080  -2.639  17.112  1.00 88.31  ? 136 ASP A O   1 
ATOM   1050 C CB  . ASP A 1 136 ? -4.159  -3.871  17.337  1.00 92.69  ? 136 ASP A CB  1 
ATOM   1051 C CG  . ASP A 1 136 ? -3.796  -4.947  18.342  1.00 97.73  ? 136 ASP A CG  1 
ATOM   1052 O OD1 . ASP A 1 136 ? -4.130  -6.137  18.099  1.00 101.50 ? 136 ASP A OD1 1 
ATOM   1053 O OD2 . ASP A 1 136 ? -3.179  -4.601  19.379  1.00 100.48 ? 136 ASP A OD2 1 
ATOM   1054 N N   . LYS A 1 137 ? -5.883  -2.251  15.253  1.00 81.89  ? 137 LYS A N   1 
ATOM   1055 C CA  . LYS A 1 137 ? -6.612  -1.061  14.924  1.00 79.37  ? 137 LYS A CA  1 
ATOM   1056 C C   . LYS A 1 137 ? -7.845  -1.494  14.144  1.00 79.92  ? 137 LYS A C   1 
ATOM   1057 O O   . LYS A 1 137 ? -8.581  -0.660  13.625  1.00 79.97  ? 137 LYS A O   1 
ATOM   1058 C CB  . LYS A 1 137 ? -5.735  -0.165  14.082  1.00 78.73  ? 137 LYS A CB  1 
ATOM   1059 C CG  . LYS A 1 137 ? -4.651  0.469   14.869  1.00 77.47  ? 137 LYS A CG  1 
ATOM   1060 C CD  . LYS A 1 137 ? -5.281  1.478   15.790  1.00 81.28  ? 137 LYS A CD  1 
ATOM   1061 C CE  . LYS A 1 137 ? -4.500  2.768   15.756  1.00 82.01  ? 137 LYS A CE  1 
ATOM   1062 N NZ  . LYS A 1 137 ? -3.041  2.474   15.959  1.00 82.65  ? 137 LYS A NZ  1 
ATOM   1063 N N   . GLY A 1 138 ? -8.060  -2.805  14.043  1.00 78.78  ? 138 GLY A N   1 
ATOM   1064 C CA  . GLY A 1 138 ? -9.213  -3.320  13.323  1.00 78.65  ? 138 GLY A CA  1 
ATOM   1065 C C   . GLY A 1 138 ? -9.131  -3.334  11.797  1.00 78.89  ? 138 GLY A C   1 
ATOM   1066 O O   . GLY A 1 138 ? -10.121 -3.637  11.114  1.00 80.27  ? 138 GLY A O   1 
ATOM   1067 N N   . VAL A 1 139 ? -7.949  -3.076  11.245  1.00 76.06  ? 139 VAL A N   1 
ATOM   1068 C CA  . VAL A 1 139 ? -7.800  -3.037  9.799   1.00 71.72  ? 139 VAL A CA  1 
ATOM   1069 C C   . VAL A 1 139 ? -7.851  -4.420  9.206   1.00 68.93  ? 139 VAL A C   1 
ATOM   1070 O O   . VAL A 1 139 ? -7.104  -5.280  9.618   1.00 67.39  ? 139 VAL A O   1 
ATOM   1071 C CB  . VAL A 1 139 ? -6.467  -2.402  9.398   1.00 72.25  ? 139 VAL A CB  1 
ATOM   1072 C CG1 . VAL A 1 139 ? -6.356  -2.357  7.896   1.00 72.52  ? 139 VAL A CG1 1 
ATOM   1073 C CG2 . VAL A 1 139 ? -6.351  -1.014  9.984   1.00 70.80  ? 139 VAL A CG2 1 
ATOM   1074 N N   . LYS A 1 140 ? -8.754  -4.634  8.259   1.00 68.10  ? 140 LYS A N   1 
ATOM   1075 C CA  . LYS A 1 140 ? -8.864  -5.922  7.583   1.00 69.17  ? 140 LYS A CA  1 
ATOM   1076 C C   . LYS A 1 140 ? -7.598  -6.046  6.742   1.00 71.25  ? 140 LYS A C   1 
ATOM   1077 O O   . LYS A 1 140 ? -7.184  -5.062  6.135   1.00 76.17  ? 140 LYS A O   1 
ATOM   1078 C CB  . LYS A 1 140 ? -10.080 -5.948  6.654   1.00 66.05  ? 140 LYS A CB  1 
ATOM   1079 C CG  . LYS A 1 140 ? -10.175 -7.197  5.790   0.00 105.67 ? 140 LYS A CG  1 
ATOM   1080 C CD  . LYS A 1 140 ? -11.146 -7.012  4.637   0.00 105.67 ? 140 LYS A CD  1 
ATOM   1081 C CE  . LYS A 1 140 ? -11.103 -8.206  3.695   0.00 105.67 ? 140 LYS A CE  1 
ATOM   1082 N NZ  . LYS A 1 140 ? -11.949 -7.988  2.491   0.00 105.67 ? 140 LYS A NZ  1 
ATOM   1083 N N   . LEU A 1 141 ? -6.948  -7.213  6.767   1.00 72.00  ? 141 LEU A N   1 
ATOM   1084 C CA  . LEU A 1 141 ? -5.723  -7.468  5.981   1.00 69.72  ? 141 LEU A CA  1 
ATOM   1085 C C   . LEU A 1 141 ? -5.987  -8.636  5.018   1.00 68.46  ? 141 LEU A C   1 
ATOM   1086 O O   . LEU A 1 141 ? -6.220  -9.762  5.439   1.00 68.75  ? 141 LEU A O   1 
ATOM   1087 C CB  . LEU A 1 141 ? -4.511  -7.768  6.881   1.00 68.39  ? 141 LEU A CB  1 
ATOM   1088 C CG  . LEU A 1 141 ? -3.966  -6.680  7.810   1.00 69.36  ? 141 LEU A CG  1 
ATOM   1089 C CD1 . LEU A 1 141 ? -2.759  -7.210  8.573   1.00 67.23  ? 141 LEU A CD1 1 
ATOM   1090 C CD2 . LEU A 1 141 ? -3.588  -5.442  7.013   1.00 71.30  ? 141 LEU A CD2 1 
ATOM   1091 N N   . GLU A 1 142 ? -5.938  -8.353  3.720   1.00 66.46  ? 142 GLU A N   1 
ATOM   1092 C CA  . GLU A 1 142 ? -6.246  -9.333  2.681   1.00 64.67  ? 142 GLU A CA  1 
ATOM   1093 C C   . GLU A 1 142 ? -5.066  -9.654  1.775   1.00 61.50  ? 142 GLU A C   1 
ATOM   1094 O O   . GLU A 1 142 ? -4.128  -8.871  1.652   1.00 65.46  ? 142 GLU A O   1 
ATOM   1095 C CB  . GLU A 1 142 ? -7.443  -8.809  1.885   1.00 68.29  ? 142 GLU A CB  1 
ATOM   1096 C CG  . GLU A 1 142 ? -7.421  -9.028  0.384   1.00 75.39  ? 142 GLU A CG  1 
ATOM   1097 C CD  . GLU A 1 142 ? -8.535  -8.277  -0.285  1.00 77.39  ? 142 GLU A CD  1 
ATOM   1098 O OE1 . GLU A 1 142 ? -9.588  -8.107  0.387   1.00 82.76  ? 142 GLU A OE1 1 
ATOM   1099 O OE2 . GLU A 1 142 ? -8.356  -7.856  -1.452  1.00 75.54  ? 142 GLU A OE2 1 
ATOM   1100 N N   . LEU A 1 143 ? -5.102  -10.803 1.128   1.00 53.53  ? 143 LEU A N   1 
ATOM   1101 C CA  . LEU A 1 143 ? -3.990  -11.142 0.306   1.00 52.51  ? 143 LEU A CA  1 
ATOM   1102 C C   . LEU A 1 143 ? -4.450  -11.500 -1.053  1.00 53.69  ? 143 LEU A C   1 
ATOM   1103 O O   . LEU A 1 143 ? -5.282  -12.361 -1.190  1.00 54.09  ? 143 LEU A O   1 
ATOM   1104 C CB  . LEU A 1 143 ? -3.231  -12.344 0.897   1.00 50.32  ? 143 LEU A CB  1 
ATOM   1105 C CG  . LEU A 1 143 ? -2.093  -12.959 0.057   1.00 48.20  ? 143 LEU A CG  1 
ATOM   1106 C CD1 . LEU A 1 143 ? -0.869  -12.062 0.152   1.00 47.40  ? 143 LEU A CD1 1 
ATOM   1107 C CD2 . LEU A 1 143 ? -1.762  -14.341 0.541   1.00 44.64  ? 143 LEU A CD2 1 
ATOM   1108 N N   . ARG A 1 144 ? -3.922  -10.817 -2.055  1.00 55.07  ? 144 ARG A N   1 
ATOM   1109 C CA  . ARG A 1 144 ? -4.221  -11.167 -3.435  1.00 58.84  ? 144 ARG A CA  1 
ATOM   1110 C C   . ARG A 1 144 ? -3.576  -10.201 -4.382  1.00 61.40  ? 144 ARG A C   1 
ATOM   1111 O O   . ARG A 1 144 ? -3.283  -9.062  -4.006  1.00 65.54  ? 144 ARG A O   1 
ATOM   1112 C CB  . ARG A 1 144 ? -5.714  -11.318 -3.721  1.00 58.65  ? 144 ARG A CB  1 
ATOM   1113 C CG  . ARG A 1 144 ? -6.604  -10.151 -3.360  1.00 59.46  ? 144 ARG A CG  1 
ATOM   1114 C CD  . ARG A 1 144 ? -7.969  -10.385 -4.018  1.00 57.09  ? 144 ARG A CD  1 
ATOM   1115 N NE  . ARG A 1 144 ? -8.982  -9.474  -3.512  1.00 56.33  ? 144 ARG A NE  1 
ATOM   1116 C CZ  . ARG A 1 144 ? -10.178 -9.316  -4.056  1.00 51.41  ? 144 ARG A CZ  1 
ATOM   1117 N NH1 . ARG A 1 144 ? -10.523 -10.017 -5.114  1.00 51.56  ? 144 ARG A NH1 1 
ATOM   1118 N NH2 . ARG A 1 144 ? -10.999 -8.405  -3.588  1.00 52.45  ? 144 ARG A NH2 1 
ATOM   1119 N N   . GLN A 1 145 ? -3.281  -10.678 -5.586  1.00 61.64  ? 145 GLN A N   1 
ATOM   1120 C CA  . GLN A 1 145 ? -2.642  -9.834  -6.589  1.00 65.06  ? 145 GLN A CA  1 
ATOM   1121 C C   . GLN A 1 145 ? -3.644  -9.072  -7.432  1.00 64.39  ? 145 GLN A C   1 
ATOM   1122 O O   . GLN A 1 145 ? -3.536  -7.853  -7.603  1.00 65.55  ? 145 GLN A O   1 
ATOM   1123 C CB  . GLN A 1 145 ? -1.772  -10.669 -7.532  1.00 69.91  ? 145 GLN A CB  1 
ATOM   1124 C CG  . GLN A 1 145 ? -0.886  -11.643 -6.818  1.00 75.26  ? 145 GLN A CG  1 
ATOM   1125 C CD  . GLN A 1 145 ? 0.023   -10.957 -5.838  1.00 77.92  ? 145 GLN A CD  1 
ATOM   1126 O OE1 . GLN A 1 145 ? 0.754   -10.034 -6.218  1.00 79.86  ? 145 GLN A OE1 1 
ATOM   1127 N NE2 . GLN A 1 145 ? -0.009  -11.392 -4.563  1.00 79.01  ? 145 GLN A NE2 1 
ATOM   1128 N N   . LEU A 1 146 ? -4.606  -9.818  -7.969  1.00 62.86  ? 146 LEU A N   1 
ATOM   1129 C CA  . LEU A 1 146 ? -5.624  -9.277  -8.847  1.00 59.44  ? 146 LEU A CA  1 
ATOM   1130 C C   . LEU A 1 146 ? -7.061  -9.207  -8.290  1.00 57.78  ? 146 LEU A C   1 
ATOM   1131 O O   . LEU A 1 146 ? -7.379  -9.823  -7.272  1.00 61.09  ? 146 LEU A O   1 
ATOM   1132 C CB  . LEU A 1 146 ? -5.566  -10.104 -10.115 1.00 57.20  ? 146 LEU A CB  1 
ATOM   1133 C CG  . LEU A 1 146 ? -4.160  -10.267 -10.695 1.00 57.54  ? 146 LEU A CG  1 
ATOM   1134 C CD1 . LEU A 1 146 ? -4.291  -10.930 -12.029 1.00 55.94  ? 146 LEU A CD1 1 
ATOM   1135 C CD2 . LEU A 1 146 ? -3.479  -8.919  -10.884 1.00 58.98  ? 146 LEU A CD2 1 
ATOM   1136 N N   . PRO A 1 147 ? -7.921  -8.370  -8.885  1.00 55.92  ? 147 PRO A N   1 
ATOM   1137 C CA  . PRO A 1 147 ? -9.289  -8.298  -8.374  1.00 56.64  ? 147 PRO A CA  1 
ATOM   1138 C C   . PRO A 1 147 ? -10.031 -9.610  -8.584  1.00 58.01  ? 147 PRO A C   1 
ATOM   1139 O O   . PRO A 1 147 ? -11.067 -9.853  -7.981  1.00 58.79  ? 147 PRO A O   1 
ATOM   1140 C CB  . PRO A 1 147 ? -9.891  -7.178  -9.190  1.00 54.12  ? 147 PRO A CB  1 
ATOM   1141 C CG  . PRO A 1 147 ? -8.748  -6.269  -9.347  1.00 54.93  ? 147 PRO A CG  1 
ATOM   1142 C CD  . PRO A 1 147 ? -7.644  -7.207  -9.743  1.00 55.05  ? 147 PRO A CD  1 
ATOM   1143 N N   . SER A 1 148 ? -9.466  -10.468 -9.421  1.00 60.42  ? 148 SER A N   1 
ATOM   1144 C CA  . SER A 1 148 ? -10.043 -11.783 -9.726  1.00 62.98  ? 148 SER A CA  1 
ATOM   1145 C C   . SER A 1 148 ? -9.532  -12.977 -8.933  1.00 65.24  ? 148 SER A C   1 
ATOM   1146 O O   . SER A 1 148 ? -10.048 -14.068 -9.068  1.00 67.04  ? 148 SER A O   1 
ATOM   1147 C CB  . SER A 1 148 ? -9.909  -12.093 -11.217 1.00 57.93  ? 148 SER A CB  1 
ATOM   1148 O OG  . SER A 1 148 ? -8.751  -11.501 -11.770 1.00 56.16  ? 148 SER A OG  1 
ATOM   1149 N N   . ASP A 1 149 ? -8.468  -12.804 -8.172  1.00 70.38  ? 149 ASP A N   1 
ATOM   1150 C CA  . ASP A 1 149 ? -7.969  -13.901 -7.367  1.00 75.44  ? 149 ASP A CA  1 
ATOM   1151 C C   . ASP A 1 149 ? -8.924  -13.838 -6.184  1.00 78.11  ? 149 ASP A C   1 
ATOM   1152 O O   . ASP A 1 149 ? -9.496  -12.774 -5.926  1.00 79.77  ? 149 ASP A O   1 
ATOM   1153 C CB  . ASP A 1 149 ? -6.511  -13.642 -6.942  1.00 77.62  ? 149 ASP A CB  1 
ATOM   1154 C CG  . ASP A 1 149 ? -5.514  -13.711 -8.118  1.00 82.00  ? 149 ASP A CG  1 
ATOM   1155 O OD1 . ASP A 1 149 ? -5.625  -14.657 -8.932  1.00 87.00  ? 149 ASP A OD1 1 
ATOM   1156 O OD2 . ASP A 1 149 ? -4.618  -12.839 -8.246  1.00 82.44  ? 149 ASP A OD2 1 
ATOM   1157 N N   . ALA A 1 150 ? -9.204  -14.970 -5.541  1.00 79.89  ? 150 ALA A N   1 
ATOM   1158 C CA  . ALA A 1 150 ? -10.093 -14.964 -4.379  1.00 81.84  ? 150 ALA A CA  1 
ATOM   1159 C C   . ALA A 1 150 ? -9.336  -14.365 -3.192  1.00 82.26  ? 150 ALA A C   1 
ATOM   1160 O O   . ALA A 1 150 ? -8.145  -14.587 -3.033  1.00 81.10  ? 150 ALA A O   1 
ATOM   1161 C CB  . ALA A 1 150 ? -10.567 -16.368 -4.062  1.00 85.18  ? 150 ALA A CB  1 
ATOM   1162 N N   . SER A 1 151 ? -10.026 -13.579 -2.378  1.00 84.40  ? 151 SER A N   1 
ATOM   1163 C CA  . SER A 1 151 ? -9.389  -12.932 -1.237  1.00 86.48  ? 151 SER A CA  1 
ATOM   1164 C C   . SER A 1 151 ? -9.035  -13.907 -0.122  1.00 87.52  ? 151 SER A C   1 
ATOM   1165 O O   . SER A 1 151 ? -9.917  -14.552 0.439   1.00 91.14  ? 151 SER A O   1 
ATOM   1166 C CB  . SER A 1 151 ? -10.282 -11.797 -0.704  1.00 86.22  ? 151 SER A CB  1 
ATOM   1167 O OG  . SER A 1 151 ? -10.030 -11.510 0.668   1.00 88.99  ? 151 SER A OG  1 
ATOM   1168 N N   . GLU A 1 152 ? -7.743  -14.060 0.157   1.00 87.03  ? 152 GLU A N   1 
ATOM   1169 C CA  . GLU A 1 152 ? -7.306  -14.939 1.234   1.00 86.38  ? 152 GLU A CA  1 
ATOM   1170 C C   . GLU A 1 152 ? -7.094  -14.090 2.472   1.00 83.11  ? 152 GLU A C   1 
ATOM   1171 O O   . GLU A 1 152 ? -6.945  -12.876 2.378   1.00 80.16  ? 152 GLU A O   1 
ATOM   1172 C CB  . GLU A 1 152 ? -6.027  -15.678 0.864   1.00 91.33  ? 152 GLU A CB  1 
ATOM   1173 C CG  . GLU A 1 152 ? -6.228  -16.705 -0.227  1.00 102.60 ? 152 GLU A CG  1 
ATOM   1174 C CD  . GLU A 1 152 ? -4.982  -17.530 -0.528  1.00 109.64 ? 152 GLU A CD  1 
ATOM   1175 O OE1 . GLU A 1 152 ? -4.048  -17.581 0.308   1.00 115.32 ? 152 GLU A OE1 1 
ATOM   1176 O OE2 . GLU A 1 152 ? -4.942  -18.148 -1.614  1.00 113.62 ? 152 GLU A OE2 1 
ATOM   1177 N N   . ASP A 1 153 ? -7.176  -14.707 3.639   1.00 82.45  ? 153 ASP A N   1 
ATOM   1178 C CA  . ASP A 1 153 ? -6.968  -13.948 4.853   1.00 81.26  ? 153 ASP A CA  1 
ATOM   1179 C C   . ASP A 1 153 ? -5.497  -13.971 5.175   1.00 80.71  ? 153 ASP A C   1 
ATOM   1180 O O   . ASP A 1 153 ? -4.878  -15.038 5.276   1.00 80.97  ? 153 ASP A O   1 
ATOM   1181 C CB  . ASP A 1 153 ? -7.758  -14.499 6.037   1.00 80.62  ? 153 ASP A CB  1 
ATOM   1182 C CG  . ASP A 1 153 ? -7.738  -13.545 7.236   1.00 80.39  ? 153 ASP A CG  1 
ATOM   1183 O OD1 . ASP A 1 153 ? -6.662  -12.966 7.546   1.00 74.87  ? 153 ASP A OD1 1 
ATOM   1184 O OD2 . ASP A 1 153 ? -8.808  -13.367 7.860   1.00 82.01  ? 153 ASP A OD2 1 
ATOM   1185 N N   . PHE A 1 154 ? -4.941  -12.783 5.341   1.00 78.37  ? 154 PHE A N   1 
ATOM   1186 C CA  . PHE A 1 154 ? -3.531  -12.694 5.634   1.00 74.82  ? 154 PHE A CA  1 
ATOM   1187 C C   . PHE A 1 154 ? -3.216  -12.989 7.055   1.00 75.25  ? 154 PHE A C   1 
ATOM   1188 O O   . PHE A 1 154 ? -2.179  -13.591 7.332   1.00 76.04  ? 154 PHE A O   1 
ATOM   1189 C CB  . PHE A 1 154 ? -2.978  -11.337 5.315   1.00 68.26  ? 154 PHE A CB  1 
ATOM   1190 C CG  . PHE A 1 154 ? -1.504  -11.316 5.317   1.00 61.95  ? 154 PHE A CG  1 
ATOM   1191 C CD1 . PHE A 1 154 ? -0.801  -12.129 4.425   1.00 61.04  ? 154 PHE A CD1 1 
ATOM   1192 C CD2 . PHE A 1 154 ? -0.806  -10.516 6.215   1.00 61.54  ? 154 PHE A CD2 1 
ATOM   1193 C CE1 . PHE A 1 154 ? 0.578   -12.135 4.428   1.00 59.19  ? 154 PHE A CE1 1 
ATOM   1194 C CE2 . PHE A 1 154 ? 0.585   -10.508 6.236   1.00 57.78  ? 154 PHE A CE2 1 
ATOM   1195 C CZ  . PHE A 1 154 ? 1.278   -11.312 5.342   1.00 59.94  ? 154 PHE A CZ  1 
ATOM   1196 N N   . VAL A 1 155 ? -4.077  -12.517 7.955   1.00 75.68  ? 155 VAL A N   1 
ATOM   1197 C CA  . VAL A 1 155 ? -3.896  -12.735 9.387   1.00 78.30  ? 155 VAL A CA  1 
ATOM   1198 C C   . VAL A 1 155 ? -3.769  -14.224 9.702   1.00 76.23  ? 155 VAL A C   1 
ATOM   1199 O O   . VAL A 1 155 ? -2.754  -14.646 10.255  1.00 75.96  ? 155 VAL A O   1 
ATOM   1200 C CB  . VAL A 1 155 ? -5.021  -12.087 10.214  1.00 81.67  ? 155 VAL A CB  1 
ATOM   1201 C CG1 . VAL A 1 155 ? -4.998  -12.609 11.633  1.00 85.37  ? 155 VAL A CG1 1 
ATOM   1202 C CG2 . VAL A 1 155 ? -4.834  -10.564 10.234  1.00 83.90  ? 155 VAL A CG2 1 
ATOM   1203 N N   . GLN A 1 156 ? -4.753  -15.025 9.303   1.00 74.73  ? 156 GLN A N   1 
ATOM   1204 C CA  . GLN A 1 156 ? -4.670  -16.462 9.534   1.00 73.90  ? 156 GLN A CA  1 
ATOM   1205 C C   . GLN A 1 156 ? -3.345  -16.980 8.942   1.00 73.02  ? 156 GLN A C   1 
ATOM   1206 O O   . GLN A 1 156 ? -2.602  -17.669 9.632   1.00 75.36  ? 156 GLN A O   1 
ATOM   1207 C CB  . GLN A 1 156 ? -5.884  -17.227 8.948   1.00 70.31  ? 156 GLN A CB  1 
ATOM   1208 C CG  . GLN A 1 156 ? -5.854  -18.733 9.201   0.00 105.67 ? 156 GLN A CG  1 
ATOM   1209 C CD  . GLN A 1 156 ? -7.008  -19.476 8.545   0.00 105.67 ? 156 GLN A CD  1 
ATOM   1210 O OE1 . GLN A 1 156 ? -7.824  -18.885 7.840   0.00 105.67 ? 156 GLN A OE1 1 
ATOM   1211 N NE2 . GLN A 1 156 ? -7.078  -20.786 8.771   0.00 105.67 ? 156 GLN A NE2 1 
ATOM   1212 N N   . ILE A 1 157 ? -2.987  -16.553 7.726   1.00 72.65  ? 157 ILE A N   1 
ATOM   1213 C CA  . ILE A 1 157 ? -1.742  -17.030 7.090   1.00 71.17  ? 157 ILE A CA  1 
ATOM   1214 C C   . ILE A 1 157 ? -0.467  -16.698 7.880   1.00 74.37  ? 157 ILE A C   1 
ATOM   1215 O O   . ILE A 1 157 ? 0.409   -17.549 8.064   1.00 73.14  ? 157 ILE A O   1 
ATOM   1216 C CB  . ILE A 1 157 ? -1.622  -16.530 5.629   1.00 66.94  ? 157 ILE A CB  1 
ATOM   1217 C CG1 . ILE A 1 157 ? -2.555  -17.315 4.726   1.00 62.50  ? 157 ILE A CG1 1 
ATOM   1218 C CG2 . ILE A 1 157 ? -0.190  -16.644 5.112   1.00 64.81  ? 157 ILE A CG2 1 
ATOM   1219 C CD1 . ILE A 1 157 ? -2.658  -16.715 3.364   1.00 61.68  ? 157 ILE A CD1 1 
ATOM   1220 N N   . LEU A 1 158 ? -0.377  -15.458 8.347   1.00 76.69  ? 158 LEU A N   1 
ATOM   1221 C CA  . LEU A 1 158 ? 0.778   -15.000 9.107   1.00 79.44  ? 158 LEU A CA  1 
ATOM   1222 C C   . LEU A 1 158 ? 0.906   -15.733 10.431  1.00 84.32  ? 158 LEU A C   1 
ATOM   1223 O O   . LEU A 1 158 ? 2.010   -16.147 10.789  1.00 87.07  ? 158 LEU A O   1 
ATOM   1224 C CB  . LEU A 1 158 ? 0.669   -13.499 9.353   1.00 75.96  ? 158 LEU A CB  1 
ATOM   1225 C CG  . LEU A 1 158 ? 1.646   -12.808 10.305  1.00 72.14  ? 158 LEU A CG  1 
ATOM   1226 C CD1 . LEU A 1 158 ? 3.062   -12.850 9.783   1.00 69.60  ? 158 LEU A CD1 1 
ATOM   1227 C CD2 . LEU A 1 158 ? 1.197   -11.377 10.486  1.00 68.63  ? 158 LEU A CD2 1 
ATOM   1228 N N   . ARG A 1 159 ? -0.206  -15.896 11.153  1.00 88.24  ? 159 ARG A N   1 
ATOM   1229 C CA  . ARG A 1 159 ? -0.219  -16.594 12.460  1.00 92.13  ? 159 ARG A CA  1 
ATOM   1230 C C   . ARG A 1 159 ? 0.271   -18.051 12.398  1.00 92.69  ? 159 ARG A C   1 
ATOM   1231 O O   . ARG A 1 159 ? 1.033   -18.487 13.268  1.00 91.87  ? 159 ARG A O   1 
ATOM   1232 C CB  . ARG A 1 159 ? -1.625  -16.595 13.079  1.00 93.88  ? 159 ARG A CB  1 
ATOM   1233 C CG  . ARG A 1 159 ? -2.300  -15.253 13.179  1.00 93.45  ? 159 ARG A CG  1 
ATOM   1234 C CD  . ARG A 1 159 ? -1.670  -14.363 14.203  1.00 94.65  ? 159 ARG A CD  1 
ATOM   1235 N NE  . ARG A 1 159 ? -2.707  -13.510 14.770  1.00 99.08  ? 159 ARG A NE  1 
ATOM   1236 C CZ  . ARG A 1 159 ? -2.520  -12.621 15.739  1.00 99.75  ? 159 ARG A CZ  1 
ATOM   1237 N NH1 . ARG A 1 159 ? -1.310  -12.462 16.259  1.00 101.07 ? 159 ARG A NH1 1 
ATOM   1238 N NH2 . ARG A 1 159 ? -3.548  -11.917 16.203  1.00 98.80  ? 159 ARG A NH2 1 
ATOM   1239 N N   . ASN A 1 160 ? -0.206  -18.792 11.391  1.00 94.45  ? 160 ASN A N   1 
ATOM   1240 C CA  . ASN A 1 160 ? 0.171   -20.187 11.161  1.00 95.93  ? 160 ASN A CA  1 
ATOM   1241 C C   . ASN A 1 160 ? 1.677   -20.300 10.956  1.00 98.33  ? 160 ASN A C   1 
ATOM   1242 O O   . ASN A 1 160 ? 2.215   -21.401 10.959  1.00 101.37 ? 160 ASN A O   1 
ATOM   1243 C CB  . ASN A 1 160 ? -0.536  -20.753 9.917   1.00 93.82  ? 160 ASN A CB  1 
ATOM   1244 C CG  . ASN A 1 160 ? -2.004  -21.039 10.144  0.00 140.38 ? 160 ASN A CG  1 
ATOM   1245 O OD1 . ASN A 1 160 ? -2.621  -20.514 11.072  0.00 140.38 ? 160 ASN A OD1 1 
ATOM   1246 N ND2 . ASN A 1 160 ? -2.582  -21.880 9.292   0.00 140.38 ? 160 ASN A ND2 1 
ATOM   1247 N N   . VAL A 1 161 ? 2.356   -19.171 10.754  1.00 100.03 ? 161 VAL A N   1 
ATOM   1248 C CA  . VAL A 1 161 ? 3.802   -19.165 10.552  1.00 101.86 ? 161 VAL A CA  1 
ATOM   1249 C C   . VAL A 1 161 ? 4.611   -18.949 11.842  1.00 103.61 ? 161 VAL A C   1 
ATOM   1250 O O   . VAL A 1 161 ? 5.537   -19.712 12.117  1.00 105.22 ? 161 VAL A O   1 
ATOM   1251 C CB  . VAL A 1 161 ? 4.214   -18.131 9.484   1.00 102.36 ? 161 VAL A CB  1 
ATOM   1252 C CG1 . VAL A 1 161 ? 5.713   -18.182 9.242   0.00 105.67 ? 161 VAL A CG1 1 
ATOM   1253 C CG2 . VAL A 1 161 ? 3.459   -18.383 8.187   0.00 105.67 ? 161 VAL A CG2 1 
ATOM   1254 N N   . THR A 1 162 ? 4.284   -17.929 12.632  1.00 104.80 ? 162 THR A N   1 
ATOM   1255 C CA  . THR A 1 162 ? 5.023   -17.687 13.876  1.00 106.80 ? 162 THR A CA  1 
ATOM   1256 C C   . THR A 1 162 ? 4.998   -18.921 14.789  1.00 106.37 ? 162 THR A C   1 
ATOM   1257 O O   . THR A 1 162 ? 6.094   -19.394 15.154  0.00 105.67 ? 162 THR A O   1 
ATOM   1258 C CB  . THR A 1 162 ? 4.474   -16.445 14.659  1.00 109.32 ? 162 THR A CB  1 
ATOM   1259 O OG1 . THR A 1 162 ? 3.260   -16.784 15.363  1.00 109.15 ? 162 THR A OG1 1 
ATOM   1260 C CG2 . THR A 1 162 ? 4.215   -15.271 13.694  1.00 107.94 ? 162 THR A CG2 1 
HETATM 1261 O O   . HOH B 2 .   ? 10.685  -13.727 12.962  1.00 67.72  ? 164 HOH A O   1 
HETATM 1262 O O   . HOH B 2 .   ? 10.193  -12.010 15.201  1.00 77.39  ? 165 HOH A O   1 
HETATM 1263 O O   . HOH B 2 .   ? 12.674  -14.729 15.289  1.00 83.08  ? 166 HOH A O   1 
HETATM 1264 O O   . HOH B 2 .   ? 5.108   2.766   2.299   1.00 54.94  ? 167 HOH A O   1 
HETATM 1265 O O   . HOH B 2 .   ? 9.420   4.214   3.657   1.00 57.98  ? 168 HOH A O   1 
HETATM 1266 O O   . HOH B 2 .   ? 7.630   -2.865  8.360   1.00 68.53  ? 169 HOH A O   1 
HETATM 1267 O O   . HOH B 2 .   ? -16.375 8.290   -6.412  1.00 100.83 ? 170 HOH A O   1 
# 
